data_1DCF
# 
_entry.id   1DCF 
# 
_audit_conform.dict_name       mmcif_pdbx.dic 
_audit_conform.dict_version    5.385 
_audit_conform.dict_location   http://mmcif.pdb.org/dictionaries/ascii/mmcif_pdbx.dic 
# 
loop_
_database_2.database_id 
_database_2.database_code 
_database_2.pdbx_database_accession 
_database_2.pdbx_DOI 
PDB   1DCF         pdb_00001dcf 10.2210/pdb1dcf/pdb 
RCSB  RCSB009969   ?            ?                   
WWPDB D_1000009969 ?            ?                   
# 
loop_
_pdbx_audit_revision_history.ordinal 
_pdbx_audit_revision_history.data_content_type 
_pdbx_audit_revision_history.major_revision 
_pdbx_audit_revision_history.minor_revision 
_pdbx_audit_revision_history.revision_date 
1 'Structure model' 1 0 2000-01-04 
2 'Structure model' 1 1 2008-04-27 
3 'Structure model' 1 2 2011-07-13 
4 'Structure model' 1 3 2016-12-14 
5 'Structure model' 1 4 2017-10-04 
6 'Structure model' 1 5 2018-01-31 
7 'Structure model' 1 6 2024-02-07 
# 
_pdbx_audit_revision_details.ordinal             1 
_pdbx_audit_revision_details.revision_ordinal    1 
_pdbx_audit_revision_details.data_content_type   'Structure model' 
_pdbx_audit_revision_details.provider            repository 
_pdbx_audit_revision_details.type                'Initial release' 
_pdbx_audit_revision_details.description         ? 
_pdbx_audit_revision_details.details             ? 
# 
loop_
_pdbx_audit_revision_group.ordinal 
_pdbx_audit_revision_group.revision_ordinal 
_pdbx_audit_revision_group.data_content_type 
_pdbx_audit_revision_group.group 
1 2 'Structure model' 'Version format compliance' 
2 3 'Structure model' 'Version format compliance' 
3 4 'Structure model' Other                       
4 5 'Structure model' 'Refinement description'    
5 6 'Structure model' 'Experimental preparation'  
6 7 'Structure model' 'Data collection'           
7 7 'Structure model' 'Database references'       
# 
loop_
_pdbx_audit_revision_category.ordinal 
_pdbx_audit_revision_category.revision_ordinal 
_pdbx_audit_revision_category.data_content_type 
_pdbx_audit_revision_category.category 
1 5 'Structure model' software           
2 6 'Structure model' exptl_crystal_grow 
3 7 'Structure model' chem_comp_atom     
4 7 'Structure model' chem_comp_bond     
5 7 'Structure model' database_2         
6 7 'Structure model' struct_ref_seq_dif 
# 
loop_
_pdbx_audit_revision_item.ordinal 
_pdbx_audit_revision_item.revision_ordinal 
_pdbx_audit_revision_item.data_content_type 
_pdbx_audit_revision_item.item 
1 6 'Structure model' '_exptl_crystal_grow.temp'            
2 7 'Structure model' '_database_2.pdbx_DOI'                
3 7 'Structure model' '_database_2.pdbx_database_accession' 
4 7 'Structure model' '_struct_ref_seq_dif.details'         
# 
_pdbx_database_status.status_code                     REL 
_pdbx_database_status.entry_id                        1DCF 
_pdbx_database_status.recvd_initial_deposition_date   1999-11-04 
_pdbx_database_status.deposit_site                    RCSB 
_pdbx_database_status.process_site                    RCSB 
_pdbx_database_status.status_code_sf                  REL 
_pdbx_database_status.SG_entry                        . 
_pdbx_database_status.status_code_mr                  ? 
_pdbx_database_status.status_code_cs                  ? 
_pdbx_database_status.methods_development_category    ? 
_pdbx_database_status.pdb_format_compatible           Y 
_pdbx_database_status.status_code_nmr_data            ? 
# 
loop_
_audit_author.name 
_audit_author.pdbx_ordinal 
'Muller-Dieckmann, H.J.' 1 
'Grantz, A.'             2 
'Kim, S.H.'              3 
# 
_citation.id                        primary 
_citation.title                     
'The structure of the signal receiver domain of the Arabidopsis thaliana ethylene receptor ETR1.' 
_citation.journal_abbrev            'Structure Fold.Des.' 
_citation.journal_volume            7 
_citation.page_first                1547 
_citation.page_last                 1556 
_citation.year                      1999 
_citation.journal_id_ASTM           FODEFH 
_citation.country                   UK 
_citation.journal_id_ISSN           0969-2126 
_citation.journal_id_CSD            1263 
_citation.book_publisher            ? 
_citation.pdbx_database_id_PubMed   10647185 
_citation.pdbx_database_id_DOI      '10.1016/S0969-2126(00)88345-8' 
# 
loop_
_citation_author.citation_id 
_citation_author.name 
_citation_author.ordinal 
_citation_author.identifier_ORCID 
primary 'Muller-Dieckmann, H.J.' 1 ? 
primary 'Grantz, A.A.'           2 ? 
primary 'Kim, S.H.'              3 ? 
# 
loop_
_entity.id 
_entity.type 
_entity.src_method 
_entity.pdbx_description 
_entity.formula_weight 
_entity.pdbx_number_of_molecules 
_entity.pdbx_ec 
_entity.pdbx_mutation 
_entity.pdbx_fragment 
_entity.details 
1 polymer man 'ETR1 PROTEIN' 15304.866 1  2.7.3.- ? 'RECEIVER DOMAIN' ? 
2 water   nat water          18.015    41 ?       ? ?                 ? 
# 
_entity_poly.entity_id                      1 
_entity_poly.type                           'polypeptide(L)' 
_entity_poly.nstd_linkage                   no 
_entity_poly.nstd_monomer                   no 
_entity_poly.pdbx_seq_one_letter_code       
;HMSNFTGLKVLVMDENGVSRMVTKGLLVHLGCEVTTVSSNEECLRVVSHEHKVVFMDVCMPGVENYQIALRIHEKFTKQR
HQRPLLVALSGNTDKSTKEKCMSFGLDGVLLKPVSLDNIRDVLSDLLEPRVLYEGM
;
_entity_poly.pdbx_seq_one_letter_code_can   
;HMSNFTGLKVLVMDENGVSRMVTKGLLVHLGCEVTTVSSNEECLRVVSHEHKVVFMDVCMPGVENYQIALRIHEKFTKQR
HQRPLLVALSGNTDKSTKEKCMSFGLDGVLLKPVSLDNIRDVLSDLLEPRVLYEGM
;
_entity_poly.pdbx_strand_id                 A 
_entity_poly.pdbx_target_identifier         ? 
# 
_pdbx_entity_nonpoly.entity_id   2 
_pdbx_entity_nonpoly.name        water 
_pdbx_entity_nonpoly.comp_id     HOH 
# 
loop_
_entity_poly_seq.entity_id 
_entity_poly_seq.num 
_entity_poly_seq.mon_id 
_entity_poly_seq.hetero 
1 1   HIS n 
1 2   MET n 
1 3   SER n 
1 4   ASN n 
1 5   PHE n 
1 6   THR n 
1 7   GLY n 
1 8   LEU n 
1 9   LYS n 
1 10  VAL n 
1 11  LEU n 
1 12  VAL n 
1 13  MET n 
1 14  ASP n 
1 15  GLU n 
1 16  ASN n 
1 17  GLY n 
1 18  VAL n 
1 19  SER n 
1 20  ARG n 
1 21  MET n 
1 22  VAL n 
1 23  THR n 
1 24  LYS n 
1 25  GLY n 
1 26  LEU n 
1 27  LEU n 
1 28  VAL n 
1 29  HIS n 
1 30  LEU n 
1 31  GLY n 
1 32  CYS n 
1 33  GLU n 
1 34  VAL n 
1 35  THR n 
1 36  THR n 
1 37  VAL n 
1 38  SER n 
1 39  SER n 
1 40  ASN n 
1 41  GLU n 
1 42  GLU n 
1 43  CYS n 
1 44  LEU n 
1 45  ARG n 
1 46  VAL n 
1 47  VAL n 
1 48  SER n 
1 49  HIS n 
1 50  GLU n 
1 51  HIS n 
1 52  LYS n 
1 53  VAL n 
1 54  VAL n 
1 55  PHE n 
1 56  MET n 
1 57  ASP n 
1 58  VAL n 
1 59  CYS n 
1 60  MET n 
1 61  PRO n 
1 62  GLY n 
1 63  VAL n 
1 64  GLU n 
1 65  ASN n 
1 66  TYR n 
1 67  GLN n 
1 68  ILE n 
1 69  ALA n 
1 70  LEU n 
1 71  ARG n 
1 72  ILE n 
1 73  HIS n 
1 74  GLU n 
1 75  LYS n 
1 76  PHE n 
1 77  THR n 
1 78  LYS n 
1 79  GLN n 
1 80  ARG n 
1 81  HIS n 
1 82  GLN n 
1 83  ARG n 
1 84  PRO n 
1 85  LEU n 
1 86  LEU n 
1 87  VAL n 
1 88  ALA n 
1 89  LEU n 
1 90  SER n 
1 91  GLY n 
1 92  ASN n 
1 93  THR n 
1 94  ASP n 
1 95  LYS n 
1 96  SER n 
1 97  THR n 
1 98  LYS n 
1 99  GLU n 
1 100 LYS n 
1 101 CYS n 
1 102 MET n 
1 103 SER n 
1 104 PHE n 
1 105 GLY n 
1 106 LEU n 
1 107 ASP n 
1 108 GLY n 
1 109 VAL n 
1 110 LEU n 
1 111 LEU n 
1 112 LYS n 
1 113 PRO n 
1 114 VAL n 
1 115 SER n 
1 116 LEU n 
1 117 ASP n 
1 118 ASN n 
1 119 ILE n 
1 120 ARG n 
1 121 ASP n 
1 122 VAL n 
1 123 LEU n 
1 124 SER n 
1 125 ASP n 
1 126 LEU n 
1 127 LEU n 
1 128 GLU n 
1 129 PRO n 
1 130 ARG n 
1 131 VAL n 
1 132 LEU n 
1 133 TYR n 
1 134 GLU n 
1 135 GLY n 
1 136 MET n 
# 
_entity_src_gen.entity_id                          1 
_entity_src_gen.pdbx_src_id                        1 
_entity_src_gen.pdbx_alt_source_flag               sample 
_entity_src_gen.pdbx_seq_type                      ? 
_entity_src_gen.pdbx_beg_seq_num                   ? 
_entity_src_gen.pdbx_end_seq_num                   ? 
_entity_src_gen.gene_src_common_name               'thale cress' 
_entity_src_gen.gene_src_genus                     Arabidopsis 
_entity_src_gen.pdbx_gene_src_gene                 ? 
_entity_src_gen.gene_src_species                   ? 
_entity_src_gen.gene_src_strain                    ? 
_entity_src_gen.gene_src_tissue                    ? 
_entity_src_gen.gene_src_tissue_fraction           ? 
_entity_src_gen.gene_src_details                   ? 
_entity_src_gen.pdbx_gene_src_fragment             ? 
_entity_src_gen.pdbx_gene_src_scientific_name      'Arabidopsis thaliana' 
_entity_src_gen.pdbx_gene_src_ncbi_taxonomy_id     3702 
_entity_src_gen.pdbx_gene_src_variant              ? 
_entity_src_gen.pdbx_gene_src_cell_line            ? 
_entity_src_gen.pdbx_gene_src_atcc                 ? 
_entity_src_gen.pdbx_gene_src_organ                ? 
_entity_src_gen.pdbx_gene_src_organelle            ? 
_entity_src_gen.pdbx_gene_src_cell                 ? 
_entity_src_gen.pdbx_gene_src_cellular_location    ? 
_entity_src_gen.host_org_common_name               ? 
_entity_src_gen.pdbx_host_org_scientific_name      'Escherichia coli' 
_entity_src_gen.pdbx_host_org_ncbi_taxonomy_id     562 
_entity_src_gen.host_org_genus                     Escherichia 
_entity_src_gen.pdbx_host_org_gene                 ? 
_entity_src_gen.pdbx_host_org_organ                ? 
_entity_src_gen.host_org_species                   ? 
_entity_src_gen.pdbx_host_org_tissue               ? 
_entity_src_gen.pdbx_host_org_tissue_fraction      ? 
_entity_src_gen.pdbx_host_org_strain               ? 
_entity_src_gen.pdbx_host_org_variant              ? 
_entity_src_gen.pdbx_host_org_cell_line            ? 
_entity_src_gen.pdbx_host_org_atcc                 ? 
_entity_src_gen.pdbx_host_org_culture_collection   ? 
_entity_src_gen.pdbx_host_org_cell                 ? 
_entity_src_gen.pdbx_host_org_organelle            ? 
_entity_src_gen.pdbx_host_org_cellular_location    ? 
_entity_src_gen.pdbx_host_org_vector_type          ? 
_entity_src_gen.pdbx_host_org_vector               ? 
_entity_src_gen.host_org_details                   ? 
_entity_src_gen.expression_system_id               ? 
_entity_src_gen.plasmid_name                       ? 
_entity_src_gen.plasmid_details                    ? 
_entity_src_gen.pdbx_description                   ? 
# 
loop_
_chem_comp.id 
_chem_comp.type 
_chem_comp.mon_nstd_flag 
_chem_comp.name 
_chem_comp.pdbx_synonyms 
_chem_comp.formula 
_chem_comp.formula_weight 
ALA 'L-peptide linking' y ALANINE         ? 'C3 H7 N O2'     89.093  
ARG 'L-peptide linking' y ARGININE        ? 'C6 H15 N4 O2 1' 175.209 
ASN 'L-peptide linking' y ASPARAGINE      ? 'C4 H8 N2 O3'    132.118 
ASP 'L-peptide linking' y 'ASPARTIC ACID' ? 'C4 H7 N O4'     133.103 
CYS 'L-peptide linking' y CYSTEINE        ? 'C3 H7 N O2 S'   121.158 
GLN 'L-peptide linking' y GLUTAMINE       ? 'C5 H10 N2 O3'   146.144 
GLU 'L-peptide linking' y 'GLUTAMIC ACID' ? 'C5 H9 N O4'     147.129 
GLY 'peptide linking'   y GLYCINE         ? 'C2 H5 N O2'     75.067  
HIS 'L-peptide linking' y HISTIDINE       ? 'C6 H10 N3 O2 1' 156.162 
HOH non-polymer         . WATER           ? 'H2 O'           18.015  
ILE 'L-peptide linking' y ISOLEUCINE      ? 'C6 H13 N O2'    131.173 
LEU 'L-peptide linking' y LEUCINE         ? 'C6 H13 N O2'    131.173 
LYS 'L-peptide linking' y LYSINE          ? 'C6 H15 N2 O2 1' 147.195 
MET 'L-peptide linking' y METHIONINE      ? 'C5 H11 N O2 S'  149.211 
PHE 'L-peptide linking' y PHENYLALANINE   ? 'C9 H11 N O2'    165.189 
PRO 'L-peptide linking' y PROLINE         ? 'C5 H9 N O2'     115.130 
SER 'L-peptide linking' y SERINE          ? 'C3 H7 N O3'     105.093 
THR 'L-peptide linking' y THREONINE       ? 'C4 H9 N O3'     119.119 
TYR 'L-peptide linking' y TYROSINE        ? 'C9 H11 N O3'    181.189 
VAL 'L-peptide linking' y VALINE          ? 'C5 H11 N O2'    117.146 
# 
loop_
_pdbx_poly_seq_scheme.asym_id 
_pdbx_poly_seq_scheme.entity_id 
_pdbx_poly_seq_scheme.seq_id 
_pdbx_poly_seq_scheme.mon_id 
_pdbx_poly_seq_scheme.ndb_seq_num 
_pdbx_poly_seq_scheme.pdb_seq_num 
_pdbx_poly_seq_scheme.auth_seq_num 
_pdbx_poly_seq_scheme.pdb_mon_id 
_pdbx_poly_seq_scheme.auth_mon_id 
_pdbx_poly_seq_scheme.pdb_strand_id 
_pdbx_poly_seq_scheme.pdb_ins_code 
_pdbx_poly_seq_scheme.hetero 
A 1 1   HIS 1   1   1   HIS HIS A . n 
A 1 2   MET 2   2   2   MET MET A . n 
A 1 3   SER 3   3   3   SER SER A . n 
A 1 4   ASN 4   4   4   ASN ASN A . n 
A 1 5   PHE 5   5   5   PHE PHE A . n 
A 1 6   THR 6   6   6   THR THR A . n 
A 1 7   GLY 7   7   7   GLY GLY A . n 
A 1 8   LEU 8   8   8   LEU LEU A . n 
A 1 9   LYS 9   9   9   LYS LYS A . n 
A 1 10  VAL 10  10  10  VAL VAL A . n 
A 1 11  LEU 11  11  11  LEU LEU A . n 
A 1 12  VAL 12  12  12  VAL VAL A . n 
A 1 13  MET 13  13  13  MET MET A . n 
A 1 14  ASP 14  14  14  ASP ASP A . n 
A 1 15  GLU 15  15  15  GLU ALA A . n 
A 1 16  ASN 16  16  16  ASN ASN A . n 
A 1 17  GLY 17  17  17  GLY GLY A . n 
A 1 18  VAL 18  18  18  VAL VAL A . n 
A 1 19  SER 19  19  19  SER SER A . n 
A 1 20  ARG 20  20  20  ARG ARG A . n 
A 1 21  MET 21  21  21  MET MET A . n 
A 1 22  VAL 22  22  22  VAL VAL A . n 
A 1 23  THR 23  23  23  THR THR A . n 
A 1 24  LYS 24  24  24  LYS LYS A . n 
A 1 25  GLY 25  25  25  GLY GLY A . n 
A 1 26  LEU 26  26  26  LEU LEU A . n 
A 1 27  LEU 27  27  27  LEU LEU A . n 
A 1 28  VAL 28  28  28  VAL VAL A . n 
A 1 29  HIS 29  29  29  HIS HIS A . n 
A 1 30  LEU 30  30  30  LEU LEU A . n 
A 1 31  GLY 31  31  31  GLY GLY A . n 
A 1 32  CYS 32  32  32  CYS CYS A . n 
A 1 33  GLU 33  33  33  GLU GLU A . n 
A 1 34  VAL 34  34  34  VAL VAL A . n 
A 1 35  THR 35  35  35  THR THR A . n 
A 1 36  THR 36  36  36  THR THR A . n 
A 1 37  VAL 37  37  37  VAL VAL A . n 
A 1 38  SER 38  38  38  SER SER A . n 
A 1 39  SER 39  39  39  SER SER A . n 
A 1 40  ASN 40  40  40  ASN ASN A . n 
A 1 41  GLU 41  41  41  GLU ALA A . n 
A 1 42  GLU 42  42  42  GLU GLU A . n 
A 1 43  CYS 43  43  43  CYS CYS A . n 
A 1 44  LEU 44  44  44  LEU LEU A . n 
A 1 45  ARG 45  45  45  ARG ARG A . n 
A 1 46  VAL 46  46  46  VAL VAL A . n 
A 1 47  VAL 47  47  47  VAL VAL A . n 
A 1 48  SER 48  48  48  SER SER A . n 
A 1 49  HIS 49  49  49  HIS HIS A . n 
A 1 50  GLU 50  50  50  GLU GLU A . n 
A 1 51  HIS 51  51  51  HIS HIS A . n 
A 1 52  LYS 52  52  52  LYS LYS A . n 
A 1 53  VAL 53  53  53  VAL VAL A . n 
A 1 54  VAL 54  54  54  VAL VAL A . n 
A 1 55  PHE 55  55  55  PHE PHE A . n 
A 1 56  MET 56  56  56  MET MET A . n 
A 1 57  ASP 57  57  57  ASP ASP A . n 
A 1 58  VAL 58  58  58  VAL VAL A . n 
A 1 59  CYS 59  59  59  CYS CYS A . n 
A 1 60  MET 60  60  60  MET MET A . n 
A 1 61  PRO 61  61  61  PRO PRO A . n 
A 1 62  GLY 62  62  62  GLY GLY A . n 
A 1 63  VAL 63  63  63  VAL VAL A . n 
A 1 64  GLU 64  64  64  GLU GLU A . n 
A 1 65  ASN 65  65  65  ASN ASN A . n 
A 1 66  TYR 66  66  66  TYR TYR A . n 
A 1 67  GLN 67  67  67  GLN GLN A . n 
A 1 68  ILE 68  68  68  ILE ILE A . n 
A 1 69  ALA 69  69  69  ALA ALA A . n 
A 1 70  LEU 70  70  70  LEU LEU A . n 
A 1 71  ARG 71  71  71  ARG ARG A . n 
A 1 72  ILE 72  72  72  ILE ILE A . n 
A 1 73  HIS 73  73  73  HIS HIS A . n 
A 1 74  GLU 74  74  74  GLU GLU A . n 
A 1 75  LYS 75  75  75  LYS LYS A . n 
A 1 76  PHE 76  76  76  PHE PHE A . n 
A 1 77  THR 77  77  77  THR THR A . n 
A 1 78  LYS 78  78  ?   ?   ?   A . n 
A 1 79  GLN 79  79  79  GLN GLN A . n 
A 1 80  ARG 80  80  80  ARG ARG A . n 
A 1 81  HIS 81  81  81  HIS HIS A . n 
A 1 82  GLN 82  82  82  GLN GLN A . n 
A 1 83  ARG 83  83  83  ARG ARG A . n 
A 1 84  PRO 84  84  84  PRO PRO A . n 
A 1 85  LEU 85  85  85  LEU LEU A . n 
A 1 86  LEU 86  86  86  LEU LEU A . n 
A 1 87  VAL 87  87  87  VAL VAL A . n 
A 1 88  ALA 88  88  88  ALA ALA A . n 
A 1 89  LEU 89  89  89  LEU LEU A . n 
A 1 90  SER 90  90  90  SER SER A . n 
A 1 91  GLY 91  91  91  GLY GLY A . n 
A 1 92  ASN 92  92  92  ASN ASN A . n 
A 1 93  THR 93  93  93  THR THR A . n 
A 1 94  ASP 94  94  94  ASP ASP A . n 
A 1 95  LYS 95  95  95  LYS LYS A . n 
A 1 96  SER 96  96  96  SER SER A . n 
A 1 97  THR 97  97  97  THR THR A . n 
A 1 98  LYS 98  98  98  LYS ALA A . n 
A 1 99  GLU 99  99  99  GLU GLU A . n 
A 1 100 LYS 100 100 100 LYS LYS A . n 
A 1 101 CYS 101 101 101 CYS CYS A . n 
A 1 102 MET 102 102 102 MET MET A . n 
A 1 103 SER 103 103 103 SER SER A . n 
A 1 104 PHE 104 104 104 PHE PHE A . n 
A 1 105 GLY 105 105 105 GLY GLY A . n 
A 1 106 LEU 106 106 106 LEU LEU A . n 
A 1 107 ASP 107 107 107 ASP ASP A . n 
A 1 108 GLY 108 108 108 GLY GLY A . n 
A 1 109 VAL 109 109 109 VAL VAL A . n 
A 1 110 LEU 110 110 110 LEU LEU A . n 
A 1 111 LEU 111 111 111 LEU ALA A . n 
A 1 112 LYS 112 112 112 LYS LYS A . n 
A 1 113 PRO 113 113 113 PRO PRO A . n 
A 1 114 VAL 114 114 114 VAL VAL A . n 
A 1 115 SER 115 115 115 SER SER A . n 
A 1 116 LEU 116 116 116 LEU LEU A . n 
A 1 117 ASP 117 117 117 ASP ASP A . n 
A 1 118 ASN 118 118 118 ASN ASN A . n 
A 1 119 ILE 119 119 119 ILE ILE A . n 
A 1 120 ARG 120 120 120 ARG ARG A . n 
A 1 121 ASP 121 121 121 ASP ASP A . n 
A 1 122 VAL 122 122 122 VAL VAL A . n 
A 1 123 LEU 123 123 123 LEU LEU A . n 
A 1 124 SER 124 124 124 SER SER A . n 
A 1 125 ASP 125 125 125 ASP ASP A . n 
A 1 126 LEU 126 126 126 LEU LEU A . n 
A 1 127 LEU 127 127 127 LEU LEU A . n 
A 1 128 GLU 128 128 128 GLU GLU A . n 
A 1 129 PRO 129 129 129 PRO PRO A . n 
A 1 130 ARG 130 130 130 ARG ARG A . n 
A 1 131 VAL 131 131 131 VAL VAL A . n 
A 1 132 LEU 132 132 132 LEU LEU A . n 
A 1 133 TYR 133 133 133 TYR GLY A . n 
A 1 134 GLU 134 134 134 GLU GLU A . n 
A 1 135 GLY 135 135 ?   ?   ?   A . n 
A 1 136 MET 136 136 ?   ?   ?   A . n 
# 
loop_
_pdbx_nonpoly_scheme.asym_id 
_pdbx_nonpoly_scheme.entity_id 
_pdbx_nonpoly_scheme.mon_id 
_pdbx_nonpoly_scheme.ndb_seq_num 
_pdbx_nonpoly_scheme.pdb_seq_num 
_pdbx_nonpoly_scheme.auth_seq_num 
_pdbx_nonpoly_scheme.pdb_mon_id 
_pdbx_nonpoly_scheme.auth_mon_id 
_pdbx_nonpoly_scheme.pdb_strand_id 
_pdbx_nonpoly_scheme.pdb_ins_code 
B 2 HOH 1  1001 1001 HOH WAT A . 
B 2 HOH 2  1002 1002 HOH WAT A . 
B 2 HOH 3  1003 1003 HOH WAT A . 
B 2 HOH 4  1004 1004 HOH WAT A . 
B 2 HOH 5  1005 1005 HOH WAT A . 
B 2 HOH 6  1006 1006 HOH WAT A . 
B 2 HOH 7  1007 1007 HOH WAT A . 
B 2 HOH 8  1008 1008 HOH WAT A . 
B 2 HOH 9  1009 1009 HOH WAT A . 
B 2 HOH 10 1010 1010 HOH WAT A . 
B 2 HOH 11 1011 1011 HOH WAT A . 
B 2 HOH 12 1012 1012 HOH WAT A . 
B 2 HOH 13 1013 1013 HOH WAT A . 
B 2 HOH 14 1014 1014 HOH WAT A . 
B 2 HOH 15 1015 1015 HOH WAT A . 
B 2 HOH 16 1016 1016 HOH WAT A . 
B 2 HOH 17 1017 1017 HOH WAT A . 
B 2 HOH 18 1018 1018 HOH WAT A . 
B 2 HOH 19 1019 1019 HOH WAT A . 
B 2 HOH 20 1020 1020 HOH WAT A . 
B 2 HOH 21 1021 1021 HOH WAT A . 
B 2 HOH 22 1022 1022 HOH WAT A . 
B 2 HOH 23 1023 1023 HOH WAT A . 
B 2 HOH 24 1024 1024 HOH WAT A . 
B 2 HOH 25 1025 1025 HOH WAT A . 
B 2 HOH 26 1026 1026 HOH WAT A . 
B 2 HOH 27 1027 1027 HOH WAT A . 
B 2 HOH 28 1028 1028 HOH WAT A . 
B 2 HOH 29 1029 1029 HOH WAT A . 
B 2 HOH 30 1030 1030 HOH WAT A . 
B 2 HOH 31 1031 1031 HOH WAT A . 
B 2 HOH 32 1032 1032 HOH WAT A . 
B 2 HOH 33 1033 1033 HOH WAT A . 
B 2 HOH 34 1034 1034 HOH WAT A . 
B 2 HOH 35 1035 1035 HOH WAT A . 
B 2 HOH 36 1036 1036 HOH WAT A . 
B 2 HOH 37 1037 1037 HOH WAT A . 
B 2 HOH 38 1038 1038 HOH WAT A . 
B 2 HOH 39 1039 1039 HOH WAT A . 
B 2 HOH 40 1040 1040 HOH WAT A . 
B 2 HOH 41 1041 1041 HOH WAT A . 
# 
loop_
_pdbx_unobs_or_zero_occ_atoms.id 
_pdbx_unobs_or_zero_occ_atoms.PDB_model_num 
_pdbx_unobs_or_zero_occ_atoms.polymer_flag 
_pdbx_unobs_or_zero_occ_atoms.occupancy_flag 
_pdbx_unobs_or_zero_occ_atoms.auth_asym_id 
_pdbx_unobs_or_zero_occ_atoms.auth_comp_id 
_pdbx_unobs_or_zero_occ_atoms.auth_seq_id 
_pdbx_unobs_or_zero_occ_atoms.PDB_ins_code 
_pdbx_unobs_or_zero_occ_atoms.auth_atom_id 
_pdbx_unobs_or_zero_occ_atoms.label_alt_id 
_pdbx_unobs_or_zero_occ_atoms.label_asym_id 
_pdbx_unobs_or_zero_occ_atoms.label_comp_id 
_pdbx_unobs_or_zero_occ_atoms.label_seq_id 
_pdbx_unobs_or_zero_occ_atoms.label_atom_id 
1  1 Y 1 A GLU 15  ? CG  ? A GLU 15  CG  
2  1 Y 1 A GLU 15  ? CD  ? A GLU 15  CD  
3  1 Y 1 A GLU 15  ? OE1 ? A GLU 15  OE1 
4  1 Y 1 A GLU 15  ? OE2 ? A GLU 15  OE2 
5  1 Y 1 A GLU 41  ? CG  ? A GLU 41  CG  
6  1 Y 1 A GLU 41  ? CD  ? A GLU 41  CD  
7  1 Y 1 A GLU 41  ? OE1 ? A GLU 41  OE1 
8  1 Y 1 A GLU 41  ? OE2 ? A GLU 41  OE2 
9  1 Y 1 A LYS 98  ? CG  ? A LYS 98  CG  
10 1 Y 1 A LYS 98  ? CD  ? A LYS 98  CD  
11 1 Y 1 A LYS 98  ? CE  ? A LYS 98  CE  
12 1 Y 1 A LYS 98  ? NZ  ? A LYS 98  NZ  
13 1 Y 1 A LEU 111 ? CG  ? A LEU 111 CG  
14 1 Y 1 A LEU 111 ? CD1 ? A LEU 111 CD1 
15 1 Y 1 A LEU 111 ? CD2 ? A LEU 111 CD2 
16 1 Y 1 A TYR 133 ? CB  ? A TYR 133 CB  
17 1 Y 1 A TYR 133 ? CG  ? A TYR 133 CG  
18 1 Y 1 A TYR 133 ? CD1 ? A TYR 133 CD1 
19 1 Y 1 A TYR 133 ? CD2 ? A TYR 133 CD2 
20 1 Y 1 A TYR 133 ? CE1 ? A TYR 133 CE1 
21 1 Y 1 A TYR 133 ? CE2 ? A TYR 133 CE2 
22 1 Y 1 A TYR 133 ? CZ  ? A TYR 133 CZ  
23 1 Y 1 A TYR 133 ? OH  ? A TYR 133 OH  
# 
loop_
_software.name 
_software.classification 
_software.version 
_software.citation_id 
_software.pdbx_ordinal 
SOLVE     phasing        . ? 1 
CNS       refinement     . ? 2 
SCALEPACK 'data scaling' . ? 3 
# 
_cell.entry_id           1DCF 
_cell.length_a           47.92 
_cell.length_b           47.92 
_cell.length_c           111.79 
_cell.angle_alpha        90 
_cell.angle_beta         90 
_cell.angle_gamma        90 
_cell.Z_PDB              8 
_cell.pdbx_unique_axis   ? 
_cell.length_a_esd       ? 
_cell.length_b_esd       ? 
_cell.length_c_esd       ? 
_cell.angle_alpha_esd    ? 
_cell.angle_beta_esd     ? 
_cell.angle_gamma_esd    ? 
# 
_symmetry.entry_id                         1DCF 
_symmetry.space_group_name_H-M             'P 43 21 2' 
_symmetry.pdbx_full_space_group_name_H-M   ? 
_symmetry.cell_setting                     ? 
_symmetry.Int_Tables_number                96 
_symmetry.space_group_name_Hall            ? 
# 
_exptl.entry_id          1DCF 
_exptl.method            'X-RAY DIFFRACTION' 
_exptl.crystals_number   1 
# 
_exptl_crystal.id                    1 
_exptl_crystal.density_meas          ? 
_exptl_crystal.density_Matthews      2.10 
_exptl_crystal.density_percent_sol   63.4983 
_exptl_crystal.description           ? 
_exptl_crystal.F_000                 ? 
_exptl_crystal.preparation           ? 
# 
_exptl_crystal_grow.crystal_id      1 
_exptl_crystal_grow.method          'VAPOR DIFFUSION, HANGING DROP' 
_exptl_crystal_grow.temp            277.0 
_exptl_crystal_grow.temp_details    ? 
_exptl_crystal_grow.pH              7.4 
_exptl_crystal_grow.pdbx_details    'Li2SO4, HEPES, pH 7.4, VAPOR DIFFUSION, HANGING DROP' 
_exptl_crystal_grow.pdbx_pH_range   . 
# 
_diffrn.id                     1 
_diffrn.ambient_temp           120 
_diffrn.ambient_temp_details   ? 
_diffrn.crystal_id             1 
# 
_diffrn_detector.diffrn_id              1 
_diffrn_detector.detector               'IMAGE PLATE' 
_diffrn_detector.type                   'RIGAKU RAXIS IIC' 
_diffrn_detector.pdbx_collection_date   1996-12-05 
_diffrn_detector.details                ? 
# 
_diffrn_radiation.diffrn_id                        1 
_diffrn_radiation.wavelength_id                    1 
_diffrn_radiation.pdbx_monochromatic_or_laue_m_l   M 
_diffrn_radiation.monochromator                    ? 
_diffrn_radiation.pdbx_diffrn_protocol             'SINGLE WAVELENGTH' 
_diffrn_radiation.pdbx_scattering_type             x-ray 
# 
_diffrn_radiation_wavelength.id           1 
_diffrn_radiation_wavelength.wavelength   1.5418 
_diffrn_radiation_wavelength.wt           1.0 
# 
_diffrn_source.diffrn_id                   1 
_diffrn_source.source                      'ROTATING ANODE' 
_diffrn_source.type                        'RIGAKU RU200' 
_diffrn_source.pdbx_synchrotron_site       ? 
_diffrn_source.pdbx_synchrotron_beamline   ? 
_diffrn_source.pdbx_wavelength             1.5418 
_diffrn_source.pdbx_wavelength_list        ? 
# 
_reflns.entry_id                     1DCF 
_reflns.observed_criterion_sigma_I   1.0 
_reflns.observed_criterion_sigma_F   1.0 
_reflns.d_resolution_low             100. 
_reflns.d_resolution_high            2.5 
_reflns.number_obs                   4410 
_reflns.number_all                   14608 
_reflns.percent_possible_obs         87.0 
_reflns.pdbx_Rmerge_I_obs            0.0490000 
_reflns.pdbx_Rsym_value              ? 
_reflns.pdbx_netI_over_sigmaI        13.2 
_reflns.B_iso_Wilson_estimate        69 
_reflns.pdbx_redundancy              3.1 
_reflns.R_free_details               ? 
_reflns.limit_h_max                  ? 
_reflns.limit_h_min                  ? 
_reflns.limit_k_max                  ? 
_reflns.limit_k_min                  ? 
_reflns.limit_l_max                  ? 
_reflns.limit_l_min                  ? 
_reflns.observed_criterion_F_max     ? 
_reflns.observed_criterion_F_min     ? 
_reflns.pdbx_chi_squared             ? 
_reflns.pdbx_scaling_rejects         ? 
_reflns.pdbx_ordinal                 1 
_reflns.pdbx_diffrn_id               1 
# 
_reflns_shell.d_res_high             2.5 
_reflns_shell.d_res_low              2.59 
_reflns_shell.percent_possible_all   93.5 
_reflns_shell.Rmerge_I_obs           0.4230000 
_reflns_shell.pdbx_Rsym_value        ? 
_reflns_shell.meanI_over_sigI_obs    ? 
_reflns_shell.pdbx_redundancy        3.0 
_reflns_shell.percent_possible_obs   ? 
_reflns_shell.number_unique_all      ? 
_reflns_shell.number_measured_all    ? 
_reflns_shell.number_measured_obs    ? 
_reflns_shell.number_unique_obs      ? 
_reflns_shell.pdbx_chi_squared       ? 
_reflns_shell.pdbx_ordinal           1 
_reflns_shell.pdbx_diffrn_id         1 
# 
_refine.entry_id                                 1DCF 
_refine.ls_number_reflns_obs                     4324 
_refine.ls_number_reflns_all                     4928 
_refine.pdbx_ls_sigma_I                          0.0 
_refine.pdbx_ls_sigma_F                          0.0 
_refine.pdbx_data_cutoff_high_absF               ? 
_refine.pdbx_data_cutoff_low_absF                ? 
_refine.ls_d_res_low                             500 
_refine.ls_d_res_high                            2.50 
_refine.ls_percent_reflns_obs                    87.7 
_refine.ls_R_factor_obs                          0.2270000 
_refine.ls_R_factor_all                          0.2270000 
_refine.ls_R_factor_R_work                       0.2220000 
_refine.ls_R_factor_R_free                       0.2709000 
_refine.ls_R_factor_R_free_error                 ? 
_refine.ls_R_factor_R_free_error_details         ? 
_refine.ls_percent_reflns_R_free                 ? 
_refine.ls_number_reflns_R_free                  455 
_refine.ls_number_parameters                     ? 
_refine.ls_number_restraints                     ? 
_refine.occupancy_min                            ? 
_refine.occupancy_max                            ? 
_refine.B_iso_mean                               ? 
_refine.aniso_B[1][1]                            -5.815 
_refine.aniso_B[2][2]                            -5.815 
_refine.aniso_B[3][3]                            11.630 
_refine.aniso_B[1][2]                            0.000 
_refine.aniso_B[1][3]                            0.000 
_refine.aniso_B[2][3]                            0.000 
_refine.solvent_model_details                    ? 
_refine.solvent_model_param_ksol                 ? 
_refine.solvent_model_param_bsol                 ? 
_refine.pdbx_ls_cross_valid_method               ? 
_refine.details                                  ? 
_refine.pdbx_starting_model                      ? 
_refine.pdbx_method_to_determine_struct          ? 
_refine.pdbx_isotropic_thermal_model             ? 
_refine.pdbx_stereochemistry_target_values       'engh & huber' 
_refine.pdbx_stereochem_target_val_spec_case     ? 
_refine.pdbx_R_Free_selection_details            random 
_refine.pdbx_overall_ESU_R_Free                  ? 
_refine.overall_SU_B                             ? 
_refine.ls_redundancy_reflns_obs                 ? 
_refine.overall_SU_ML                            ? 
_refine.pdbx_overall_ESU_R                       ? 
_refine.pdbx_data_cutoff_high_rms_absF           ? 
_refine.B_iso_min                                ? 
_refine.B_iso_max                                ? 
_refine.pdbx_refine_id                           'X-RAY DIFFRACTION' 
_refine.pdbx_overall_phase_error                 ? 
_refine.correlation_coeff_Fo_to_Fc               ? 
_refine.correlation_coeff_Fo_to_Fc_free          ? 
_refine.pdbx_solvent_vdw_probe_radii             ? 
_refine.pdbx_solvent_ion_probe_radii             ? 
_refine.pdbx_solvent_shrinkage_radii             ? 
_refine.overall_SU_R_Cruickshank_DPI             ? 
_refine.overall_SU_R_free                        ? 
_refine.ls_wR_factor_R_free                      ? 
_refine.ls_wR_factor_R_work                      ? 
_refine.overall_FOM_free_R_set                   ? 
_refine.overall_FOM_work_R_set                   ? 
_refine.pdbx_diffrn_id                           1 
_refine.pdbx_TLS_residual_ADP_flag               ? 
_refine.pdbx_overall_SU_R_free_Cruickshank_DPI   ? 
_refine.pdbx_overall_SU_R_Blow_DPI               ? 
_refine.pdbx_overall_SU_R_free_Blow_DPI          ? 
# 
_refine_hist.pdbx_refine_id                   'X-RAY DIFFRACTION' 
_refine_hist.cycle_id                         LAST 
_refine_hist.pdbx_number_atoms_protein        1020 
_refine_hist.pdbx_number_atoms_nucleic_acid   0 
_refine_hist.pdbx_number_atoms_ligand         0 
_refine_hist.number_atoms_solvent             41 
_refine_hist.number_atoms_total               1061 
_refine_hist.d_res_high                       2.50 
_refine_hist.d_res_low                        500 
# 
loop_
_refine_ls_restr.type 
_refine_ls_restr.dev_ideal 
_refine_ls_restr.dev_ideal_target 
_refine_ls_restr.weight 
_refine_ls_restr.number 
_refine_ls_restr.pdbx_refine_id 
_refine_ls_restr.pdbx_restraint_function 
c_bond_d    0.0065 ? ? ? 'X-RAY DIFFRACTION' ? 
c_angle_deg 1.433  ? ? ? 'X-RAY DIFFRACTION' ? 
# 
loop_
_pdbx_xplor_file.serial_no 
_pdbx_xplor_file.param_file 
_pdbx_xplor_file.topol_file 
_pdbx_xplor_file.pdbx_refine_id 
1 PROTEIN_REP.PARAM ? 'X-RAY DIFFRACTION' 
2 WATER_REP.PARAM   ? 'X-RAY DIFFRACTION' 
# 
_struct.entry_id                  1DCF 
_struct.title                     'CRYSTAL STRUCTURE OF THE RECEIVER DOMAIN OF THE ETHYLENE RECEPTOR OF ARABIDOPSIS THALIANA' 
_struct.pdbx_model_details        ? 
_struct.pdbx_CASP_flag            ? 
_struct.pdbx_model_type_details   ? 
# 
_struct_keywords.entry_id        1DCF 
_struct_keywords.pdbx_keywords   TRANSFERASE 
_struct_keywords.text            'BETA-ALPHA FIVE SANDWICH, TRANSFERASE' 
# 
loop_
_struct_asym.id 
_struct_asym.pdbx_blank_PDB_chainid_flag 
_struct_asym.pdbx_modified 
_struct_asym.entity_id 
_struct_asym.details 
A N N 1 ? 
B N N 2 ? 
# 
_struct_ref.id                         1 
_struct_ref.db_name                    UNP 
_struct_ref.db_code                    ETR1_ARATH 
_struct_ref.entity_id                  1 
_struct_ref.pdbx_db_accession          P49333 
_struct_ref.pdbx_align_begin           ? 
_struct_ref.pdbx_seq_one_letter_code   ? 
_struct_ref.pdbx_db_isoform            ? 
# 
_struct_ref_seq.align_id                      1 
_struct_ref_seq.ref_id                        1 
_struct_ref_seq.pdbx_PDB_id_code              1DCF 
_struct_ref_seq.pdbx_strand_id                A 
_struct_ref_seq.seq_align_beg                 1 
_struct_ref_seq.pdbx_seq_align_beg_ins_code   ? 
_struct_ref_seq.seq_align_end                 136 
_struct_ref_seq.pdbx_seq_align_end_ins_code   ? 
_struct_ref_seq.pdbx_db_accession             P49333 
_struct_ref_seq.db_align_beg                  603 
_struct_ref_seq.pdbx_db_align_beg_ins_code    ? 
_struct_ref_seq.db_align_end                  738 
_struct_ref_seq.pdbx_db_align_end_ins_code    ? 
_struct_ref_seq.pdbx_auth_seq_align_beg       1 
_struct_ref_seq.pdbx_auth_seq_align_end       136 
# 
loop_
_struct_ref_seq_dif.align_id 
_struct_ref_seq_dif.pdbx_pdb_id_code 
_struct_ref_seq_dif.mon_id 
_struct_ref_seq_dif.pdbx_pdb_strand_id 
_struct_ref_seq_dif.seq_num 
_struct_ref_seq_dif.pdbx_pdb_ins_code 
_struct_ref_seq_dif.pdbx_seq_db_name 
_struct_ref_seq_dif.pdbx_seq_db_accession_code 
_struct_ref_seq_dif.db_mon_id 
_struct_ref_seq_dif.pdbx_seq_db_seq_num 
_struct_ref_seq_dif.details 
_struct_ref_seq_dif.pdbx_auth_seq_num 
_struct_ref_seq_dif.pdbx_ordinal 
1 1DCF HIS A 1 ? UNP P49333 ARG 603 conflict 1 1 
1 1DCF MET A 2 ? UNP P49333 HIS 604 conflict 2 2 
# 
_pdbx_struct_assembly.id                   1 
_pdbx_struct_assembly.details              author_defined_assembly 
_pdbx_struct_assembly.method_details       ? 
_pdbx_struct_assembly.oligomeric_details   dimeric 
_pdbx_struct_assembly.oligomeric_count     2 
# 
_pdbx_struct_assembly_gen.assembly_id       1 
_pdbx_struct_assembly_gen.oper_expression   1,2 
_pdbx_struct_assembly_gen.asym_id_list      A,B 
# 
loop_
_pdbx_struct_oper_list.id 
_pdbx_struct_oper_list.type 
_pdbx_struct_oper_list.name 
_pdbx_struct_oper_list.symmetry_operation 
_pdbx_struct_oper_list.matrix[1][1] 
_pdbx_struct_oper_list.matrix[1][2] 
_pdbx_struct_oper_list.matrix[1][3] 
_pdbx_struct_oper_list.vector[1] 
_pdbx_struct_oper_list.matrix[2][1] 
_pdbx_struct_oper_list.matrix[2][2] 
_pdbx_struct_oper_list.matrix[2][3] 
_pdbx_struct_oper_list.vector[2] 
_pdbx_struct_oper_list.matrix[3][1] 
_pdbx_struct_oper_list.matrix[3][2] 
_pdbx_struct_oper_list.matrix[3][3] 
_pdbx_struct_oper_list.vector[3] 
1 'identity operation'         1_555 x,y,z        1.0000000000  0.0000000000 0.0000000000  0.0000000000  0.0000000000 1.0000000000 0.0000000000  0.0000000000 0.0000000000  0.0000000000  1.0000000000  0.0000000000  
2 'crystal symmetry operation' 8_555 -y,-x,-z+1/2 -0.9800293481 0.1751653573 -0.0941253124 24.2714097064 0.1751653573 0.5363996418 -0.8255861686 4.9448951647 -0.0941253124 -0.8255861686 -0.5563702937 14.3520395140 
# 
_struct_biol.id        1 
_struct_biol.details   ? 
# 
loop_
_struct_conf.conf_type_id 
_struct_conf.id 
_struct_conf.pdbx_PDB_helix_id 
_struct_conf.beg_label_comp_id 
_struct_conf.beg_label_asym_id 
_struct_conf.beg_label_seq_id 
_struct_conf.pdbx_beg_PDB_ins_code 
_struct_conf.end_label_comp_id 
_struct_conf.end_label_asym_id 
_struct_conf.end_label_seq_id 
_struct_conf.pdbx_end_PDB_ins_code 
_struct_conf.beg_auth_comp_id 
_struct_conf.beg_auth_asym_id 
_struct_conf.beg_auth_seq_id 
_struct_conf.end_auth_comp_id 
_struct_conf.end_auth_asym_id 
_struct_conf.end_auth_seq_id 
_struct_conf.pdbx_PDB_helix_class 
_struct_conf.details 
_struct_conf.pdbx_PDB_helix_length 
HELX_P HELX_P1 1 ASN A 16  ? LEU A 30  ? ASN A 16  LEU A 30  1 ? 15 
HELX_P HELX_P2 2 SER A 39  ? VAL A 47  ? SER A 39  VAL A 47  1 ? 9  
HELX_P HELX_P3 3 TYR A 66  ? THR A 77  ? TYR A 66  THR A 77  1 ? 12 
HELX_P HELX_P4 4 ASP A 94  ? PHE A 104 ? ASP A 94  PHE A 104 1 ? 11 
HELX_P HELX_P5 5 SER A 115 ? GLU A 128 ? SER A 115 GLU A 128 1 ? 14 
# 
_struct_conf_type.id          HELX_P 
_struct_conf_type.criteria    ? 
_struct_conf_type.reference   ? 
# 
_struct_mon_prot_cis.pdbx_id                1 
_struct_mon_prot_cis.label_comp_id          LYS 
_struct_mon_prot_cis.label_seq_id           112 
_struct_mon_prot_cis.label_asym_id          A 
_struct_mon_prot_cis.label_alt_id           . 
_struct_mon_prot_cis.pdbx_PDB_ins_code      ? 
_struct_mon_prot_cis.auth_comp_id           LYS 
_struct_mon_prot_cis.auth_seq_id            112 
_struct_mon_prot_cis.auth_asym_id           A 
_struct_mon_prot_cis.pdbx_label_comp_id_2   PRO 
_struct_mon_prot_cis.pdbx_label_seq_id_2    113 
_struct_mon_prot_cis.pdbx_label_asym_id_2   A 
_struct_mon_prot_cis.pdbx_PDB_ins_code_2    ? 
_struct_mon_prot_cis.pdbx_auth_comp_id_2    PRO 
_struct_mon_prot_cis.pdbx_auth_seq_id_2     113 
_struct_mon_prot_cis.pdbx_auth_asym_id_2    A 
_struct_mon_prot_cis.pdbx_PDB_model_num     1 
_struct_mon_prot_cis.pdbx_omega_angle       -0.31 
# 
_struct_sheet.id               A 
_struct_sheet.type             ? 
_struct_sheet.number_strands   5 
_struct_sheet.details          ? 
# 
loop_
_struct_sheet_order.sheet_id 
_struct_sheet_order.range_id_1 
_struct_sheet_order.range_id_2 
_struct_sheet_order.offset 
_struct_sheet_order.sense 
A 1 2 ? parallel 
A 2 3 ? parallel 
A 3 4 ? parallel 
A 4 5 ? parallel 
# 
loop_
_struct_sheet_range.sheet_id 
_struct_sheet_range.id 
_struct_sheet_range.beg_label_comp_id 
_struct_sheet_range.beg_label_asym_id 
_struct_sheet_range.beg_label_seq_id 
_struct_sheet_range.pdbx_beg_PDB_ins_code 
_struct_sheet_range.end_label_comp_id 
_struct_sheet_range.end_label_asym_id 
_struct_sheet_range.end_label_seq_id 
_struct_sheet_range.pdbx_end_PDB_ins_code 
_struct_sheet_range.beg_auth_comp_id 
_struct_sheet_range.beg_auth_asym_id 
_struct_sheet_range.beg_auth_seq_id 
_struct_sheet_range.end_auth_comp_id 
_struct_sheet_range.end_auth_asym_id 
_struct_sheet_range.end_auth_seq_id 
A 1 GLU A 33  ? VAL A 37  ? GLU A 33  VAL A 37  
A 2 LYS A 9   ? MET A 13  ? LYS A 9   MET A 13  
A 3 VAL A 53  ? ASP A 57  ? VAL A 53  ASP A 57  
A 4 LEU A 85  ? SER A 90  ? LEU A 85  SER A 90  
A 5 GLY A 108 ? LEU A 111 ? GLY A 108 LEU A 111 
# 
loop_
_pdbx_struct_sheet_hbond.sheet_id 
_pdbx_struct_sheet_hbond.range_id_1 
_pdbx_struct_sheet_hbond.range_id_2 
_pdbx_struct_sheet_hbond.range_1_label_atom_id 
_pdbx_struct_sheet_hbond.range_1_label_comp_id 
_pdbx_struct_sheet_hbond.range_1_label_asym_id 
_pdbx_struct_sheet_hbond.range_1_label_seq_id 
_pdbx_struct_sheet_hbond.range_1_PDB_ins_code 
_pdbx_struct_sheet_hbond.range_1_auth_atom_id 
_pdbx_struct_sheet_hbond.range_1_auth_comp_id 
_pdbx_struct_sheet_hbond.range_1_auth_asym_id 
_pdbx_struct_sheet_hbond.range_1_auth_seq_id 
_pdbx_struct_sheet_hbond.range_2_label_atom_id 
_pdbx_struct_sheet_hbond.range_2_label_comp_id 
_pdbx_struct_sheet_hbond.range_2_label_asym_id 
_pdbx_struct_sheet_hbond.range_2_label_seq_id 
_pdbx_struct_sheet_hbond.range_2_PDB_ins_code 
_pdbx_struct_sheet_hbond.range_2_auth_atom_id 
_pdbx_struct_sheet_hbond.range_2_auth_comp_id 
_pdbx_struct_sheet_hbond.range_2_auth_asym_id 
_pdbx_struct_sheet_hbond.range_2_auth_seq_id 
A 1 2 O GLU A 33 ? O GLU A 33 N VAL A 10  ? N VAL A 10  
A 2 3 N LEU A 11 ? N LEU A 11 O VAL A 53  ? O VAL A 53  
A 3 4 N VAL A 54 ? N VAL A 54 O LEU A 85  ? O LEU A 85  
A 4 5 N ALA A 88 ? N ALA A 88 O GLY A 108 ? O GLY A 108 
# 
_pdbx_validate_torsion.id              1 
_pdbx_validate_torsion.PDB_model_num   1 
_pdbx_validate_torsion.auth_comp_id    ASP 
_pdbx_validate_torsion.auth_asym_id    A 
_pdbx_validate_torsion.auth_seq_id     94 
_pdbx_validate_torsion.PDB_ins_code    ? 
_pdbx_validate_torsion.label_alt_id    ? 
_pdbx_validate_torsion.phi             -57.75 
_pdbx_validate_torsion.psi             177.15 
# 
loop_
_pdbx_unobs_or_zero_occ_residues.id 
_pdbx_unobs_or_zero_occ_residues.PDB_model_num 
_pdbx_unobs_or_zero_occ_residues.polymer_flag 
_pdbx_unobs_or_zero_occ_residues.occupancy_flag 
_pdbx_unobs_or_zero_occ_residues.auth_asym_id 
_pdbx_unobs_or_zero_occ_residues.auth_comp_id 
_pdbx_unobs_or_zero_occ_residues.auth_seq_id 
_pdbx_unobs_or_zero_occ_residues.PDB_ins_code 
_pdbx_unobs_or_zero_occ_residues.label_asym_id 
_pdbx_unobs_or_zero_occ_residues.label_comp_id 
_pdbx_unobs_or_zero_occ_residues.label_seq_id 
1 1 Y 1 A LYS 78  ? A LYS 78  
2 1 Y 1 A GLY 135 ? A GLY 135 
3 1 Y 1 A MET 136 ? A MET 136 
# 
loop_
_chem_comp_atom.comp_id 
_chem_comp_atom.atom_id 
_chem_comp_atom.type_symbol 
_chem_comp_atom.pdbx_aromatic_flag 
_chem_comp_atom.pdbx_stereo_config 
_chem_comp_atom.pdbx_ordinal 
ALA N    N N N 1   
ALA CA   C N S 2   
ALA C    C N N 3   
ALA O    O N N 4   
ALA CB   C N N 5   
ALA OXT  O N N 6   
ALA H    H N N 7   
ALA H2   H N N 8   
ALA HA   H N N 9   
ALA HB1  H N N 10  
ALA HB2  H N N 11  
ALA HB3  H N N 12  
ALA HXT  H N N 13  
ARG N    N N N 14  
ARG CA   C N S 15  
ARG C    C N N 16  
ARG O    O N N 17  
ARG CB   C N N 18  
ARG CG   C N N 19  
ARG CD   C N N 20  
ARG NE   N N N 21  
ARG CZ   C N N 22  
ARG NH1  N N N 23  
ARG NH2  N N N 24  
ARG OXT  O N N 25  
ARG H    H N N 26  
ARG H2   H N N 27  
ARG HA   H N N 28  
ARG HB2  H N N 29  
ARG HB3  H N N 30  
ARG HG2  H N N 31  
ARG HG3  H N N 32  
ARG HD2  H N N 33  
ARG HD3  H N N 34  
ARG HE   H N N 35  
ARG HH11 H N N 36  
ARG HH12 H N N 37  
ARG HH21 H N N 38  
ARG HH22 H N N 39  
ARG HXT  H N N 40  
ASN N    N N N 41  
ASN CA   C N S 42  
ASN C    C N N 43  
ASN O    O N N 44  
ASN CB   C N N 45  
ASN CG   C N N 46  
ASN OD1  O N N 47  
ASN ND2  N N N 48  
ASN OXT  O N N 49  
ASN H    H N N 50  
ASN H2   H N N 51  
ASN HA   H N N 52  
ASN HB2  H N N 53  
ASN HB3  H N N 54  
ASN HD21 H N N 55  
ASN HD22 H N N 56  
ASN HXT  H N N 57  
ASP N    N N N 58  
ASP CA   C N S 59  
ASP C    C N N 60  
ASP O    O N N 61  
ASP CB   C N N 62  
ASP CG   C N N 63  
ASP OD1  O N N 64  
ASP OD2  O N N 65  
ASP OXT  O N N 66  
ASP H    H N N 67  
ASP H2   H N N 68  
ASP HA   H N N 69  
ASP HB2  H N N 70  
ASP HB3  H N N 71  
ASP HD2  H N N 72  
ASP HXT  H N N 73  
CYS N    N N N 74  
CYS CA   C N R 75  
CYS C    C N N 76  
CYS O    O N N 77  
CYS CB   C N N 78  
CYS SG   S N N 79  
CYS OXT  O N N 80  
CYS H    H N N 81  
CYS H2   H N N 82  
CYS HA   H N N 83  
CYS HB2  H N N 84  
CYS HB3  H N N 85  
CYS HG   H N N 86  
CYS HXT  H N N 87  
GLN N    N N N 88  
GLN CA   C N S 89  
GLN C    C N N 90  
GLN O    O N N 91  
GLN CB   C N N 92  
GLN CG   C N N 93  
GLN CD   C N N 94  
GLN OE1  O N N 95  
GLN NE2  N N N 96  
GLN OXT  O N N 97  
GLN H    H N N 98  
GLN H2   H N N 99  
GLN HA   H N N 100 
GLN HB2  H N N 101 
GLN HB3  H N N 102 
GLN HG2  H N N 103 
GLN HG3  H N N 104 
GLN HE21 H N N 105 
GLN HE22 H N N 106 
GLN HXT  H N N 107 
GLU N    N N N 108 
GLU CA   C N S 109 
GLU C    C N N 110 
GLU O    O N N 111 
GLU CB   C N N 112 
GLU CG   C N N 113 
GLU CD   C N N 114 
GLU OE1  O N N 115 
GLU OE2  O N N 116 
GLU OXT  O N N 117 
GLU H    H N N 118 
GLU H2   H N N 119 
GLU HA   H N N 120 
GLU HB2  H N N 121 
GLU HB3  H N N 122 
GLU HG2  H N N 123 
GLU HG3  H N N 124 
GLU HE2  H N N 125 
GLU HXT  H N N 126 
GLY N    N N N 127 
GLY CA   C N N 128 
GLY C    C N N 129 
GLY O    O N N 130 
GLY OXT  O N N 131 
GLY H    H N N 132 
GLY H2   H N N 133 
GLY HA2  H N N 134 
GLY HA3  H N N 135 
GLY HXT  H N N 136 
HIS N    N N N 137 
HIS CA   C N S 138 
HIS C    C N N 139 
HIS O    O N N 140 
HIS CB   C N N 141 
HIS CG   C Y N 142 
HIS ND1  N Y N 143 
HIS CD2  C Y N 144 
HIS CE1  C Y N 145 
HIS NE2  N Y N 146 
HIS OXT  O N N 147 
HIS H    H N N 148 
HIS H2   H N N 149 
HIS HA   H N N 150 
HIS HB2  H N N 151 
HIS HB3  H N N 152 
HIS HD1  H N N 153 
HIS HD2  H N N 154 
HIS HE1  H N N 155 
HIS HE2  H N N 156 
HIS HXT  H N N 157 
HOH O    O N N 158 
HOH H1   H N N 159 
HOH H2   H N N 160 
ILE N    N N N 161 
ILE CA   C N S 162 
ILE C    C N N 163 
ILE O    O N N 164 
ILE CB   C N S 165 
ILE CG1  C N N 166 
ILE CG2  C N N 167 
ILE CD1  C N N 168 
ILE OXT  O N N 169 
ILE H    H N N 170 
ILE H2   H N N 171 
ILE HA   H N N 172 
ILE HB   H N N 173 
ILE HG12 H N N 174 
ILE HG13 H N N 175 
ILE HG21 H N N 176 
ILE HG22 H N N 177 
ILE HG23 H N N 178 
ILE HD11 H N N 179 
ILE HD12 H N N 180 
ILE HD13 H N N 181 
ILE HXT  H N N 182 
LEU N    N N N 183 
LEU CA   C N S 184 
LEU C    C N N 185 
LEU O    O N N 186 
LEU CB   C N N 187 
LEU CG   C N N 188 
LEU CD1  C N N 189 
LEU CD2  C N N 190 
LEU OXT  O N N 191 
LEU H    H N N 192 
LEU H2   H N N 193 
LEU HA   H N N 194 
LEU HB2  H N N 195 
LEU HB3  H N N 196 
LEU HG   H N N 197 
LEU HD11 H N N 198 
LEU HD12 H N N 199 
LEU HD13 H N N 200 
LEU HD21 H N N 201 
LEU HD22 H N N 202 
LEU HD23 H N N 203 
LEU HXT  H N N 204 
LYS N    N N N 205 
LYS CA   C N S 206 
LYS C    C N N 207 
LYS O    O N N 208 
LYS CB   C N N 209 
LYS CG   C N N 210 
LYS CD   C N N 211 
LYS CE   C N N 212 
LYS NZ   N N N 213 
LYS OXT  O N N 214 
LYS H    H N N 215 
LYS H2   H N N 216 
LYS HA   H N N 217 
LYS HB2  H N N 218 
LYS HB3  H N N 219 
LYS HG2  H N N 220 
LYS HG3  H N N 221 
LYS HD2  H N N 222 
LYS HD3  H N N 223 
LYS HE2  H N N 224 
LYS HE3  H N N 225 
LYS HZ1  H N N 226 
LYS HZ2  H N N 227 
LYS HZ3  H N N 228 
LYS HXT  H N N 229 
MET N    N N N 230 
MET CA   C N S 231 
MET C    C N N 232 
MET O    O N N 233 
MET CB   C N N 234 
MET CG   C N N 235 
MET SD   S N N 236 
MET CE   C N N 237 
MET OXT  O N N 238 
MET H    H N N 239 
MET H2   H N N 240 
MET HA   H N N 241 
MET HB2  H N N 242 
MET HB3  H N N 243 
MET HG2  H N N 244 
MET HG3  H N N 245 
MET HE1  H N N 246 
MET HE2  H N N 247 
MET HE3  H N N 248 
MET HXT  H N N 249 
PHE N    N N N 250 
PHE CA   C N S 251 
PHE C    C N N 252 
PHE O    O N N 253 
PHE CB   C N N 254 
PHE CG   C Y N 255 
PHE CD1  C Y N 256 
PHE CD2  C Y N 257 
PHE CE1  C Y N 258 
PHE CE2  C Y N 259 
PHE CZ   C Y N 260 
PHE OXT  O N N 261 
PHE H    H N N 262 
PHE H2   H N N 263 
PHE HA   H N N 264 
PHE HB2  H N N 265 
PHE HB3  H N N 266 
PHE HD1  H N N 267 
PHE HD2  H N N 268 
PHE HE1  H N N 269 
PHE HE2  H N N 270 
PHE HZ   H N N 271 
PHE HXT  H N N 272 
PRO N    N N N 273 
PRO CA   C N S 274 
PRO C    C N N 275 
PRO O    O N N 276 
PRO CB   C N N 277 
PRO CG   C N N 278 
PRO CD   C N N 279 
PRO OXT  O N N 280 
PRO H    H N N 281 
PRO HA   H N N 282 
PRO HB2  H N N 283 
PRO HB3  H N N 284 
PRO HG2  H N N 285 
PRO HG3  H N N 286 
PRO HD2  H N N 287 
PRO HD3  H N N 288 
PRO HXT  H N N 289 
SER N    N N N 290 
SER CA   C N S 291 
SER C    C N N 292 
SER O    O N N 293 
SER CB   C N N 294 
SER OG   O N N 295 
SER OXT  O N N 296 
SER H    H N N 297 
SER H2   H N N 298 
SER HA   H N N 299 
SER HB2  H N N 300 
SER HB3  H N N 301 
SER HG   H N N 302 
SER HXT  H N N 303 
THR N    N N N 304 
THR CA   C N S 305 
THR C    C N N 306 
THR O    O N N 307 
THR CB   C N R 308 
THR OG1  O N N 309 
THR CG2  C N N 310 
THR OXT  O N N 311 
THR H    H N N 312 
THR H2   H N N 313 
THR HA   H N N 314 
THR HB   H N N 315 
THR HG1  H N N 316 
THR HG21 H N N 317 
THR HG22 H N N 318 
THR HG23 H N N 319 
THR HXT  H N N 320 
TYR N    N N N 321 
TYR CA   C N S 322 
TYR C    C N N 323 
TYR O    O N N 324 
TYR CB   C N N 325 
TYR CG   C Y N 326 
TYR CD1  C Y N 327 
TYR CD2  C Y N 328 
TYR CE1  C Y N 329 
TYR CE2  C Y N 330 
TYR CZ   C Y N 331 
TYR OH   O N N 332 
TYR OXT  O N N 333 
TYR H    H N N 334 
TYR H2   H N N 335 
TYR HA   H N N 336 
TYR HB2  H N N 337 
TYR HB3  H N N 338 
TYR HD1  H N N 339 
TYR HD2  H N N 340 
TYR HE1  H N N 341 
TYR HE2  H N N 342 
TYR HH   H N N 343 
TYR HXT  H N N 344 
VAL N    N N N 345 
VAL CA   C N S 346 
VAL C    C N N 347 
VAL O    O N N 348 
VAL CB   C N N 349 
VAL CG1  C N N 350 
VAL CG2  C N N 351 
VAL OXT  O N N 352 
VAL H    H N N 353 
VAL H2   H N N 354 
VAL HA   H N N 355 
VAL HB   H N N 356 
VAL HG11 H N N 357 
VAL HG12 H N N 358 
VAL HG13 H N N 359 
VAL HG21 H N N 360 
VAL HG22 H N N 361 
VAL HG23 H N N 362 
VAL HXT  H N N 363 
# 
loop_
_chem_comp_bond.comp_id 
_chem_comp_bond.atom_id_1 
_chem_comp_bond.atom_id_2 
_chem_comp_bond.value_order 
_chem_comp_bond.pdbx_aromatic_flag 
_chem_comp_bond.pdbx_stereo_config 
_chem_comp_bond.pdbx_ordinal 
ALA N   CA   sing N N 1   
ALA N   H    sing N N 2   
ALA N   H2   sing N N 3   
ALA CA  C    sing N N 4   
ALA CA  CB   sing N N 5   
ALA CA  HA   sing N N 6   
ALA C   O    doub N N 7   
ALA C   OXT  sing N N 8   
ALA CB  HB1  sing N N 9   
ALA CB  HB2  sing N N 10  
ALA CB  HB3  sing N N 11  
ALA OXT HXT  sing N N 12  
ARG N   CA   sing N N 13  
ARG N   H    sing N N 14  
ARG N   H2   sing N N 15  
ARG CA  C    sing N N 16  
ARG CA  CB   sing N N 17  
ARG CA  HA   sing N N 18  
ARG C   O    doub N N 19  
ARG C   OXT  sing N N 20  
ARG CB  CG   sing N N 21  
ARG CB  HB2  sing N N 22  
ARG CB  HB3  sing N N 23  
ARG CG  CD   sing N N 24  
ARG CG  HG2  sing N N 25  
ARG CG  HG3  sing N N 26  
ARG CD  NE   sing N N 27  
ARG CD  HD2  sing N N 28  
ARG CD  HD3  sing N N 29  
ARG NE  CZ   sing N N 30  
ARG NE  HE   sing N N 31  
ARG CZ  NH1  sing N N 32  
ARG CZ  NH2  doub N N 33  
ARG NH1 HH11 sing N N 34  
ARG NH1 HH12 sing N N 35  
ARG NH2 HH21 sing N N 36  
ARG NH2 HH22 sing N N 37  
ARG OXT HXT  sing N N 38  
ASN N   CA   sing N N 39  
ASN N   H    sing N N 40  
ASN N   H2   sing N N 41  
ASN CA  C    sing N N 42  
ASN CA  CB   sing N N 43  
ASN CA  HA   sing N N 44  
ASN C   O    doub N N 45  
ASN C   OXT  sing N N 46  
ASN CB  CG   sing N N 47  
ASN CB  HB2  sing N N 48  
ASN CB  HB3  sing N N 49  
ASN CG  OD1  doub N N 50  
ASN CG  ND2  sing N N 51  
ASN ND2 HD21 sing N N 52  
ASN ND2 HD22 sing N N 53  
ASN OXT HXT  sing N N 54  
ASP N   CA   sing N N 55  
ASP N   H    sing N N 56  
ASP N   H2   sing N N 57  
ASP CA  C    sing N N 58  
ASP CA  CB   sing N N 59  
ASP CA  HA   sing N N 60  
ASP C   O    doub N N 61  
ASP C   OXT  sing N N 62  
ASP CB  CG   sing N N 63  
ASP CB  HB2  sing N N 64  
ASP CB  HB3  sing N N 65  
ASP CG  OD1  doub N N 66  
ASP CG  OD2  sing N N 67  
ASP OD2 HD2  sing N N 68  
ASP OXT HXT  sing N N 69  
CYS N   CA   sing N N 70  
CYS N   H    sing N N 71  
CYS N   H2   sing N N 72  
CYS CA  C    sing N N 73  
CYS CA  CB   sing N N 74  
CYS CA  HA   sing N N 75  
CYS C   O    doub N N 76  
CYS C   OXT  sing N N 77  
CYS CB  SG   sing N N 78  
CYS CB  HB2  sing N N 79  
CYS CB  HB3  sing N N 80  
CYS SG  HG   sing N N 81  
CYS OXT HXT  sing N N 82  
GLN N   CA   sing N N 83  
GLN N   H    sing N N 84  
GLN N   H2   sing N N 85  
GLN CA  C    sing N N 86  
GLN CA  CB   sing N N 87  
GLN CA  HA   sing N N 88  
GLN C   O    doub N N 89  
GLN C   OXT  sing N N 90  
GLN CB  CG   sing N N 91  
GLN CB  HB2  sing N N 92  
GLN CB  HB3  sing N N 93  
GLN CG  CD   sing N N 94  
GLN CG  HG2  sing N N 95  
GLN CG  HG3  sing N N 96  
GLN CD  OE1  doub N N 97  
GLN CD  NE2  sing N N 98  
GLN NE2 HE21 sing N N 99  
GLN NE2 HE22 sing N N 100 
GLN OXT HXT  sing N N 101 
GLU N   CA   sing N N 102 
GLU N   H    sing N N 103 
GLU N   H2   sing N N 104 
GLU CA  C    sing N N 105 
GLU CA  CB   sing N N 106 
GLU CA  HA   sing N N 107 
GLU C   O    doub N N 108 
GLU C   OXT  sing N N 109 
GLU CB  CG   sing N N 110 
GLU CB  HB2  sing N N 111 
GLU CB  HB3  sing N N 112 
GLU CG  CD   sing N N 113 
GLU CG  HG2  sing N N 114 
GLU CG  HG3  sing N N 115 
GLU CD  OE1  doub N N 116 
GLU CD  OE2  sing N N 117 
GLU OE2 HE2  sing N N 118 
GLU OXT HXT  sing N N 119 
GLY N   CA   sing N N 120 
GLY N   H    sing N N 121 
GLY N   H2   sing N N 122 
GLY CA  C    sing N N 123 
GLY CA  HA2  sing N N 124 
GLY CA  HA3  sing N N 125 
GLY C   O    doub N N 126 
GLY C   OXT  sing N N 127 
GLY OXT HXT  sing N N 128 
HIS N   CA   sing N N 129 
HIS N   H    sing N N 130 
HIS N   H2   sing N N 131 
HIS CA  C    sing N N 132 
HIS CA  CB   sing N N 133 
HIS CA  HA   sing N N 134 
HIS C   O    doub N N 135 
HIS C   OXT  sing N N 136 
HIS CB  CG   sing N N 137 
HIS CB  HB2  sing N N 138 
HIS CB  HB3  sing N N 139 
HIS CG  ND1  sing Y N 140 
HIS CG  CD2  doub Y N 141 
HIS ND1 CE1  doub Y N 142 
HIS ND1 HD1  sing N N 143 
HIS CD2 NE2  sing Y N 144 
HIS CD2 HD2  sing N N 145 
HIS CE1 NE2  sing Y N 146 
HIS CE1 HE1  sing N N 147 
HIS NE2 HE2  sing N N 148 
HIS OXT HXT  sing N N 149 
HOH O   H1   sing N N 150 
HOH O   H2   sing N N 151 
ILE N   CA   sing N N 152 
ILE N   H    sing N N 153 
ILE N   H2   sing N N 154 
ILE CA  C    sing N N 155 
ILE CA  CB   sing N N 156 
ILE CA  HA   sing N N 157 
ILE C   O    doub N N 158 
ILE C   OXT  sing N N 159 
ILE CB  CG1  sing N N 160 
ILE CB  CG2  sing N N 161 
ILE CB  HB   sing N N 162 
ILE CG1 CD1  sing N N 163 
ILE CG1 HG12 sing N N 164 
ILE CG1 HG13 sing N N 165 
ILE CG2 HG21 sing N N 166 
ILE CG2 HG22 sing N N 167 
ILE CG2 HG23 sing N N 168 
ILE CD1 HD11 sing N N 169 
ILE CD1 HD12 sing N N 170 
ILE CD1 HD13 sing N N 171 
ILE OXT HXT  sing N N 172 
LEU N   CA   sing N N 173 
LEU N   H    sing N N 174 
LEU N   H2   sing N N 175 
LEU CA  C    sing N N 176 
LEU CA  CB   sing N N 177 
LEU CA  HA   sing N N 178 
LEU C   O    doub N N 179 
LEU C   OXT  sing N N 180 
LEU CB  CG   sing N N 181 
LEU CB  HB2  sing N N 182 
LEU CB  HB3  sing N N 183 
LEU CG  CD1  sing N N 184 
LEU CG  CD2  sing N N 185 
LEU CG  HG   sing N N 186 
LEU CD1 HD11 sing N N 187 
LEU CD1 HD12 sing N N 188 
LEU CD1 HD13 sing N N 189 
LEU CD2 HD21 sing N N 190 
LEU CD2 HD22 sing N N 191 
LEU CD2 HD23 sing N N 192 
LEU OXT HXT  sing N N 193 
LYS N   CA   sing N N 194 
LYS N   H    sing N N 195 
LYS N   H2   sing N N 196 
LYS CA  C    sing N N 197 
LYS CA  CB   sing N N 198 
LYS CA  HA   sing N N 199 
LYS C   O    doub N N 200 
LYS C   OXT  sing N N 201 
LYS CB  CG   sing N N 202 
LYS CB  HB2  sing N N 203 
LYS CB  HB3  sing N N 204 
LYS CG  CD   sing N N 205 
LYS CG  HG2  sing N N 206 
LYS CG  HG3  sing N N 207 
LYS CD  CE   sing N N 208 
LYS CD  HD2  sing N N 209 
LYS CD  HD3  sing N N 210 
LYS CE  NZ   sing N N 211 
LYS CE  HE2  sing N N 212 
LYS CE  HE3  sing N N 213 
LYS NZ  HZ1  sing N N 214 
LYS NZ  HZ2  sing N N 215 
LYS NZ  HZ3  sing N N 216 
LYS OXT HXT  sing N N 217 
MET N   CA   sing N N 218 
MET N   H    sing N N 219 
MET N   H2   sing N N 220 
MET CA  C    sing N N 221 
MET CA  CB   sing N N 222 
MET CA  HA   sing N N 223 
MET C   O    doub N N 224 
MET C   OXT  sing N N 225 
MET CB  CG   sing N N 226 
MET CB  HB2  sing N N 227 
MET CB  HB3  sing N N 228 
MET CG  SD   sing N N 229 
MET CG  HG2  sing N N 230 
MET CG  HG3  sing N N 231 
MET SD  CE   sing N N 232 
MET CE  HE1  sing N N 233 
MET CE  HE2  sing N N 234 
MET CE  HE3  sing N N 235 
MET OXT HXT  sing N N 236 
PHE N   CA   sing N N 237 
PHE N   H    sing N N 238 
PHE N   H2   sing N N 239 
PHE CA  C    sing N N 240 
PHE CA  CB   sing N N 241 
PHE CA  HA   sing N N 242 
PHE C   O    doub N N 243 
PHE C   OXT  sing N N 244 
PHE CB  CG   sing N N 245 
PHE CB  HB2  sing N N 246 
PHE CB  HB3  sing N N 247 
PHE CG  CD1  doub Y N 248 
PHE CG  CD2  sing Y N 249 
PHE CD1 CE1  sing Y N 250 
PHE CD1 HD1  sing N N 251 
PHE CD2 CE2  doub Y N 252 
PHE CD2 HD2  sing N N 253 
PHE CE1 CZ   doub Y N 254 
PHE CE1 HE1  sing N N 255 
PHE CE2 CZ   sing Y N 256 
PHE CE2 HE2  sing N N 257 
PHE CZ  HZ   sing N N 258 
PHE OXT HXT  sing N N 259 
PRO N   CA   sing N N 260 
PRO N   CD   sing N N 261 
PRO N   H    sing N N 262 
PRO CA  C    sing N N 263 
PRO CA  CB   sing N N 264 
PRO CA  HA   sing N N 265 
PRO C   O    doub N N 266 
PRO C   OXT  sing N N 267 
PRO CB  CG   sing N N 268 
PRO CB  HB2  sing N N 269 
PRO CB  HB3  sing N N 270 
PRO CG  CD   sing N N 271 
PRO CG  HG2  sing N N 272 
PRO CG  HG3  sing N N 273 
PRO CD  HD2  sing N N 274 
PRO CD  HD3  sing N N 275 
PRO OXT HXT  sing N N 276 
SER N   CA   sing N N 277 
SER N   H    sing N N 278 
SER N   H2   sing N N 279 
SER CA  C    sing N N 280 
SER CA  CB   sing N N 281 
SER CA  HA   sing N N 282 
SER C   O    doub N N 283 
SER C   OXT  sing N N 284 
SER CB  OG   sing N N 285 
SER CB  HB2  sing N N 286 
SER CB  HB3  sing N N 287 
SER OG  HG   sing N N 288 
SER OXT HXT  sing N N 289 
THR N   CA   sing N N 290 
THR N   H    sing N N 291 
THR N   H2   sing N N 292 
THR CA  C    sing N N 293 
THR CA  CB   sing N N 294 
THR CA  HA   sing N N 295 
THR C   O    doub N N 296 
THR C   OXT  sing N N 297 
THR CB  OG1  sing N N 298 
THR CB  CG2  sing N N 299 
THR CB  HB   sing N N 300 
THR OG1 HG1  sing N N 301 
THR CG2 HG21 sing N N 302 
THR CG2 HG22 sing N N 303 
THR CG2 HG23 sing N N 304 
THR OXT HXT  sing N N 305 
TYR N   CA   sing N N 306 
TYR N   H    sing N N 307 
TYR N   H2   sing N N 308 
TYR CA  C    sing N N 309 
TYR CA  CB   sing N N 310 
TYR CA  HA   sing N N 311 
TYR C   O    doub N N 312 
TYR C   OXT  sing N N 313 
TYR CB  CG   sing N N 314 
TYR CB  HB2  sing N N 315 
TYR CB  HB3  sing N N 316 
TYR CG  CD1  doub Y N 317 
TYR CG  CD2  sing Y N 318 
TYR CD1 CE1  sing Y N 319 
TYR CD1 HD1  sing N N 320 
TYR CD2 CE2  doub Y N 321 
TYR CD2 HD2  sing N N 322 
TYR CE1 CZ   doub Y N 323 
TYR CE1 HE1  sing N N 324 
TYR CE2 CZ   sing Y N 325 
TYR CE2 HE2  sing N N 326 
TYR CZ  OH   sing N N 327 
TYR OH  HH   sing N N 328 
TYR OXT HXT  sing N N 329 
VAL N   CA   sing N N 330 
VAL N   H    sing N N 331 
VAL N   H2   sing N N 332 
VAL CA  C    sing N N 333 
VAL CA  CB   sing N N 334 
VAL CA  HA   sing N N 335 
VAL C   O    doub N N 336 
VAL C   OXT  sing N N 337 
VAL CB  CG1  sing N N 338 
VAL CB  CG2  sing N N 339 
VAL CB  HB   sing N N 340 
VAL CG1 HG11 sing N N 341 
VAL CG1 HG12 sing N N 342 
VAL CG1 HG13 sing N N 343 
VAL CG2 HG21 sing N N 344 
VAL CG2 HG22 sing N N 345 
VAL CG2 HG23 sing N N 346 
VAL OXT HXT  sing N N 347 
# 
_atom_sites.entry_id                    1DCF 
_atom_sites.fract_transf_matrix[1][1]   -0.00301163 
_atom_sites.fract_transf_matrix[1][2]   -0.01974332 
_atom_sites.fract_transf_matrix[1][3]   -0.00605018 
_atom_sites.fract_transf_matrix[2][1]   -0.00006261 
_atom_sites.fract_transf_matrix[2][2]   0.00612289 
_atom_sites.fract_transf_matrix[2][3]   -0.01994943 
_atom_sites.fract_transf_matrix[3][1]   0.00885132 
_atom_sites.fract_transf_matrix[3][2]   -0.00122632 
_atom_sites.fract_transf_matrix[3][3]   -0.00040416 
_atom_sites.fract_transf_vector[1]      0.269559 
_atom_sites.fract_transf_vector[2]      -0.012001 
_atom_sites.fract_transf_vector[3]      0.148506 
# 
loop_
_atom_type.symbol 
C 
N 
O 
S 
# 
loop_
_atom_site.group_PDB 
_atom_site.id 
_atom_site.type_symbol 
_atom_site.label_atom_id 
_atom_site.label_alt_id 
_atom_site.label_comp_id 
_atom_site.label_asym_id 
_atom_site.label_entity_id 
_atom_site.label_seq_id 
_atom_site.pdbx_PDB_ins_code 
_atom_site.Cartn_x 
_atom_site.Cartn_y 
_atom_site.Cartn_z 
_atom_site.occupancy 
_atom_site.B_iso_or_equiv 
_atom_site.pdbx_formal_charge 
_atom_site.auth_seq_id 
_atom_site.auth_comp_id 
_atom_site.auth_asym_id 
_atom_site.auth_atom_id 
_atom_site.pdbx_PDB_model_num 
ATOM   1    N N   . HIS A 1 1   ? -0.696  -2.939  19.988  1.00 93.80  ? 1    HIS A N   1 
ATOM   2    C CA  . HIS A 1 1   ? -1.530  -2.977  18.749  1.00 93.52  ? 1    HIS A CA  1 
ATOM   3    C C   . HIS A 1 1   ? -2.037  -1.563  18.435  1.00 91.87  ? 1    HIS A C   1 
ATOM   4    O O   . HIS A 1 1   ? -1.822  -0.632  19.216  1.00 92.12  ? 1    HIS A O   1 
ATOM   5    C CB  . HIS A 1 1   ? -2.726  -3.915  18.946  1.00 95.64  ? 1    HIS A CB  1 
ATOM   6    C CG  . HIS A 1 1   ? -3.414  -4.293  17.675  1.00 98.21  ? 1    HIS A CG  1 
ATOM   7    N ND1 . HIS A 1 1   ? -4.676  -4.846  17.639  1.00 99.74  ? 1    HIS A ND1 1 
ATOM   8    C CD2 . HIS A 1 1   ? -2.995  -4.236  16.383  1.00 99.37  ? 1    HIS A CD2 1 
ATOM   9    C CE1 . HIS A 1 1   ? -5.004  -5.110  16.391  1.00 100.00 ? 1    HIS A CE1 1 
ATOM   10   N NE2 . HIS A 1 1   ? -4.009  -4.753  15.607  1.00 99.84  ? 1    HIS A NE2 1 
ATOM   11   N N   . MET A 1 2   ? -2.710  -1.414  17.295  1.00 88.53  ? 2    MET A N   1 
ATOM   12   C CA  . MET A 1 2   ? -3.247  -0.124  16.868  1.00 85.95  ? 2    MET A CA  1 
ATOM   13   C C   . MET A 1 2   ? -4.549  -0.424  16.115  1.00 84.82  ? 2    MET A C   1 
ATOM   14   O O   . MET A 1 2   ? -4.528  -1.017  15.038  1.00 83.80  ? 2    MET A O   1 
ATOM   15   C CB  . MET A 1 2   ? -2.216  0.582   15.974  1.00 85.26  ? 2    MET A CB  1 
ATOM   16   C CG  . MET A 1 2   ? -2.504  2.043   15.647  1.00 83.86  ? 2    MET A CG  1 
ATOM   17   S SD  . MET A 1 2   ? -1.072  2.842   14.858  1.00 80.84  ? 2    MET A SD  1 
ATOM   18   C CE  . MET A 1 2   ? -1.743  4.490   14.464  1.00 80.79  ? 2    MET A CE  1 
ATOM   19   N N   . SER A 1 3   ? -5.676  -0.018  16.697  1.00 84.42  ? 3    SER A N   1 
ATOM   20   C CA  . SER A 1 3   ? -6.991  -0.294  16.119  1.00 82.93  ? 3    SER A CA  1 
ATOM   21   C C   . SER A 1 3   ? -7.602  0.724   15.155  1.00 81.56  ? 3    SER A C   1 
ATOM   22   O O   . SER A 1 3   ? -8.395  0.351   14.293  1.00 80.95  ? 3    SER A O   1 
ATOM   23   C CB  . SER A 1 3   ? -7.992  -0.583  17.244  1.00 84.19  ? 3    SER A CB  1 
ATOM   24   O OG  . SER A 1 3   ? -7.634  -1.758  17.956  1.00 83.66  ? 3    SER A OG  1 
ATOM   25   N N   . ASN A 1 4   ? -7.270  2.006   15.305  1.00 79.57  ? 4    ASN A N   1 
ATOM   26   C CA  . ASN A 1 4   ? -7.806  3.005   14.386  1.00 77.30  ? 4    ASN A CA  1 
ATOM   27   C C   . ASN A 1 4   ? -6.707  3.927   13.891  1.00 74.36  ? 4    ASN A C   1 
ATOM   28   O O   . ASN A 1 4   ? -5.763  4.245   14.617  1.00 74.89  ? 4    ASN A O   1 
ATOM   29   C CB  . ASN A 1 4   ? -8.922  3.843   15.038  1.00 80.90  ? 4    ASN A CB  1 
ATOM   30   C CG  . ASN A 1 4   ? -8.437  4.664   16.215  1.00 83.10  ? 4    ASN A CG  1 
ATOM   31   O OD1 . ASN A 1 4   ? -7.437  5.379   16.126  1.00 83.44  ? 4    ASN A OD1 1 
ATOM   32   N ND2 . ASN A 1 4   ? -9.166  4.584   17.324  1.00 84.30  ? 4    ASN A ND2 1 
ATOM   33   N N   . PHE A 1 5   ? -6.848  4.353   12.645  1.00 68.75  ? 5    PHE A N   1 
ATOM   34   C CA  . PHE A 1 5   ? -5.861  5.212   12.020  1.00 64.33  ? 5    PHE A CA  1 
ATOM   35   C C   . PHE A 1 5   ? -6.534  6.502   11.581  1.00 64.01  ? 5    PHE A C   1 
ATOM   36   O O   . PHE A 1 5   ? -6.251  7.047   10.513  1.00 63.63  ? 5    PHE A O   1 
ATOM   37   C CB  . PHE A 1 5   ? -5.270  4.464   10.838  1.00 60.91  ? 5    PHE A CB  1 
ATOM   38   C CG  . PHE A 1 5   ? -4.715  3.131   11.212  1.00 58.01  ? 5    PHE A CG  1 
ATOM   39   C CD1 . PHE A 1 5   ? -3.424  3.014   11.715  1.00 57.75  ? 5    PHE A CD1 1 
ATOM   40   C CD2 . PHE A 1 5   ? -5.516  1.996   11.149  1.00 56.87  ? 5    PHE A CD2 1 
ATOM   41   C CE1 . PHE A 1 5   ? -2.934  1.781   12.155  1.00 58.77  ? 5    PHE A CE1 1 
ATOM   42   C CE2 . PHE A 1 5   ? -5.044  0.761   11.583  1.00 57.65  ? 5    PHE A CE2 1 
ATOM   43   C CZ  . PHE A 1 5   ? -3.746  0.650   12.091  1.00 58.73  ? 5    PHE A CZ  1 
ATOM   44   N N   . THR A 1 6   ? -7.426  6.985   12.436  1.00 63.06  ? 6    THR A N   1 
ATOM   45   C CA  . THR A 1 6   ? -8.178  8.201   12.175  1.00 61.56  ? 6    THR A CA  1 
ATOM   46   C C   . THR A 1 6   ? -7.287  9.327   11.632  1.00 59.62  ? 6    THR A C   1 
ATOM   47   O O   . THR A 1 6   ? -6.332  9.749   12.281  1.00 60.01  ? 6    THR A O   1 
ATOM   48   C CB  . THR A 1 6   ? -8.902  8.660   13.466  1.00 61.55  ? 6    THR A CB  1 
ATOM   49   O OG1 . THR A 1 6   ? -9.664  7.567   13.998  1.00 61.58  ? 6    THR A OG1 1 
ATOM   50   C CG2 . THR A 1 6   ? -9.846  9.806   13.171  1.00 61.10  ? 6    THR A CG2 1 
ATOM   51   N N   . GLY A 1 7   ? -7.606  9.795   10.428  1.00 58.70  ? 7    GLY A N   1 
ATOM   52   C CA  . GLY A 1 7   ? -6.848  10.864  9.803   1.00 58.15  ? 7    GLY A CA  1 
ATOM   53   C C   . GLY A 1 7   ? -5.708  10.399  8.908   1.00 58.93  ? 7    GLY A C   1 
ATOM   54   O O   . GLY A 1 7   ? -5.032  11.220  8.275   1.00 60.09  ? 7    GLY A O   1 
ATOM   55   N N   . LEU A 1 8   ? -5.492  9.086   8.843   1.00 56.09  ? 8    LEU A N   1 
ATOM   56   C CA  . LEU A 1 8   ? -4.418  8.543   8.025   1.00 53.81  ? 8    LEU A CA  1 
ATOM   57   C C   . LEU A 1 8   ? -4.623  8.827   6.536   1.00 52.09  ? 8    LEU A C   1 
ATOM   58   O O   . LEU A 1 8   ? -5.615  8.414   5.940   1.00 50.37  ? 8    LEU A O   1 
ATOM   59   C CB  . LEU A 1 8   ? -4.286  7.035   8.247   1.00 54.10  ? 8    LEU A CB  1 
ATOM   60   C CG  . LEU A 1 8   ? -3.037  6.400   7.625   1.00 55.93  ? 8    LEU A CG  1 
ATOM   61   C CD1 . LEU A 1 8   ? -1.780  6.995   8.272   1.00 55.15  ? 8    LEU A CD1 1 
ATOM   62   C CD2 . LEU A 1 8   ? -3.070  4.894   7.833   1.00 55.88  ? 8    LEU A CD2 1 
ATOM   63   N N   . LYS A 1 9   ? -3.668  9.534   5.948   1.00 51.16  ? 9    LYS A N   1 
ATOM   64   C CA  . LYS A 1 9   ? -3.708  9.892   4.541   1.00 51.36  ? 9    LYS A CA  1 
ATOM   65   C C   . LYS A 1 9   ? -3.181  8.727   3.703   1.00 51.06  ? 9    LYS A C   1 
ATOM   66   O O   . LYS A 1 9   ? -1.968  8.512   3.615   1.00 49.42  ? 9    LYS A O   1 
ATOM   67   C CB  . LYS A 1 9   ? -2.841  11.132  4.331   1.00 56.09  ? 9    LYS A CB  1 
ATOM   68   C CG  . LYS A 1 9   ? -3.567  12.386  3.871   1.00 59.29  ? 9    LYS A CG  1 
ATOM   69   C CD  . LYS A 1 9   ? -3.876  12.344  2.382   1.00 64.98  ? 9    LYS A CD  1 
ATOM   70   C CE  . LYS A 1 9   ? -4.473  13.668  1.909   1.00 68.00  ? 9    LYS A CE  1 
ATOM   71   N NZ  . LYS A 1 9   ? -4.721  13.702  0.434   1.00 69.31  ? 9    LYS A NZ  1 
ATOM   72   N N   . VAL A 1 10  ? -4.087  7.978   3.077   1.00 50.30  ? 10   VAL A N   1 
ATOM   73   C CA  . VAL A 1 10  ? -3.673  6.834   2.267   1.00 48.42  ? 10   VAL A CA  1 
ATOM   74   C C   . VAL A 1 10  ? -4.206  6.867   0.842   1.00 46.96  ? 10   VAL A C   1 
ATOM   75   O O   . VAL A 1 10  ? -5.219  7.495   0.552   1.00 47.88  ? 10   VAL A O   1 
ATOM   76   C CB  . VAL A 1 10  ? -4.102  5.495   2.923   1.00 46.83  ? 10   VAL A CB  1 
ATOM   77   C CG1 . VAL A 1 10  ? -3.525  5.407   4.319   1.00 45.97  ? 10   VAL A CG1 1 
ATOM   78   C CG2 . VAL A 1 10  ? -5.618  5.387   2.974   1.00 46.06  ? 10   VAL A CG2 1 
ATOM   79   N N   . LEU A 1 11  ? -3.504  6.179   -0.046  1.00 44.57  ? 11   LEU A N   1 
ATOM   80   C CA  . LEU A 1 11  ? -3.891  6.116   -1.443  1.00 44.11  ? 11   LEU A CA  1 
ATOM   81   C C   . LEU A 1 11  ? -4.065  4.667   -1.867  1.00 43.52  ? 11   LEU A C   1 
ATOM   82   O O   . LEU A 1 11  ? -3.304  3.790   -1.446  1.00 42.36  ? 11   LEU A O   1 
ATOM   83   C CB  . LEU A 1 11  ? -2.820  6.771   -2.314  1.00 44.87  ? 11   LEU A CB  1 
ATOM   84   C CG  . LEU A 1 11  ? -2.965  6.617   -3.830  1.00 46.06  ? 11   LEU A CG  1 
ATOM   85   C CD1 . LEU A 1 11  ? -4.257  7.260   -4.313  1.00 44.47  ? 11   LEU A CD1 1 
ATOM   86   C CD2 . LEU A 1 11  ? -1.760  7.259   -4.505  1.00 46.11  ? 11   LEU A CD2 1 
ATOM   87   N N   . VAL A 1 12  ? -5.072  4.420   -2.696  1.00 43.61  ? 12   VAL A N   1 
ATOM   88   C CA  . VAL A 1 12  ? -5.336  3.080   -3.188  1.00 42.19  ? 12   VAL A CA  1 
ATOM   89   C C   . VAL A 1 12  ? -5.240  3.056   -4.696  1.00 43.13  ? 12   VAL A C   1 
ATOM   90   O O   . VAL A 1 12  ? -5.884  3.847   -5.388  1.00 43.39  ? 12   VAL A O   1 
ATOM   91   C CB  . VAL A 1 12  ? -6.724  2.583   -2.783  1.00 42.39  ? 12   VAL A CB  1 
ATOM   92   C CG1 . VAL A 1 12  ? -6.968  1.212   -3.392  1.00 40.44  ? 12   VAL A CG1 1 
ATOM   93   C CG2 . VAL A 1 12  ? -6.832  2.519   -1.251  1.00 38.71  ? 12   VAL A CG2 1 
ATOM   94   N N   . MET A 1 13  ? -4.416  2.148   -5.200  1.00 43.43  ? 13   MET A N   1 
ATOM   95   C CA  . MET A 1 13  ? -4.226  2.018   -6.628  1.00 44.71  ? 13   MET A CA  1 
ATOM   96   C C   . MET A 1 13  ? -4.678  0.627   -7.028  1.00 45.38  ? 13   MET A C   1 
ATOM   97   O O   . MET A 1 13  ? -4.065  -0.369  -6.635  1.00 44.93  ? 13   MET A O   1 
ATOM   98   C CB  . MET A 1 13  ? -2.753  2.200   -6.974  1.00 48.10  ? 13   MET A CB  1 
ATOM   99   C CG  . MET A 1 13  ? -2.510  2.812   -8.353  1.00 52.18  ? 13   MET A CG  1 
ATOM   100  S SD  . MET A 1 13  ? -3.177  1.881   -9.723  1.00 50.66  ? 13   MET A SD  1 
ATOM   101  C CE  . MET A 1 13  ? -2.128  0.435   -9.649  1.00 57.21  ? 13   MET A CE  1 
ATOM   102  N N   . ASP A 1 14  ? -5.766  0.557   -7.787  1.00 47.00  ? 14   ASP A N   1 
ATOM   103  C CA  . ASP A 1 14  ? -6.292  -0.720  -8.245  1.00 47.79  ? 14   ASP A CA  1 
ATOM   104  C C   . ASP A 1 14  ? -7.085  -0.495  -9.525  1.00 48.87  ? 14   ASP A C   1 
ATOM   105  O O   . ASP A 1 14  ? -7.941  0.382   -9.580  1.00 48.59  ? 14   ASP A O   1 
ATOM   106  C CB  . ASP A 1 14  ? -7.207  -1.329  -7.189  1.00 49.61  ? 14   ASP A CB  1 
ATOM   107  C CG  . ASP A 1 14  ? -7.537  -2.775  -7.480  1.00 50.67  ? 14   ASP A CG  1 
ATOM   108  O OD1 . ASP A 1 14  ? -7.883  -3.083  -8.635  1.00 52.63  ? 14   ASP A OD1 1 
ATOM   109  O OD2 . ASP A 1 14  ? -7.463  -3.605  -6.553  1.00 55.57  ? 14   ASP A OD2 1 
ATOM   110  N N   . GLU A 1 15  ? -6.798  -1.284  -10.555 1.00 50.71  ? 15   GLU A N   1 
ATOM   111  C CA  . GLU A 1 15  ? -7.501  -1.151  -11.826 1.00 52.89  ? 15   GLU A CA  1 
ATOM   112  C C   . GLU A 1 15  ? -8.960  -1.587  -11.705 1.00 54.29  ? 15   GLU A C   1 
ATOM   113  O O   . GLU A 1 15  ? -9.813  -1.118  -12.459 1.00 55.62  ? 15   GLU A O   1 
ATOM   114  C CB  . GLU A 1 15  ? -6.804  -1.969  -12.895 1.00 52.75  ? 15   GLU A CB  1 
ATOM   115  N N   . ASN A 1 16  ? -9.241  -2.476  -10.751 1.00 53.42  ? 16   ASN A N   1 
ATOM   116  C CA  . ASN A 1 16  ? -10.593 -2.982  -10.530 1.00 52.79  ? 16   ASN A CA  1 
ATOM   117  C C   . ASN A 1 16  ? -11.409 -2.080  -9.601  1.00 52.81  ? 16   ASN A C   1 
ATOM   118  O O   . ASN A 1 16  ? -10.990 -1.770  -8.485  1.00 51.66  ? 16   ASN A O   1 
ATOM   119  C CB  . ASN A 1 16  ? -10.531 -4.399  -9.965  1.00 54.43  ? 16   ASN A CB  1 
ATOM   120  C CG  . ASN A 1 16  ? -11.908 -4.965  -9.645  1.00 59.81  ? 16   ASN A CG  1 
ATOM   121  O OD1 . ASN A 1 16  ? -12.043 -6.149  -9.338  1.00 64.56  ? 16   ASN A OD1 1 
ATOM   122  N ND2 . ASN A 1 16  ? -12.933 -4.124  -9.701  1.00 60.96  ? 16   ASN A ND2 1 
ATOM   123  N N   . GLY A 1 17  ? -12.589 -1.681  -10.075 1.00 50.47  ? 17   GLY A N   1 
ATOM   124  C CA  . GLY A 1 17  ? -13.453 -0.810  -9.306  1.00 48.81  ? 17   GLY A CA  1 
ATOM   125  C C   . GLY A 1 17  ? -13.978 -1.397  -8.010  1.00 47.41  ? 17   GLY A C   1 
ATOM   126  O O   . GLY A 1 17  ? -13.981 -0.731  -6.976  1.00 45.08  ? 17   GLY A O   1 
ATOM   127  N N   . VAL A 1 18  ? -14.431 -2.642  -8.056  1.00 45.48  ? 18   VAL A N   1 
ATOM   128  C CA  . VAL A 1 18  ? -14.962 -3.272  -6.861  1.00 45.51  ? 18   VAL A CA  1 
ATOM   129  C C   . VAL A 1 18  ? -13.877 -3.434  -5.833  1.00 45.06  ? 18   VAL A C   1 
ATOM   130  O O   . VAL A 1 18  ? -14.057 -3.100  -4.663  1.00 44.94  ? 18   VAL A O   1 
ATOM   131  C CB  . VAL A 1 18  ? -15.553 -4.663  -7.162  1.00 46.28  ? 18   VAL A CB  1 
ATOM   132  C CG1 . VAL A 1 18  ? -15.891 -5.387  -5.855  1.00 41.76  ? 18   VAL A CG1 1 
ATOM   133  C CG2 . VAL A 1 18  ? -16.805 -4.509  -8.016  1.00 45.40  ? 18   VAL A CG2 1 
ATOM   134  N N   . SER A 1 19  ? -12.744 -3.962  -6.271  1.00 46.87  ? 19   SER A N   1 
ATOM   135  C CA  . SER A 1 19  ? -11.640 -4.169  -5.361  1.00 43.99  ? 19   SER A CA  1 
ATOM   136  C C   . SER A 1 19  ? -11.220 -2.822  -4.802  1.00 43.26  ? 19   SER A C   1 
ATOM   137  O O   . SER A 1 19  ? -11.041 -2.675  -3.590  1.00 41.76  ? 19   SER A O   1 
ATOM   138  C CB  . SER A 1 19  ? -10.483 -4.832  -6.088  1.00 44.49  ? 19   SER A CB  1 
ATOM   139  O OG  . SER A 1 19  ? -9.409  -5.045  -5.193  1.00 47.69  ? 19   SER A OG  1 
ATOM   140  N N   . ARG A 1 20  ? -11.096 -1.830  -5.680  1.00 43.86  ? 20   ARG A N   1 
ATOM   141  C CA  . ARG A 1 20  ? -10.694 -0.497  -5.239  1.00 45.60  ? 20   ARG A CA  1 
ATOM   142  C C   . ARG A 1 20  ? -11.713 0.062   -4.252  1.00 45.04  ? 20   ARG A C   1 
ATOM   143  O O   . ARG A 1 20  ? -11.351 0.633   -3.223  1.00 44.93  ? 20   ARG A O   1 
ATOM   144  C CB  . ARG A 1 20  ? -10.534 0.449   -6.438  1.00 48.50  ? 20   ARG A CB  1 
ATOM   145  C CG  . ARG A 1 20  ? -10.008 1.838   -6.066  1.00 50.54  ? 20   ARG A CG  1 
ATOM   146  C CD  . ARG A 1 20  ? -9.648  2.708   -7.275  1.00 52.80  ? 20   ARG A CD  1 
ATOM   147  N NE  . ARG A 1 20  ? -10.767 2.965   -8.179  1.00 56.98  ? 20   ARG A NE  1 
ATOM   148  C CZ  . ARG A 1 20  ? -11.182 2.136   -9.134  1.00 59.29  ? 20   ARG A CZ  1 
ATOM   149  N NH1 . ARG A 1 20  ? -10.568 0.976   -9.337  1.00 62.78  ? 20   ARG A NH1 1 
ATOM   150  N NH2 . ARG A 1 20  ? -12.220 2.468   -9.890  1.00 57.96  ? 20   ARG A NH2 1 
ATOM   151  N N   . MET A 1 21  ? -12.989 -0.120  -4.574  1.00 46.40  ? 21   MET A N   1 
ATOM   152  C CA  . MET A 1 21  ? -14.104 0.338   -3.747  1.00 44.66  ? 21   MET A CA  1 
ATOM   153  C C   . MET A 1 21  ? -14.102 -0.336  -2.369  1.00 43.74  ? 21   MET A C   1 
ATOM   154  O O   . MET A 1 21  ? -14.244 0.324   -1.337  1.00 41.26  ? 21   MET A O   1 
ATOM   155  C CB  . MET A 1 21  ? -15.407 0.018   -4.472  1.00 47.38  ? 21   MET A CB  1 
ATOM   156  C CG  . MET A 1 21  ? -16.680 0.438   -3.774  1.00 53.33  ? 21   MET A CG  1 
ATOM   157  S SD  . MET A 1 21  ? -18.104 -0.248  -4.662  1.00 56.59  ? 21   MET A SD  1 
ATOM   158  C CE  . MET A 1 21  ? -17.860 0.460   -6.305  1.00 57.39  ? 21   MET A CE  1 
ATOM   159  N N   . VAL A 1 22  ? -13.953 -1.656  -2.350  1.00 43.33  ? 22   VAL A N   1 
ATOM   160  C CA  . VAL A 1 22  ? -13.952 -2.394  -1.090  1.00 42.43  ? 22   VAL A CA  1 
ATOM   161  C C   . VAL A 1 22  ? -12.793 -1.930  -0.221  1.00 42.40  ? 22   VAL A C   1 
ATOM   162  O O   . VAL A 1 22  ? -12.960 -1.634  0.967   1.00 40.91  ? 22   VAL A O   1 
ATOM   163  C CB  . VAL A 1 22  ? -13.793 -3.907  -1.326  1.00 41.37  ? 22   VAL A CB  1 
ATOM   164  C CG1 . VAL A 1 22  ? -13.723 -4.627  -0.007  1.00 35.29  ? 22   VAL A CG1 1 
ATOM   165  C CG2 . VAL A 1 22  ? -14.946 -4.428  -2.164  1.00 44.38  ? 22   VAL A CG2 1 
ATOM   166  N N   . THR A 1 23  ? -11.612 -1.866  -0.820  1.00 39.44  ? 23   THR A N   1 
ATOM   167  C CA  . THR A 1 23  ? -10.438 -1.444  -0.085  1.00 38.78  ? 23   THR A CA  1 
ATOM   168  C C   . THR A 1 23  ? -10.636 -0.060  0.522   1.00 39.51  ? 23   THR A C   1 
ATOM   169  O O   . THR A 1 23  ? -10.314 0.149   1.693   1.00 36.02  ? 23   THR A O   1 
ATOM   170  C CB  . THR A 1 23  ? -9.210  -1.466  -0.983  1.00 36.66  ? 23   THR A CB  1 
ATOM   171  O OG1 . THR A 1 23  ? -9.011  -2.806  -1.458  1.00 35.80  ? 23   THR A OG1 1 
ATOM   172  C CG2 . THR A 1 23  ? -7.987  -1.014  -0.210  1.00 34.06  ? 23   THR A CG2 1 
ATOM   173  N N   . LYS A 1 24  ? -11.182 0.876   -0.251  1.00 40.73  ? 24   LYS A N   1 
ATOM   174  C CA  . LYS A 1 24  ? -11.426 2.218   0.278   1.00 44.41  ? 24   LYS A CA  1 
ATOM   175  C C   . LYS A 1 24  ? -12.386 2.167   1.462   1.00 43.42  ? 24   LYS A C   1 
ATOM   176  O O   . LYS A 1 24  ? -12.174 2.840   2.471   1.00 44.51  ? 24   LYS A O   1 
ATOM   177  C CB  . LYS A 1 24  ? -12.019 3.140   -0.792  1.00 47.62  ? 24   LYS A CB  1 
ATOM   178  C CG  . LYS A 1 24  ? -12.358 4.545   -0.260  1.00 54.17  ? 24   LYS A CG  1 
ATOM   179  C CD  . LYS A 1 24  ? -12.871 5.490   -1.357  1.00 56.02  ? 24   LYS A CD  1 
ATOM   180  C CE  . LYS A 1 24  ? -13.091 6.899   -0.818  1.00 57.45  ? 24   LYS A CE  1 
ATOM   181  N NZ  . LYS A 1 24  ? -13.379 7.895   -1.893  1.00 57.57  ? 24   LYS A NZ  1 
ATOM   182  N N   . GLY A 1 25  ? -13.434 1.359   1.329   1.00 43.54  ? 25   GLY A N   1 
ATOM   183  C CA  . GLY A 1 25  ? -14.431 1.238   2.375   1.00 43.66  ? 25   GLY A CA  1 
ATOM   184  C C   . GLY A 1 25  ? -13.869 0.797   3.712   1.00 45.14  ? 25   GLY A C   1 
ATOM   185  O O   . GLY A 1 25  ? -14.234 1.334   4.755   1.00 44.45  ? 25   GLY A O   1 
ATOM   186  N N   . LEU A 1 26  ? -12.990 -0.196  3.679   1.00 44.93  ? 26   LEU A N   1 
ATOM   187  C CA  . LEU A 1 26  ? -12.371 -0.712  4.890   1.00 45.54  ? 26   LEU A CA  1 
ATOM   188  C C   . LEU A 1 26  ? -11.484 0.360   5.525   1.00 47.22  ? 26   LEU A C   1 
ATOM   189  O O   . LEU A 1 26  ? -11.518 0.570   6.739   1.00 47.76  ? 26   LEU A O   1 
ATOM   190  C CB  . LEU A 1 26  ? -11.536 -1.954  4.558   1.00 43.32  ? 26   LEU A CB  1 
ATOM   191  C CG  . LEU A 1 26  ? -12.291 -3.115  3.898   1.00 46.87  ? 26   LEU A CG  1 
ATOM   192  C CD1 . LEU A 1 26  ? -11.297 -4.175  3.458   1.00 44.36  ? 26   LEU A CD1 1 
ATOM   193  C CD2 . LEU A 1 26  ? -13.324 -3.700  4.864   1.00 45.47  ? 26   LEU A CD2 1 
ATOM   194  N N   . LEU A 1 27  ? -10.698 1.041   4.697   1.00 47.23  ? 27   LEU A N   1 
ATOM   195  C CA  . LEU A 1 27  ? -9.806  2.080   5.183   1.00 47.19  ? 27   LEU A CA  1 
ATOM   196  C C   . LEU A 1 27  ? -10.608 3.231   5.777   1.00 49.14  ? 27   LEU A C   1 
ATOM   197  O O   . LEU A 1 27  ? -10.194 3.844   6.761   1.00 51.54  ? 27   LEU A O   1 
ATOM   198  C CB  . LEU A 1 27  ? -8.910  2.577   4.045   1.00 47.69  ? 27   LEU A CB  1 
ATOM   199  C CG  . LEU A 1 27  ? -7.994  1.512   3.426   1.00 47.56  ? 27   LEU A CG  1 
ATOM   200  C CD1 . LEU A 1 27  ? -7.192  2.108   2.284   1.00 46.85  ? 27   LEU A CD1 1 
ATOM   201  C CD2 . LEU A 1 27  ? -7.063  0.956   4.497   1.00 48.99  ? 27   LEU A CD2 1 
ATOM   202  N N   . VAL A 1 28  ? -11.760 3.524   5.186   1.00 49.22  ? 28   VAL A N   1 
ATOM   203  C CA  . VAL A 1 28  ? -12.614 4.595   5.700   1.00 47.43  ? 28   VAL A CA  1 
ATOM   204  C C   . VAL A 1 28  ? -13.215 4.234   7.059   1.00 46.91  ? 28   VAL A C   1 
ATOM   205  O O   . VAL A 1 28  ? -13.435 5.102   7.897   1.00 48.20  ? 28   VAL A O   1 
ATOM   206  C CB  . VAL A 1 28  ? -13.754 4.924   4.716   1.00 45.91  ? 28   VAL A CB  1 
ATOM   207  C CG1 . VAL A 1 28  ? -14.815 5.794   5.407   1.00 43.63  ? 28   VAL A CG1 1 
ATOM   208  C CG2 . VAL A 1 28  ? -13.179 5.649   3.499   1.00 42.23  ? 28   VAL A CG2 1 
ATOM   209  N N   . HIS A 1 29  ? -13.482 2.955   7.277   1.00 46.21  ? 29   HIS A N   1 
ATOM   210  C CA  . HIS A 1 29  ? -14.038 2.526   8.548   1.00 48.14  ? 29   HIS A CA  1 
ATOM   211  C C   . HIS A 1 29  ? -12.985 2.637   9.642   1.00 48.46  ? 29   HIS A C   1 
ATOM   212  O O   . HIS A 1 29  ? -13.313 2.770   10.822  1.00 48.10  ? 29   HIS A O   1 
ATOM   213  C CB  . HIS A 1 29  ? -14.500 1.082   8.480   1.00 50.48  ? 29   HIS A CB  1 
ATOM   214  C CG  . HIS A 1 29  ? -15.032 0.573   9.777   1.00 54.48  ? 29   HIS A CG  1 
ATOM   215  N ND1 . HIS A 1 29  ? -16.222 1.014   10.313  1.00 57.51  ? 29   HIS A ND1 1 
ATOM   216  C CD2 . HIS A 1 29  ? -14.504 -0.287  10.679  1.00 55.33  ? 29   HIS A CD2 1 
ATOM   217  C CE1 . HIS A 1 29  ? -16.405 0.447   11.494  1.00 59.11  ? 29   HIS A CE1 1 
ATOM   218  N NE2 . HIS A 1 29  ? -15.379 -0.345  11.739  1.00 58.45  ? 29   HIS A NE2 1 
ATOM   219  N N   . LEU A 1 30  ? -11.720 2.554   9.243   1.00 47.58  ? 30   LEU A N   1 
ATOM   220  C CA  . LEU A 1 30  ? -10.613 2.645   10.184  1.00 48.81  ? 30   LEU A CA  1 
ATOM   221  C C   . LEU A 1 30  ? -10.245 4.095   10.448  1.00 49.38  ? 30   LEU A C   1 
ATOM   222  O O   . LEU A 1 30  ? -9.398  4.387   11.289  1.00 49.95  ? 30   LEU A O   1 
ATOM   223  C CB  . LEU A 1 30  ? -9.399  1.894   9.643   1.00 47.14  ? 30   LEU A CB  1 
ATOM   224  C CG  . LEU A 1 30  ? -9.572  0.381   9.573   1.00 44.63  ? 30   LEU A CG  1 
ATOM   225  C CD1 . LEU A 1 30  ? -8.368  -0.267  8.904   1.00 40.15  ? 30   LEU A CD1 1 
ATOM   226  C CD2 . LEU A 1 30  ? -9.764  -0.139  10.987  1.00 44.72  ? 30   LEU A CD2 1 
ATOM   227  N N   . GLY A 1 31  ? -10.884 4.997   9.717   1.00 49.52  ? 31   GLY A N   1 
ATOM   228  C CA  . GLY A 1 31  ? -10.625 6.409   9.899   1.00 51.91  ? 31   GLY A CA  1 
ATOM   229  C C   . GLY A 1 31  ? -9.668  7.030   8.901   1.00 55.45  ? 31   GLY A C   1 
ATOM   230  O O   . GLY A 1 31  ? -9.173  8.127   9.140   1.00 59.22  ? 31   GLY A O   1 
ATOM   231  N N   . CYS A 1 32  ? -9.411  6.365   7.780   1.00 54.62  ? 32   CYS A N   1 
ATOM   232  C CA  . CYS A 1 32  ? -8.480  6.912   6.796   1.00 53.88  ? 32   CYS A CA  1 
ATOM   233  C C   . CYS A 1 32  ? -9.086  7.870   5.780   1.00 55.51  ? 32   CYS A C   1 
ATOM   234  O O   . CYS A 1 32  ? -10.274 7.791   5.458   1.00 56.26  ? 32   CYS A O   1 
ATOM   235  C CB  . CYS A 1 32  ? -7.802  5.786   6.017   1.00 51.62  ? 32   CYS A CB  1 
ATOM   236  S SG  . CYS A 1 32  ? -6.788  4.708   6.999   1.00 47.42  ? 32   CYS A SG  1 
ATOM   237  N N   . GLU A 1 33  ? -8.249  8.782   5.286   1.00 56.46  ? 33   GLU A N   1 
ATOM   238  C CA  . GLU A 1 33  ? -8.643  9.722   4.244   1.00 55.77  ? 33   GLU A CA  1 
ATOM   239  C C   . GLU A 1 33  ? -8.087  9.033   3.013   1.00 54.68  ? 33   GLU A C   1 
ATOM   240  O O   . GLU A 1 33  ? -6.888  9.084   2.744   1.00 55.91  ? 33   GLU A O   1 
ATOM   241  C CB  . GLU A 1 33  ? -7.993  11.096  4.446   1.00 57.87  ? 33   GLU A CB  1 
ATOM   242  C CG  . GLU A 1 33  ? -8.559  11.881  5.636   1.00 62.55  ? 33   GLU A CG  1 
ATOM   243  C CD  . GLU A 1 33  ? -7.966  13.280  5.777   1.00 63.93  ? 33   GLU A CD  1 
ATOM   244  O OE1 . GLU A 1 33  ? -8.035  14.063  4.797   1.00 62.50  ? 33   GLU A OE1 1 
ATOM   245  O OE2 . GLU A 1 33  ? -7.445  13.596  6.873   1.00 64.41  ? 33   GLU A OE2 1 
ATOM   246  N N   . VAL A 1 34  ? -8.977  8.373   2.282   1.00 52.46  ? 34   VAL A N   1 
ATOM   247  C CA  . VAL A 1 34  ? -8.609  7.597   1.116   1.00 49.57  ? 34   VAL A CA  1 
ATOM   248  C C   . VAL A 1 34  ? -8.798  8.260   -0.239  1.00 52.66  ? 34   VAL A C   1 
ATOM   249  O O   . VAL A 1 34  ? -9.886  8.733   -0.581  1.00 54.71  ? 34   VAL A O   1 
ATOM   250  C CB  . VAL A 1 34  ? -9.411  6.268   1.080   1.00 46.35  ? 34   VAL A CB  1 
ATOM   251  C CG1 . VAL A 1 34  ? -8.791  5.320   0.082   1.00 45.58  ? 34   VAL A CG1 1 
ATOM   252  C CG2 . VAL A 1 34  ? -9.471  5.643   2.457   1.00 43.97  ? 34   VAL A CG2 1 
ATOM   253  N N   . THR A 1 35  ? -7.719  8.280   -1.012  1.00 54.59  ? 35   THR A N   1 
ATOM   254  C CA  . THR A 1 35  ? -7.742  8.798   -2.372  1.00 53.45  ? 35   THR A CA  1 
ATOM   255  C C   . THR A 1 35  ? -7.542  7.542   -3.189  1.00 52.73  ? 35   THR A C   1 
ATOM   256  O O   . THR A 1 35  ? -6.758  6.673   -2.808  1.00 53.57  ? 35   THR A O   1 
ATOM   257  C CB  . THR A 1 35  ? -6.570  9.723   -2.678  1.00 53.48  ? 35   THR A CB  1 
ATOM   258  O OG1 . THR A 1 35  ? -6.658  10.896  -1.869  1.00 54.78  ? 35   THR A OG1 1 
ATOM   259  C CG2 . THR A 1 35  ? -6.583  10.106  -4.152  1.00 52.37  ? 35   THR A CG2 1 
ATOM   260  N N   . THR A 1 36  ? -8.241  7.432   -4.306  1.00 51.80  ? 36   THR A N   1 
ATOM   261  C CA  . THR A 1 36  ? -8.104  6.246   -5.126  1.00 49.15  ? 36   THR A CA  1 
ATOM   262  C C   . THR A 1 36  ? -7.759  6.573   -6.562  1.00 46.94  ? 36   THR A C   1 
ATOM   263  O O   . THR A 1 36  ? -8.060  7.651   -7.054  1.00 46.66  ? 36   THR A O   1 
ATOM   264  C CB  . THR A 1 36  ? -9.392  5.418   -5.087  1.00 50.94  ? 36   THR A CB  1 
ATOM   265  O OG1 . THR A 1 36  ? -10.496 6.236   -5.490  1.00 52.19  ? 36   THR A OG1 1 
ATOM   266  C CG2 . THR A 1 36  ? -9.643  4.898   -3.682  1.00 50.07  ? 36   THR A CG2 1 
ATOM   267  N N   . VAL A 1 37  ? -7.098  5.630   -7.218  1.00 46.44  ? 37   VAL A N   1 
ATOM   268  C CA  . VAL A 1 37  ? -6.707  5.774   -8.610  1.00 45.06  ? 37   VAL A CA  1 
ATOM   269  C C   . VAL A 1 37  ? -6.810  4.402   -9.230  1.00 43.93  ? 37   VAL A C   1 
ATOM   270  O O   . VAL A 1 37  ? -6.723  3.400   -8.529  1.00 44.85  ? 37   VAL A O   1 
ATOM   271  C CB  . VAL A 1 37  ? -5.273  6.281   -8.748  1.00 44.22  ? 37   VAL A CB  1 
ATOM   272  C CG1 . VAL A 1 37  ? -5.182  7.712   -8.240  1.00 42.92  ? 37   VAL A CG1 1 
ATOM   273  C CG2 . VAL A 1 37  ? -4.331  5.369   -7.966  1.00 45.93  ? 37   VAL A CG2 1 
ATOM   274  N N   . SER A 1 38  ? -6.973  4.364   -10.545 1.00 43.79  ? 38   SER A N   1 
ATOM   275  C CA  . SER A 1 38  ? -7.138  3.109   -11.259 1.00 45.92  ? 38   SER A CA  1 
ATOM   276  C C   . SER A 1 38  ? -6.161  2.840   -12.397 1.00 47.12  ? 38   SER A C   1 
ATOM   277  O O   . SER A 1 38  ? -6.429  2.015   -13.264 1.00 48.84  ? 38   SER A O   1 
ATOM   278  C CB  . SER A 1 38  ? -8.563  3.056   -11.784 1.00 47.95  ? 38   SER A CB  1 
ATOM   279  O OG  . SER A 1 38  ? -8.908  4.334   -12.299 1.00 45.96  ? 38   SER A OG  1 
ATOM   280  N N   . SER A 1 39  ? -5.035  3.534   -12.404 1.00 48.05  ? 39   SER A N   1 
ATOM   281  C CA  . SER A 1 39  ? -4.038  3.316   -13.441 1.00 50.39  ? 39   SER A CA  1 
ATOM   282  C C   . SER A 1 39  ? -2.679  3.708   -12.874 1.00 52.19  ? 39   SER A C   1 
ATOM   283  O O   . SER A 1 39  ? -2.605  4.462   -11.898 1.00 49.19  ? 39   SER A O   1 
ATOM   284  C CB  . SER A 1 39  ? -4.351  4.157   -14.681 1.00 50.54  ? 39   SER A CB  1 
ATOM   285  O OG  . SER A 1 39  ? -4.217  5.541   -14.408 1.00 51.10  ? 39   SER A OG  1 
ATOM   286  N N   . ASN A 1 40  ? -1.607  3.199   -13.475 1.00 54.44  ? 40   ASN A N   1 
ATOM   287  C CA  . ASN A 1 40  ? -0.271  3.524   -12.995 1.00 56.41  ? 40   ASN A CA  1 
ATOM   288  C C   . ASN A 1 40  ? 0.051   4.992   -13.246 1.00 57.55  ? 40   ASN A C   1 
ATOM   289  O O   . ASN A 1 40  ? 0.476   5.705   -12.327 1.00 58.18  ? 40   ASN A O   1 
ATOM   290  C CB  . ASN A 1 40  ? 0.765   2.636   -13.679 1.00 59.08  ? 40   ASN A CB  1 
ATOM   291  C CG  . ASN A 1 40  ? 0.554   1.168   -13.379 1.00 59.87  ? 40   ASN A CG  1 
ATOM   292  O OD1 . ASN A 1 40  ? 0.558   0.757   -12.218 1.00 58.61  ? 40   ASN A OD1 1 
ATOM   293  N ND2 . ASN A 1 40  ? 0.364   0.369   -14.426 1.00 60.90  ? 40   ASN A ND2 1 
ATOM   294  N N   . GLU A 1 41  ? -0.166  5.443   -14.482 1.00 55.54  ? 41   GLU A N   1 
ATOM   295  C CA  . GLU A 1 41  ? 0.106   6.829   -14.842 1.00 53.86  ? 41   GLU A CA  1 
ATOM   296  C C   . GLU A 1 41  ? -0.614  7.755   -13.878 1.00 53.90  ? 41   GLU A C   1 
ATOM   297  O O   . GLU A 1 41  ? -0.058  8.770   -13.448 1.00 55.75  ? 41   GLU A O   1 
ATOM   298  C CB  . GLU A 1 41  ? -0.347  7.105   -16.269 1.00 52.12  ? 41   GLU A CB  1 
ATOM   299  N N   . GLU A 1 42  ? -1.849  7.399   -13.531 1.00 53.35  ? 42   GLU A N   1 
ATOM   300  C CA  . GLU A 1 42  ? -2.647  8.206   -12.611 1.00 53.51  ? 42   GLU A CA  1 
ATOM   301  C C   . GLU A 1 42  ? -2.038  8.184   -11.213 1.00 53.36  ? 42   GLU A C   1 
ATOM   302  O O   . GLU A 1 42  ? -1.979  9.211   -10.531 1.00 51.99  ? 42   GLU A O   1 
ATOM   303  C CB  . GLU A 1 42  ? -4.091  7.691   -12.546 1.00 53.02  ? 42   GLU A CB  1 
ATOM   304  C CG  . GLU A 1 42  ? -5.019  8.502   -11.627 1.00 58.47  ? 42   GLU A CG  1 
ATOM   305  C CD  . GLU A 1 42  ? -6.455  7.967   -11.596 1.00 63.18  ? 42   GLU A CD  1 
ATOM   306  O OE1 . GLU A 1 42  ? -7.326  8.593   -10.939 1.00 65.14  ? 42   GLU A OE1 1 
ATOM   307  O OE2 . GLU A 1 42  ? -6.713  6.915   -12.228 1.00 66.28  ? 42   GLU A OE2 1 
ATOM   308  N N   . CYS A 1 43  ? -1.572  7.012   -10.793 1.00 53.82  ? 43   CYS A N   1 
ATOM   309  C CA  . CYS A 1 43  ? -0.988  6.880   -9.469  1.00 53.63  ? 43   CYS A CA  1 
ATOM   310  C C   . CYS A 1 43  ? 0.235   7.773   -9.311  1.00 53.81  ? 43   CYS A C   1 
ATOM   311  O O   . CYS A 1 43  ? 0.430   8.393   -8.263  1.00 51.00  ? 43   CYS A O   1 
ATOM   312  C CB  . CYS A 1 43  ? -0.599  5.433   -9.211  1.00 55.58  ? 43   CYS A CB  1 
ATOM   313  S SG  . CYS A 1 43  ? -0.191  5.119   -7.489  1.00 55.81  ? 43   CYS A SG  1 
ATOM   314  N N   . LEU A 1 44  ? 1.046   7.845   -10.364 1.00 55.44  ? 44   LEU A N   1 
ATOM   315  C CA  . LEU A 1 44  ? 2.264   8.649   -10.348 1.00 57.90  ? 44   LEU A CA  1 
ATOM   316  C C   . LEU A 1 44  ? 2.072   10.152  -10.243 1.00 58.78  ? 44   LEU A C   1 
ATOM   317  O O   . LEU A 1 44  ? 2.924   10.846  -9.695  1.00 59.11  ? 44   LEU A O   1 
ATOM   318  C CB  . LEU A 1 44  ? 3.114   8.330   -11.575 1.00 58.79  ? 44   LEU A CB  1 
ATOM   319  C CG  . LEU A 1 44  ? 3.671   6.907   -11.560 1.00 60.43  ? 44   LEU A CG  1 
ATOM   320  C CD1 . LEU A 1 44  ? 4.490   6.657   -12.824 1.00 62.43  ? 44   LEU A CD1 1 
ATOM   321  C CD2 . LEU A 1 44  ? 4.527   6.716   -10.305 1.00 59.05  ? 44   LEU A CD2 1 
ATOM   322  N N   . ARG A 1 45  ? 0.964   10.663  -10.772 1.00 61.69  ? 45   ARG A N   1 
ATOM   323  C CA  . ARG A 1 45  ? 0.701   12.098  -10.698 1.00 62.21  ? 45   ARG A CA  1 
ATOM   324  C C   . ARG A 1 45  ? -0.025  12.458  -9.413  1.00 61.44  ? 45   ARG A C   1 
ATOM   325  O O   . ARG A 1 45  ? 0.171   13.544  -8.870  1.00 63.14  ? 45   ARG A O   1 
ATOM   326  C CB  . ARG A 1 45  ? -0.134  12.560  -11.890 1.00 64.48  ? 45   ARG A CB  1 
ATOM   327  C CG  . ARG A 1 45  ? 0.551   12.378  -13.228 1.00 68.06  ? 45   ARG A CG  1 
ATOM   328  C CD  . ARG A 1 45  ? -0.379  12.794  -14.340 1.00 69.88  ? 45   ARG A CD  1 
ATOM   329  N NE  . ARG A 1 45  ? -1.662  12.109  -14.221 1.00 70.81  ? 45   ARG A NE  1 
ATOM   330  C CZ  . ARG A 1 45  ? -2.662  12.246  -15.085 1.00 72.14  ? 45   ARG A CZ  1 
ATOM   331  N NH1 . ARG A 1 45  ? -2.521  13.044  -16.135 1.00 71.27  ? 45   ARG A NH1 1 
ATOM   332  N NH2 . ARG A 1 45  ? -3.799  11.589  -14.896 1.00 71.39  ? 45   ARG A NH2 1 
ATOM   333  N N   . VAL A 1 46  ? -0.851  11.544  -8.919  1.00 58.42  ? 46   VAL A N   1 
ATOM   334  C CA  . VAL A 1 46  ? -1.604  11.806  -7.705  1.00 55.69  ? 46   VAL A CA  1 
ATOM   335  C C   . VAL A 1 46  ? -0.839  11.583  -6.411  1.00 55.52  ? 46   VAL A C   1 
ATOM   336  O O   . VAL A 1 46  ? -1.000  12.347  -5.461  1.00 56.17  ? 46   VAL A O   1 
ATOM   337  C CB  . VAL A 1 46  ? -2.879  10.962  -7.650  1.00 54.43  ? 46   VAL A CB  1 
ATOM   338  C CG1 . VAL A 1 46  ? -3.628  11.252  -6.355  1.00 53.55  ? 46   VAL A CG1 1 
ATOM   339  C CG2 . VAL A 1 46  ? -3.751  11.263  -8.856  1.00 53.75  ? 46   VAL A CG2 1 
ATOM   340  N N   . VAL A 1 47  ? -0.006  10.551  -6.364  1.00 54.22  ? 47   VAL A N   1 
ATOM   341  C CA  . VAL A 1 47  ? 0.746   10.253  -5.146  1.00 55.13  ? 47   VAL A CA  1 
ATOM   342  C C   . VAL A 1 47  ? 1.625   11.407  -4.649  1.00 57.70  ? 47   VAL A C   1 
ATOM   343  O O   . VAL A 1 47  ? 2.578   11.819  -5.314  1.00 58.60  ? 47   VAL A O   1 
ATOM   344  C CB  . VAL A 1 47  ? 1.626   8.985   -5.327  1.00 52.83  ? 47   VAL A CB  1 
ATOM   345  C CG1 . VAL A 1 47  ? 2.687   9.221   -6.390  1.00 50.52  ? 47   VAL A CG1 1 
ATOM   346  C CG2 . VAL A 1 47  ? 2.262   8.598   -3.998  1.00 50.44  ? 47   VAL A CG2 1 
ATOM   347  N N   . SER A 1 48  ? 1.305   11.926  -3.466  1.00 61.29  ? 48   SER A N   1 
ATOM   348  C CA  . SER A 1 48  ? 2.075   13.022  -2.885  1.00 63.00  ? 48   SER A CA  1 
ATOM   349  C C   . SER A 1 48  ? 2.468   12.700  -1.452  1.00 64.43  ? 48   SER A C   1 
ATOM   350  O O   . SER A 1 48  ? 2.010   11.713  -0.870  1.00 63.96  ? 48   SER A O   1 
ATOM   351  C CB  . SER A 1 48  ? 1.264   14.322  -2.892  1.00 63.51  ? 48   SER A CB  1 
ATOM   352  O OG  . SER A 1 48  ? 0.189   14.259  -1.971  1.00 64.20  ? 48   SER A OG  1 
ATOM   353  N N   . HIS A 1 49  ? 3.322   13.552  -0.897  1.00 67.14  ? 49   HIS A N   1 
ATOM   354  C CA  . HIS A 1 49  ? 3.813   13.413  0.471   1.00 69.34  ? 49   HIS A CA  1 
ATOM   355  C C   . HIS A 1 49  ? 2.642   13.338  1.440   1.00 68.67  ? 49   HIS A C   1 
ATOM   356  O O   . HIS A 1 49  ? 2.782   12.871  2.570   1.00 69.38  ? 49   HIS A O   1 
ATOM   357  C CB  . HIS A 1 49  ? 4.685   14.617  0.817   1.00 72.63  ? 49   HIS A CB  1 
ATOM   358  C CG  . HIS A 1 49  ? 3.961   15.923  0.712   1.00 74.90  ? 49   HIS A CG  1 
ATOM   359  N ND1 . HIS A 1 49  ? 2.977   16.300  1.601   1.00 76.66  ? 49   HIS A ND1 1 
ATOM   360  C CD2 . HIS A 1 49  ? 4.020   16.902  -0.222  1.00 74.53  ? 49   HIS A CD2 1 
ATOM   361  C CE1 . HIS A 1 49  ? 2.460   17.454  1.220   1.00 75.95  ? 49   HIS A CE1 1 
ATOM   362  N NE2 . HIS A 1 49  ? 3.074   17.843  0.116   1.00 74.37  ? 49   HIS A NE2 1 
ATOM   363  N N   . GLU A 1 50  ? 1.491   13.825  0.994   1.00 67.28  ? 50   GLU A N   1 
ATOM   364  C CA  . GLU A 1 50  ? 0.285   13.806  1.803   1.00 65.71  ? 50   GLU A CA  1 
ATOM   365  C C   . GLU A 1 50  ? 0.032   12.366  2.207   1.00 62.76  ? 50   GLU A C   1 
ATOM   366  O O   . GLU A 1 50  ? -0.262  12.077  3.365   1.00 62.98  ? 50   GLU A O   1 
ATOM   367  C CB  . GLU A 1 50  ? -0.897  14.297  0.978   1.00 70.26  ? 50   GLU A CB  1 
ATOM   368  C CG  . GLU A 1 50  ? -0.744  15.697  0.421   1.00 74.57  ? 50   GLU A CG  1 
ATOM   369  C CD  . GLU A 1 50  ? -0.949  16.770  1.460   1.00 76.65  ? 50   GLU A CD  1 
ATOM   370  O OE1 . GLU A 1 50  ? -0.179  16.808  2.445   1.00 77.71  ? 50   GLU A OE1 1 
ATOM   371  O OE2 . GLU A 1 50  ? -1.890  17.573  1.287   1.00 77.21  ? 50   GLU A OE2 1 
ATOM   372  N N   . HIS A 1 51  ? 0.173   11.472  1.230   1.00 58.51  ? 51   HIS A N   1 
ATOM   373  C CA  . HIS A 1 51  ? -0.054  10.045  1.402   1.00 53.30  ? 51   HIS A CA  1 
ATOM   374  C C   . HIS A 1 51  ? 1.002   9.329   2.217   1.00 51.58  ? 51   HIS A C   1 
ATOM   375  O O   . HIS A 1 51  ? 2.146   9.179   1.782   1.00 50.77  ? 51   HIS A O   1 
ATOM   376  C CB  . HIS A 1 51  ? -0.147  9.384   0.042   1.00 52.89  ? 51   HIS A CB  1 
ATOM   377  C CG  . HIS A 1 51  ? -1.080  10.080  -0.894  1.00 56.53  ? 51   HIS A CG  1 
ATOM   378  N ND1 . HIS A 1 51  ? -2.398  10.335  -0.579  1.00 58.41  ? 51   HIS A ND1 1 
ATOM   379  C CD2 . HIS A 1 51  ? -0.890  10.571  -2.140  1.00 55.99  ? 51   HIS A CD2 1 
ATOM   380  C CE1 . HIS A 1 51  ? -2.979  10.952  -1.592  1.00 56.18  ? 51   HIS A CE1 1 
ATOM   381  N NE2 . HIS A 1 51  ? -2.085  11.108  -2.551  1.00 56.30  ? 51   HIS A NE2 1 
ATOM   382  N N   . LYS A 1 52  ? 0.605   8.872   3.398   1.00 49.01  ? 52   LYS A N   1 
ATOM   383  C CA  . LYS A 1 52  ? 1.509   8.147   4.274   1.00 48.83  ? 52   LYS A CA  1 
ATOM   384  C C   . LYS A 1 52  ? 1.624   6.695   3.842   1.00 48.33  ? 52   LYS A C   1 
ATOM   385  O O   . LYS A 1 52  ? 2.614   6.024   4.155   1.00 49.03  ? 52   LYS A O   1 
ATOM   386  C CB  . LYS A 1 52  ? 1.019   8.229   5.722   1.00 49.02  ? 52   LYS A CB  1 
ATOM   387  C CG  . LYS A 1 52  ? 1.058   9.642   6.248   1.00 52.66  ? 52   LYS A CG  1 
ATOM   388  C CD  . LYS A 1 52  ? 2.463   10.197  6.058   1.00 53.00  ? 52   LYS A CD  1 
ATOM   389  C CE  . LYS A 1 52  ? 2.541   11.688  6.301   1.00 55.46  ? 52   LYS A CE  1 
ATOM   390  N NZ  . LYS A 1 52  ? 3.874   12.202  5.875   1.00 57.78  ? 52   LYS A NZ  1 
ATOM   391  N N   . VAL A 1 53  ? 0.613   6.208   3.122   1.00 46.34  ? 53   VAL A N   1 
ATOM   392  C CA  . VAL A 1 53  ? 0.621   4.829   2.653   1.00 43.07  ? 53   VAL A CA  1 
ATOM   393  C C   . VAL A 1 53  ? -0.057  4.658   1.297   1.00 42.33  ? 53   VAL A C   1 
ATOM   394  O O   . VAL A 1 53  ? -1.077  5.290   1.009   1.00 43.88  ? 53   VAL A O   1 
ATOM   395  C CB  . VAL A 1 53  ? -0.103  3.886   3.635   1.00 40.98  ? 53   VAL A CB  1 
ATOM   396  C CG1 . VAL A 1 53  ? 0.149   2.437   3.223   1.00 40.16  ? 53   VAL A CG1 1 
ATOM   397  C CG2 . VAL A 1 53  ? 0.350   4.142   5.065   1.00 41.12  ? 53   VAL A CG2 1 
ATOM   398  N N   . VAL A 1 54  ? 0.522   3.805   0.462   1.00 39.82  ? 54   VAL A N   1 
ATOM   399  C CA  . VAL A 1 54  ? -0.065  3.508   -0.833  1.00 38.80  ? 54   VAL A CA  1 
ATOM   400  C C   . VAL A 1 54  ? -0.303  2.009   -0.912  1.00 39.00  ? 54   VAL A C   1 
ATOM   401  O O   . VAL A 1 54  ? 0.644   1.218   -0.845  1.00 38.28  ? 54   VAL A O   1 
ATOM   402  C CB  . VAL A 1 54  ? 0.843   3.894   -2.011  1.00 38.14  ? 54   VAL A CB  1 
ATOM   403  C CG1 . VAL A 1 54  ? 0.194   3.428   -3.334  1.00 32.50  ? 54   VAL A CG1 1 
ATOM   404  C CG2 . VAL A 1 54  ? 1.070   5.397   -2.025  1.00 37.00  ? 54   VAL A CG2 1 
ATOM   405  N N   . PHE A 1 55  ? -1.571  1.626   -1.018  1.00 36.88  ? 55   PHE A N   1 
ATOM   406  C CA  . PHE A 1 55  ? -1.925  0.226   -1.143  1.00 36.61  ? 55   PHE A CA  1 
ATOM   407  C C   . PHE A 1 55  ? -2.062  0.020   -2.640  1.00 37.57  ? 55   PHE A C   1 
ATOM   408  O O   . PHE A 1 55  ? -2.834  0.726   -3.281  1.00 41.22  ? 55   PHE A O   1 
ATOM   409  C CB  . PHE A 1 55  ? -3.258  -0.067  -0.453  1.00 36.68  ? 55   PHE A CB  1 
ATOM   410  C CG  . PHE A 1 55  ? -3.230  0.123   1.043   1.00 37.76  ? 55   PHE A CG  1 
ATOM   411  C CD1 . PHE A 1 55  ? -3.410  1.378   1.606   1.00 41.37  ? 55   PHE A CD1 1 
ATOM   412  C CD2 . PHE A 1 55  ? -3.017  -0.966  1.888   1.00 38.13  ? 55   PHE A CD2 1 
ATOM   413  C CE1 . PHE A 1 55  ? -3.384  1.548   2.990   1.00 42.15  ? 55   PHE A CE1 1 
ATOM   414  C CE2 . PHE A 1 55  ? -2.986  -0.811  3.271   1.00 38.91  ? 55   PHE A CE2 1 
ATOM   415  C CZ  . PHE A 1 55  ? -3.171  0.448   3.824   1.00 42.05  ? 55   PHE A CZ  1 
ATOM   416  N N   . MET A 1 56  ? -1.307  -0.906  -3.209  1.00 37.26  ? 56   MET A N   1 
ATOM   417  C CA  . MET A 1 56  ? -1.387  -1.141  -4.645  1.00 40.76  ? 56   MET A CA  1 
ATOM   418  C C   . MET A 1 56  ? -1.669  -2.603  -4.932  1.00 42.80  ? 56   MET A C   1 
ATOM   419  O O   . MET A 1 56  ? -1.195  -3.495  -4.209  1.00 40.06  ? 56   MET A O   1 
ATOM   420  C CB  . MET A 1 56  ? -0.087  -0.710  -5.338  1.00 43.34  ? 56   MET A CB  1 
ATOM   421  C CG  . MET A 1 56  ? 1.178   -1.093  -4.577  1.00 49.08  ? 56   MET A CG  1 
ATOM   422  S SD  . MET A 1 56  ? 2.703   -0.514  -5.353  1.00 51.22  ? 56   MET A SD  1 
ATOM   423  C CE  . MET A 1 56  ? 3.038   -1.863  -6.463  1.00 54.83  ? 56   MET A CE  1 
ATOM   424  N N   . ASP A 1 57  ? -2.445  -2.848  -5.986  1.00 40.91  ? 57   ASP A N   1 
ATOM   425  C CA  . ASP A 1 57  ? -2.787  -4.210  -6.333  1.00 41.62  ? 57   ASP A CA  1 
ATOM   426  C C   . ASP A 1 57  ? -1.674  -4.835  -7.165  1.00 41.75  ? 57   ASP A C   1 
ATOM   427  O O   . ASP A 1 57  ? -1.191  -4.225  -8.120  1.00 40.74  ? 57   ASP A O   1 
ATOM   428  C CB  . ASP A 1 57  ? -4.092  -4.266  -7.118  1.00 41.31  ? 57   ASP A CB  1 
ATOM   429  C CG  . ASP A 1 57  ? -4.556  -5.693  -7.341  1.00 47.05  ? 57   ASP A CG  1 
ATOM   430  O OD1 . ASP A 1 57  ? -5.066  -6.302  -6.381  1.00 46.26  ? 57   ASP A OD1 1 
ATOM   431  O OD2 . ASP A 1 57  ? -4.377  -6.224  -8.458  1.00 48.89  ? 57   ASP A OD2 1 
ATOM   432  N N   . VAL A 1 58  ? -1.290  -6.060  -6.808  1.00 43.16  ? 58   VAL A N   1 
ATOM   433  C CA  . VAL A 1 58  ? -0.226  -6.766  -7.515  1.00 47.08  ? 58   VAL A CA  1 
ATOM   434  C C   . VAL A 1 58  ? -0.657  -8.161  -7.995  1.00 49.43  ? 58   VAL A C   1 
ATOM   435  O O   . VAL A 1 58  ? 0.152   -9.092  -8.050  1.00 48.80  ? 58   VAL A O   1 
ATOM   436  C CB  . VAL A 1 58  ? 1.045   -6.905  -6.611  1.00 45.48  ? 58   VAL A CB  1 
ATOM   437  C CG1 . VAL A 1 58  ? 1.561   -5.529  -6.212  1.00 43.20  ? 58   VAL A CG1 1 
ATOM   438  C CG2 . VAL A 1 58  ? 0.721   -7.724  -5.370  1.00 39.86  ? 58   VAL A CG2 1 
ATOM   439  N N   . CYS A 1 59  ? -1.926  -8.305  -8.360  1.00 52.51  ? 59   CYS A N   1 
ATOM   440  C CA  . CYS A 1 59  ? -2.409  -9.604  -8.816  1.00 58.78  ? 59   CYS A CA  1 
ATOM   441  C C   . CYS A 1 59  ? -2.165  -9.963  -10.282 1.00 60.36  ? 59   CYS A C   1 
ATOM   442  O O   . CYS A 1 59  ? -2.502  -11.064 -10.718 1.00 63.48  ? 59   CYS A O   1 
ATOM   443  C CB  . CYS A 1 59  ? -3.877  -9.747  -8.465  1.00 57.98  ? 59   CYS A CB  1 
ATOM   444  S SG  . CYS A 1 59  ? -4.071  -9.628  -6.692  1.00 65.73  ? 59   CYS A SG  1 
ATOM   445  N N   . MET A 1 60  ? -1.591  -9.045  -11.052 1.00 60.27  ? 60   MET A N   1 
ATOM   446  C CA  . MET A 1 60  ? -1.264  -9.366  -12.431 1.00 61.10  ? 60   MET A CA  1 
ATOM   447  C C   . MET A 1 60  ? -0.144  -10.396 -12.337 1.00 61.63  ? 60   MET A C   1 
ATOM   448  O O   . MET A 1 60  ? 0.585   -10.444 -11.337 1.00 59.72  ? 60   MET A O   1 
ATOM   449  C CB  . MET A 1 60  ? -0.738  -8.139  -13.176 1.00 62.03  ? 60   MET A CB  1 
ATOM   450  C CG  . MET A 1 60  ? -1.799  -7.149  -13.604 1.00 63.55  ? 60   MET A CG  1 
ATOM   451  S SD  . MET A 1 60  ? -2.916  -7.878  -14.802 1.00 64.54  ? 60   MET A SD  1 
ATOM   452  C CE  . MET A 1 60  ? -1.756  -8.415  -16.083 1.00 67.49  ? 60   MET A CE  1 
ATOM   453  N N   . PRO A 1 61  ? -0.005  -11.254 -13.361 1.00 61.47  ? 61   PRO A N   1 
ATOM   454  C CA  . PRO A 1 61  ? 1.061   -12.261 -13.335 1.00 60.08  ? 61   PRO A CA  1 
ATOM   455  C C   . PRO A 1 61  ? 2.428   -11.572 -13.355 1.00 59.15  ? 61   PRO A C   1 
ATOM   456  O O   . PRO A 1 61  ? 2.559   -10.454 -13.861 1.00 59.57  ? 61   PRO A O   1 
ATOM   457  C CB  . PRO A 1 61  ? 0.790   -13.057 -14.613 1.00 59.28  ? 61   PRO A CB  1 
ATOM   458  C CG  . PRO A 1 61  ? 0.225   -11.998 -15.532 1.00 58.13  ? 61   PRO A CG  1 
ATOM   459  C CD  . PRO A 1 61  ? -0.804  -11.404 -14.589 1.00 60.33  ? 61   PRO A CD  1 
ATOM   460  N N   . GLY A 1 62  ? 3.444   -12.225 -12.797 1.00 57.60  ? 62   GLY A N   1 
ATOM   461  C CA  . GLY A 1 62  ? 4.776   -11.642 -12.797 1.00 55.13  ? 62   GLY A CA  1 
ATOM   462  C C   . GLY A 1 62  ? 4.931   -10.385 -11.958 1.00 54.64  ? 62   GLY A C   1 
ATOM   463  O O   . GLY A 1 62  ? 4.323   -10.267 -10.895 1.00 55.21  ? 62   GLY A O   1 
ATOM   464  N N   . VAL A 1 63  ? 5.733   -9.436  -12.440 1.00 52.46  ? 63   VAL A N   1 
ATOM   465  C CA  . VAL A 1 63  ? 5.977   -8.200  -11.705 1.00 50.70  ? 63   VAL A CA  1 
ATOM   466  C C   . VAL A 1 63  ? 5.470   -6.937  -12.395 1.00 50.88  ? 63   VAL A C   1 
ATOM   467  O O   . VAL A 1 63  ? 5.933   -5.840  -12.083 1.00 48.18  ? 63   VAL A O   1 
ATOM   468  C CB  . VAL A 1 63  ? 7.477   -8.012  -11.434 1.00 49.69  ? 63   VAL A CB  1 
ATOM   469  C CG1 . VAL A 1 63  ? 8.001   -9.159  -10.604 1.00 47.50  ? 63   VAL A CG1 1 
ATOM   470  C CG2 . VAL A 1 63  ? 8.233   -7.921  -12.757 1.00 51.39  ? 63   VAL A CG2 1 
ATOM   471  N N   . GLU A 1 64  ? 4.523   -7.083  -13.321 1.00 52.96  ? 64   GLU A N   1 
ATOM   472  C CA  . GLU A 1 64  ? 3.963   -5.927  -14.034 1.00 53.54  ? 64   GLU A CA  1 
ATOM   473  C C   . GLU A 1 64  ? 3.420   -4.889  -13.051 1.00 52.43  ? 64   GLU A C   1 
ATOM   474  O O   . GLU A 1 64  ? 3.610   -3.683  -13.239 1.00 50.70  ? 64   GLU A O   1 
ATOM   475  C CB  . GLU A 1 64  ? 2.817   -6.350  -14.947 1.00 57.98  ? 64   GLU A CB  1 
ATOM   476  C CG  . GLU A 1 64  ? 3.122   -7.486  -15.901 1.00 65.39  ? 64   GLU A CG  1 
ATOM   477  C CD  . GLU A 1 64  ? 1.905   -7.863  -16.732 1.00 70.00  ? 64   GLU A CD  1 
ATOM   478  O OE1 . GLU A 1 64  ? 1.986   -8.854  -17.490 1.00 71.90  ? 64   GLU A OE1 1 
ATOM   479  O OE2 . GLU A 1 64  ? 0.869   -7.161  -16.630 1.00 69.47  ? 64   GLU A OE2 1 
ATOM   480  N N   . ASN A 1 65  ? 2.734   -5.357  -12.012 1.00 51.09  ? 65   ASN A N   1 
ATOM   481  C CA  . ASN A 1 65  ? 2.162   -4.456  -11.018 1.00 51.68  ? 65   ASN A CA  1 
ATOM   482  C C   . ASN A 1 65  ? 3.126   -3.965  -9.959  1.00 49.95  ? 65   ASN A C   1 
ATOM   483  O O   . ASN A 1 65  ? 2.756   -3.149  -9.119  1.00 49.44  ? 65   ASN A O   1 
ATOM   484  C CB  . ASN A 1 65  ? 0.958   -5.097  -10.322 1.00 55.47  ? 65   ASN A CB  1 
ATOM   485  C CG  . ASN A 1 65  ? -0.303  -5.061  -11.172 1.00 58.58  ? 65   ASN A CG  1 
ATOM   486  O OD1 . ASN A 1 65  ? -1.368  -5.494  -10.731 1.00 59.86  ? 65   ASN A OD1 1 
ATOM   487  N ND2 . ASN A 1 65  ? -0.191  -4.537  -12.393 1.00 57.74  ? 65   ASN A ND2 1 
ATOM   488  N N   . TYR A 1 66  ? 4.359   -4.452  -9.979  1.00 49.25  ? 66   TYR A N   1 
ATOM   489  C CA  . TYR A 1 66  ? 5.316   -3.993  -8.982  1.00 47.89  ? 66   TYR A CA  1 
ATOM   490  C C   . TYR A 1 66  ? 6.088   -2.790  -9.489  1.00 48.42  ? 66   TYR A C   1 
ATOM   491  O O   . TYR A 1 66  ? 6.569   -1.979  -8.699  1.00 50.13  ? 66   TYR A O   1 
ATOM   492  C CB  . TYR A 1 66  ? 6.287   -5.106  -8.585  1.00 43.14  ? 66   TYR A CB  1 
ATOM   493  C CG  . TYR A 1 66  ? 5.639   -6.249  -7.823  1.00 41.05  ? 66   TYR A CG  1 
ATOM   494  C CD1 . TYR A 1 66  ? 4.947   -7.270  -8.487  1.00 39.72  ? 66   TYR A CD1 1 
ATOM   495  C CD2 . TYR A 1 66  ? 5.721   -6.308  -6.434  1.00 40.23  ? 66   TYR A CD2 1 
ATOM   496  C CE1 . TYR A 1 66  ? 4.357   -8.317  -7.781  1.00 36.41  ? 66   TYR A CE1 1 
ATOM   497  C CE2 . TYR A 1 66  ? 5.136   -7.345  -5.720  1.00 38.75  ? 66   TYR A CE2 1 
ATOM   498  C CZ  . TYR A 1 66  ? 4.466   -8.345  -6.394  1.00 39.61  ? 66   TYR A CZ  1 
ATOM   499  O OH  . TYR A 1 66  ? 3.936   -9.381  -5.668  1.00 39.30  ? 66   TYR A OH  1 
ATOM   500  N N   . GLN A 1 67  ? 6.185   -2.664  -10.808 1.00 48.36  ? 67   GLN A N   1 
ATOM   501  C CA  . GLN A 1 67  ? 6.900   -1.550  -11.415 1.00 48.49  ? 67   GLN A CA  1 
ATOM   502  C C   . GLN A 1 67  ? 6.481   -0.197  -10.855 1.00 46.98  ? 67   GLN A C   1 
ATOM   503  O O   . GLN A 1 67  ? 7.333   0.649   -10.602 1.00 48.90  ? 67   GLN A O   1 
ATOM   504  C CB  . GLN A 1 67  ? 6.705   -1.565  -12.926 1.00 51.95  ? 67   GLN A CB  1 
ATOM   505  C CG  . GLN A 1 67  ? 7.276   -2.808  -13.599 1.00 58.76  ? 67   GLN A CG  1 
ATOM   506  C CD  . GLN A 1 67  ? 8.800   -2.824  -13.636 1.00 62.10  ? 67   GLN A CD  1 
ATOM   507  O OE1 . GLN A 1 67  ? 9.469   -2.560  -12.634 1.00 64.53  ? 67   GLN A OE1 1 
ATOM   508  N NE2 . GLN A 1 67  ? 9.354   -3.153  -14.798 1.00 63.45  ? 67   GLN A NE2 1 
ATOM   509  N N   . ILE A 1 68  ? 5.182   0.006   -10.644 1.00 45.04  ? 68   ILE A N   1 
ATOM   510  C CA  . ILE A 1 68  ? 4.692   1.284   -10.126 1.00 41.11  ? 68   ILE A CA  1 
ATOM   511  C C   . ILE A 1 68  ? 5.379   1.681   -8.819  1.00 40.20  ? 68   ILE A C   1 
ATOM   512  O O   . ILE A 1 68  ? 5.608   2.860   -8.574  1.00 38.96  ? 68   ILE A O   1 
ATOM   513  C CB  . ILE A 1 68  ? 3.129   1.279   -9.922  1.00 40.18  ? 68   ILE A CB  1 
ATOM   514  C CG1 . ILE A 1 68  ? 2.668   2.643   -9.384  1.00 39.43  ? 68   ILE A CG1 1 
ATOM   515  C CG2 . ILE A 1 68  ? 2.701   0.183   -8.944  1.00 39.02  ? 68   ILE A CG2 1 
ATOM   516  C CD1 . ILE A 1 68  ? 2.938   3.814   -10.321 1.00 37.00  ? 68   ILE A CD1 1 
ATOM   517  N N   . ALA A 1 69  ? 5.709   0.698   -7.986  1.00 39.78  ? 69   ALA A N   1 
ATOM   518  C CA  . ALA A 1 69  ? 6.385   0.966   -6.721  1.00 40.19  ? 69   ALA A CA  1 
ATOM   519  C C   . ALA A 1 69  ? 7.797   1.486   -6.990  1.00 43.35  ? 69   ALA A C   1 
ATOM   520  O O   . ALA A 1 69  ? 8.314   2.323   -6.244  1.00 45.14  ? 69   ALA A O   1 
ATOM   521  C CB  . ALA A 1 69  ? 6.439   -0.306  -5.864  1.00 39.58  ? 69   ALA A CB  1 
ATOM   522  N N   . LEU A 1 70  ? 8.445   0.976   -8.034  1.00 44.77  ? 70   LEU A N   1 
ATOM   523  C CA  . LEU A 1 70  ? 9.773   1.475   -8.362  1.00 47.32  ? 70   LEU A CA  1 
ATOM   524  C C   . LEU A 1 70  ? 9.595   2.918   -8.835  1.00 48.98  ? 70   LEU A C   1 
ATOM   525  O O   . LEU A 1 70  ? 10.300  3.820   -8.385  1.00 50.73  ? 70   LEU A O   1 
ATOM   526  C CB  . LEU A 1 70  ? 10.424  0.625   -9.462  1.00 45.51  ? 70   LEU A CB  1 
ATOM   527  C CG  . LEU A 1 70  ? 10.832  -0.784  -9.012  1.00 45.56  ? 70   LEU A CG  1 
ATOM   528  C CD1 . LEU A 1 70  ? 11.481  -1.561  -10.159 1.00 44.15  ? 70   LEU A CD1 1 
ATOM   529  C CD2 . LEU A 1 70  ? 11.792  -0.651  -7.839  1.00 41.05  ? 70   LEU A CD2 1 
ATOM   530  N N   . ARG A 1 71  ? 8.636   3.135   -9.731  1.00 50.42  ? 71   ARG A N   1 
ATOM   531  C CA  . ARG A 1 71  ? 8.361   4.472   -10.242 1.00 53.28  ? 71   ARG A CA  1 
ATOM   532  C C   . ARG A 1 71  ? 8.045   5.427   -9.088  1.00 54.55  ? 71   ARG A C   1 
ATOM   533  O O   . ARG A 1 71  ? 8.352   6.618   -9.158  1.00 55.74  ? 71   ARG A O   1 
ATOM   534  C CB  . ARG A 1 71  ? 7.178   4.445   -11.208 1.00 56.14  ? 71   ARG A CB  1 
ATOM   535  C CG  . ARG A 1 71  ? 7.375   3.605   -12.462 1.00 61.60  ? 71   ARG A CG  1 
ATOM   536  C CD  . ARG A 1 71  ? 6.098   3.630   -13.292 1.00 68.53  ? 71   ARG A CD  1 
ATOM   537  N NE  . ARG A 1 71  ? 6.181   2.835   -14.518 1.00 74.88  ? 71   ARG A NE  1 
ATOM   538  C CZ  . ARG A 1 71  ? 5.177   2.693   -15.384 1.00 77.24  ? 71   ARG A CZ  1 
ATOM   539  N NH1 . ARG A 1 71  ? 4.011   3.289   -15.161 1.00 77.01  ? 71   ARG A NH1 1 
ATOM   540  N NH2 . ARG A 1 71  ? 5.336   1.957   -16.477 1.00 78.64  ? 71   ARG A NH2 1 
ATOM   541  N N   . ILE A 1 72  ? 7.428   4.901   -8.031  1.00 52.88  ? 72   ILE A N   1 
ATOM   542  C CA  . ILE A 1 72  ? 7.066   5.700   -6.859  1.00 51.81  ? 72   ILE A CA  1 
ATOM   543  C C   . ILE A 1 72  ? 8.287   6.056   -6.001  1.00 54.60  ? 72   ILE A C   1 
ATOM   544  O O   . ILE A 1 72  ? 8.312   7.110   -5.358  1.00 54.30  ? 72   ILE A O   1 
ATOM   545  C CB  . ILE A 1 72  ? 5.994   4.963   -5.989  1.00 47.14  ? 72   ILE A CB  1 
ATOM   546  C CG1 . ILE A 1 72  ? 4.684   4.857   -6.782  1.00 44.64  ? 72   ILE A CG1 1 
ATOM   547  C CG2 . ILE A 1 72  ? 5.793   5.683   -4.651  1.00 41.93  ? 72   ILE A CG2 1 
ATOM   548  C CD1 . ILE A 1 72  ? 3.553   4.098   -6.083  1.00 42.80  ? 72   ILE A CD1 1 
ATOM   549  N N   . HIS A 1 73  ? 9.286   5.172   -5.982  1.00 56.26  ? 73   HIS A N   1 
ATOM   550  C CA  . HIS A 1 73  ? 10.516  5.423   -5.227  1.00 58.58  ? 73   HIS A CA  1 
ATOM   551  C C   . HIS A 1 73  ? 11.310  6.498   -5.962  1.00 58.71  ? 73   HIS A C   1 
ATOM   552  O O   . HIS A 1 73  ? 11.935  7.353   -5.337  1.00 56.95  ? 73   HIS A O   1 
ATOM   553  C CB  . HIS A 1 73  ? 11.384  4.165   -5.133  1.00 62.06  ? 73   HIS A CB  1 
ATOM   554  C CG  . HIS A 1 73  ? 10.923  3.168   -4.116  1.00 64.79  ? 73   HIS A CG  1 
ATOM   555  N ND1 . HIS A 1 73  ? 11.017  3.390   -2.761  1.00 65.33  ? 73   HIS A ND1 1 
ATOM   556  C CD2 . HIS A 1 73  ? 10.395  1.929   -4.259  1.00 66.46  ? 73   HIS A CD2 1 
ATOM   557  C CE1 . HIS A 1 73  ? 10.570  2.328   -2.112  1.00 64.82  ? 73   HIS A CE1 1 
ATOM   558  N NE2 . HIS A 1 73  ? 10.186  1.427   -2.998  1.00 65.90  ? 73   HIS A NE2 1 
ATOM   559  N N   . GLU A 1 74  ? 11.285  6.432   -7.291  1.00 59.04  ? 74   GLU A N   1 
ATOM   560  C CA  . GLU A 1 74  ? 11.991  7.391   -8.129  1.00 62.73  ? 74   GLU A CA  1 
ATOM   561  C C   . GLU A 1 74  ? 11.518  8.804   -7.817  1.00 64.14  ? 74   GLU A C   1 
ATOM   562  O O   . GLU A 1 74  ? 12.322  9.705   -7.571  1.00 63.70  ? 74   GLU A O   1 
ATOM   563  C CB  . GLU A 1 74  ? 11.708  7.118   -9.609  1.00 65.75  ? 74   GLU A CB  1 
ATOM   564  C CG  . GLU A 1 74  ? 12.044  5.727   -10.091 1.00 70.57  ? 74   GLU A CG  1 
ATOM   565  C CD  . GLU A 1 74  ? 13.504  5.397   -9.916  1.00 73.21  ? 74   GLU A CD  1 
ATOM   566  O OE1 . GLU A 1 74  ? 13.958  5.335   -8.754  1.00 75.24  ? 74   GLU A OE1 1 
ATOM   567  O OE2 . GLU A 1 74  ? 14.198  5.205   -10.939 1.00 73.78  ? 74   GLU A OE2 1 
ATOM   568  N N   . LYS A 1 75  ? 10.200  8.975   -7.839  1.00 65.61  ? 75   LYS A N   1 
ATOM   569  C CA  . LYS A 1 75  ? 9.546   10.255  -7.600  1.00 66.66  ? 75   LYS A CA  1 
ATOM   570  C C   . LYS A 1 75  ? 9.905   10.973  -6.302  1.00 68.14  ? 75   LYS A C   1 
ATOM   571  O O   . LYS A 1 75  ? 10.269  12.150  -6.326  1.00 68.89  ? 75   LYS A O   1 
ATOM   572  C CB  . LYS A 1 75  ? 8.028   10.078  -7.682  1.00 65.30  ? 75   LYS A CB  1 
ATOM   573  C CG  . LYS A 1 75  ? 7.242   11.316  -7.308  1.00 66.36  ? 75   LYS A CG  1 
ATOM   574  C CD  . LYS A 1 75  ? 5.750   11.126  -7.541  1.00 68.81  ? 75   LYS A CD  1 
ATOM   575  C CE  . LYS A 1 75  ? 4.966   12.399  -7.207  1.00 68.29  ? 75   LYS A CE  1 
ATOM   576  N NZ  . LYS A 1 75  ? 3.535   12.310  -7.621  1.00 64.58  ? 75   LYS A NZ  1 
ATOM   577  N N   . PHE A 1 76  ? 9.803   10.289  -5.168  1.00 68.71  ? 76   PHE A N   1 
ATOM   578  C CA  . PHE A 1 76  ? 10.118  10.941  -3.906  1.00 70.86  ? 76   PHE A CA  1 
ATOM   579  C C   . PHE A 1 76  ? 11.613  11.064  -3.621  1.00 72.28  ? 76   PHE A C   1 
ATOM   580  O O   . PHE A 1 76  ? 12.021  11.638  -2.606  1.00 70.76  ? 76   PHE A O   1 
ATOM   581  C CB  . PHE A 1 76  ? 9.390   10.245  -2.751  1.00 69.97  ? 76   PHE A CB  1 
ATOM   582  C CG  . PHE A 1 76  ? 7.907   10.462  -2.772  1.00 69.74  ? 76   PHE A CG  1 
ATOM   583  C CD1 . PHE A 1 76  ? 7.107   9.819   -3.711  1.00 68.74  ? 76   PHE A CD1 1 
ATOM   584  C CD2 . PHE A 1 76  ? 7.317   11.387  -1.909  1.00 69.13  ? 76   PHE A CD2 1 
ATOM   585  C CE1 . PHE A 1 76  ? 5.741   10.096  -3.791  1.00 68.60  ? 76   PHE A CE1 1 
ATOM   586  C CE2 . PHE A 1 76  ? 5.955   11.673  -1.981  1.00 67.46  ? 76   PHE A CE2 1 
ATOM   587  C CZ  . PHE A 1 76  ? 5.166   11.027  -2.925  1.00 67.87  ? 76   PHE A CZ  1 
ATOM   588  N N   . THR A 1 77  ? 12.420  10.534  -4.535  1.00 74.12  ? 77   THR A N   1 
ATOM   589  C CA  . THR A 1 77  ? 13.872  10.591  -4.423  1.00 75.84  ? 77   THR A CA  1 
ATOM   590  C C   . THR A 1 77  ? 14.366  11.985  -4.806  1.00 76.52  ? 77   THR A C   1 
ATOM   591  O O   . THR A 1 77  ? 15.048  12.616  -3.967  1.00 76.58  ? 77   THR A O   1 
ATOM   592  C CB  . THR A 1 77  ? 14.543  9.547   -5.344  1.00 76.84  ? 77   THR A CB  1 
ATOM   593  O OG1 . THR A 1 77  ? 14.270  8.230   -4.852  1.00 78.84  ? 77   THR A OG1 1 
ATOM   594  C CG2 . THR A 1 77  ? 16.043  9.765   -5.405  1.00 77.33  ? 77   THR A CG2 1 
ATOM   595  N N   . GLN A 1 79  ? 12.052  14.341  -4.771  1.00 94.88  ? 79   GLN A N   1 
ATOM   596  C CA  . GLN A 1 79  ? 11.847  15.616  -4.029  1.00 96.18  ? 79   GLN A CA  1 
ATOM   597  C C   . GLN A 1 79  ? 11.913  15.468  -2.506  1.00 96.23  ? 79   GLN A C   1 
ATOM   598  O O   . GLN A 1 79  ? 11.820  14.367  -1.964  1.00 96.87  ? 79   GLN A O   1 
ATOM   599  C CB  . GLN A 1 79  ? 10.516  16.260  -4.441  1.00 97.18  ? 79   GLN A CB  1 
ATOM   600  C CG  . GLN A 1 79  ? 10.531  16.916  -5.832  1.00 99.32  ? 79   GLN A CG  1 
ATOM   601  C CD  . GLN A 1 79  ? 11.406  18.171  -5.900  1.00 100.00 ? 79   GLN A CD  1 
ATOM   602  O OE1 . GLN A 1 79  ? 12.612  18.121  -5.636  1.00 100.00 ? 79   GLN A OE1 1 
ATOM   603  N NE2 . GLN A 1 79  ? 10.796  19.303  -6.261  1.00 97.71  ? 79   GLN A NE2 1 
ATOM   604  N N   . ARG A 1 80  ? 12.065  16.609  -1.837  1.00 96.47  ? 80   ARG A N   1 
ATOM   605  C CA  . ARG A 1 80  ? 12.202  16.726  -0.381  1.00 96.48  ? 80   ARG A CA  1 
ATOM   606  C C   . ARG A 1 80  ? 11.462  15.776  0.576   1.00 95.63  ? 80   ARG A C   1 
ATOM   607  O O   . ARG A 1 80  ? 12.087  15.171  1.454   1.00 96.12  ? 80   ARG A O   1 
ATOM   608  C CB  . ARG A 1 80  ? 11.901  18.175  0.036   1.00 96.88  ? 80   ARG A CB  1 
ATOM   609  C CG  . ARG A 1 80  ? 12.799  19.223  -0.623  1.00 97.14  ? 80   ARG A CG  1 
ATOM   610  C CD  . ARG A 1 80  ? 12.543  20.615  -0.047  1.00 97.95  ? 80   ARG A CD  1 
ATOM   611  N NE  . ARG A 1 80  ? 13.355  21.652  -0.686  1.00 99.62  ? 80   ARG A NE  1 
ATOM   612  C CZ  . ARG A 1 80  ? 13.235  22.028  -1.959  1.00 100.00 ? 80   ARG A CZ  1 
ATOM   613  N NH1 . ARG A 1 80  ? 12.328  21.455  -2.743  1.00 100.00 ? 80   ARG A NH1 1 
ATOM   614  N NH2 . ARG A 1 80  ? 14.021  22.979  -2.452  1.00 100.00 ? 80   ARG A NH2 1 
ATOM   615  N N   . HIS A 1 81  ? 10.145  15.658  0.427   1.00 93.93  ? 81   HIS A N   1 
ATOM   616  C CA  . HIS A 1 81  ? 9.343   14.808  1.311   1.00 91.50  ? 81   HIS A CA  1 
ATOM   617  C C   . HIS A 1 81  ? 9.520   13.290  1.217   1.00 88.41  ? 81   HIS A C   1 
ATOM   618  O O   . HIS A 1 81  ? 9.829   12.741  0.157   1.00 87.57  ? 81   HIS A O   1 
ATOM   619  C CB  . HIS A 1 81  ? 7.864   15.156  1.146   1.00 93.80  ? 81   HIS A CB  1 
ATOM   620  C CG  . HIS A 1 81  ? 7.475   16.449  1.795   1.00 95.89  ? 81   HIS A CG  1 
ATOM   621  N ND1 . HIS A 1 81  ? 7.456   16.618  3.163   1.00 95.55  ? 81   HIS A ND1 1 
ATOM   622  C CD2 . HIS A 1 81  ? 7.105   17.639  1.262   1.00 95.94  ? 81   HIS A CD2 1 
ATOM   623  C CE1 . HIS A 1 81  ? 7.089   17.854  3.446   1.00 96.24  ? 81   HIS A CE1 1 
ATOM   624  N NE2 . HIS A 1 81  ? 6.870   18.495  2.311   1.00 96.37  ? 81   HIS A NE2 1 
ATOM   625  N N   . GLN A 1 82  ? 9.309   12.628  2.354   1.00 84.37  ? 82   GLN A N   1 
ATOM   626  C CA  . GLN A 1 82  ? 9.420   11.172  2.475   1.00 79.65  ? 82   GLN A CA  1 
ATOM   627  C C   . GLN A 1 82  ? 8.549   10.390  1.504   1.00 75.80  ? 82   GLN A C   1 
ATOM   628  O O   . GLN A 1 82  ? 7.411   10.772  1.225   1.00 74.41  ? 82   GLN A O   1 
ATOM   629  C CB  . GLN A 1 82  ? 9.065   10.736  3.903   1.00 80.41  ? 82   GLN A CB  1 
ATOM   630  C CG  . GLN A 1 82  ? 10.218  10.796  4.885   1.00 82.40  ? 82   GLN A CG  1 
ATOM   631  C CD  . GLN A 1 82  ? 11.250  9.709   4.628   1.00 82.39  ? 82   GLN A CD  1 
ATOM   632  O OE1 . GLN A 1 82  ? 12.321  9.696   5.234   1.00 82.48  ? 82   GLN A OE1 1 
ATOM   633  N NE2 . GLN A 1 82  ? 10.922  8.781   3.735   1.00 82.90  ? 82   GLN A NE2 1 
ATOM   634  N N   . ARG A 1 83  ? 9.087   9.282   0.996   1.00 70.70  ? 83   ARG A N   1 
ATOM   635  C CA  . ARG A 1 83  ? 8.323   8.443   0.085   1.00 65.75  ? 83   ARG A CA  1 
ATOM   636  C C   . ARG A 1 83  ? 7.307   7.730   0.972   1.00 62.08  ? 83   ARG A C   1 
ATOM   637  O O   . ARG A 1 83  ? 7.622   7.358   2.109   1.00 62.11  ? 83   ARG A O   1 
ATOM   638  C CB  . ARG A 1 83  ? 9.208   7.390   -0.571  1.00 66.06  ? 83   ARG A CB  1 
ATOM   639  C CG  . ARG A 1 83  ? 9.367   6.133   0.266   1.00 66.23  ? 83   ARG A CG  1 
ATOM   640  C CD  . ARG A 1 83  ? 10.106  5.052   -0.496  1.00 68.01  ? 83   ARG A CD  1 
ATOM   641  N NE  . ARG A 1 83  ? 9.846   3.718   0.038   1.00 67.23  ? 83   ARG A NE  1 
ATOM   642  C CZ  . ARG A 1 83  ? 10.104  3.333   1.283   1.00 68.70  ? 83   ARG A CZ  1 
ATOM   643  N NH1 . ARG A 1 83  ? 10.635  4.183   2.151   1.00 70.61  ? 83   ARG A NH1 1 
ATOM   644  N NH2 . ARG A 1 83  ? 9.832   2.092   1.658   1.00 66.90  ? 83   ARG A NH2 1 
ATOM   645  N N   . PRO A 1 84  ? 6.080   7.534   0.474   1.00 56.84  ? 84   PRO A N   1 
ATOM   646  C CA  . PRO A 1 84  ? 5.056   6.858   1.271   1.00 53.51  ? 84   PRO A CA  1 
ATOM   647  C C   . PRO A 1 84  ? 5.405   5.387   1.422   1.00 49.62  ? 84   PRO A C   1 
ATOM   648  O O   . PRO A 1 84  ? 6.222   4.859   0.669   1.00 47.76  ? 84   PRO A O   1 
ATOM   649  C CB  . PRO A 1 84  ? 3.803   7.053   0.429   1.00 54.42  ? 84   PRO A CB  1 
ATOM   650  C CG  . PRO A 1 84  ? 4.368   6.936   -0.963  1.00 54.40  ? 84   PRO A CG  1 
ATOM   651  C CD  . PRO A 1 84  ? 5.515   7.925   -0.827  1.00 57.29  ? 84   PRO A CD  1 
ATOM   652  N N   . LEU A 1 85  ? 4.798   4.736   2.410   1.00 47.26  ? 85   LEU A N   1 
ATOM   653  C CA  . LEU A 1 85  ? 5.021   3.310   2.618   1.00 43.81  ? 85   LEU A CA  1 
ATOM   654  C C   . LEU A 1 85  ? 4.204   2.633   1.528   1.00 43.53  ? 85   LEU A C   1 
ATOM   655  O O   . LEU A 1 85  ? 3.085   3.059   1.228   1.00 40.56  ? 85   LEU A O   1 
ATOM   656  C CB  . LEU A 1 85  ? 4.494   2.873   3.982   1.00 39.10  ? 85   LEU A CB  1 
ATOM   657  C CG  . LEU A 1 85  ? 5.235   3.324   5.235   1.00 40.38  ? 85   LEU A CG  1 
ATOM   658  C CD1 . LEU A 1 85  ? 4.372   3.071   6.467   1.00 37.63  ? 85   LEU A CD1 1 
ATOM   659  C CD2 . LEU A 1 85  ? 6.559   2.574   5.322   1.00 36.47  ? 85   LEU A CD2 1 
ATOM   660  N N   . LEU A 1 86  ? 4.759   1.584   0.935   1.00 42.48  ? 86   LEU A N   1 
ATOM   661  C CA  . LEU A 1 86  ? 4.060   0.866   -0.113  1.00 41.45  ? 86   LEU A CA  1 
ATOM   662  C C   . LEU A 1 86  ? 3.574   -0.485  0.399   1.00 42.44  ? 86   LEU A C   1 
ATOM   663  O O   . LEU A 1 86  ? 4.349   -1.263  0.957   1.00 40.66  ? 86   LEU A O   1 
ATOM   664  C CB  . LEU A 1 86  ? 4.997   0.689   -1.304  1.00 37.96  ? 86   LEU A CB  1 
ATOM   665  C CG  . LEU A 1 86  ? 5.568   2.049   -1.730  1.00 39.01  ? 86   LEU A CG  1 
ATOM   666  C CD1 . LEU A 1 86  ? 6.518   1.889   -2.906  1.00 39.35  ? 86   LEU A CD1 1 
ATOM   667  C CD2 . LEU A 1 86  ? 4.421   2.985   -2.105  1.00 38.45  ? 86   LEU A CD2 1 
ATOM   668  N N   . VAL A 1 87  ? 2.278   -0.742  0.246   1.00 43.03  ? 87   VAL A N   1 
ATOM   669  C CA  . VAL A 1 87  ? 1.702   -2.020  0.658   1.00 43.57  ? 87   VAL A CA  1 
ATOM   670  C C   . VAL A 1 87  ? 1.082   -2.681  -0.570  1.00 43.82  ? 87   VAL A C   1 
ATOM   671  O O   . VAL A 1 87  ? 0.339   -2.045  -1.329  1.00 41.68  ? 87   VAL A O   1 
ATOM   672  C CB  . VAL A 1 87  ? 0.601   -1.854  1.730   1.00 44.80  ? 87   VAL A CB  1 
ATOM   673  C CG1 . VAL A 1 87  ? 0.045   -3.221  2.113   1.00 44.20  ? 87   VAL A CG1 1 
ATOM   674  C CG2 . VAL A 1 87  ? 1.163   -1.153  2.959   1.00 44.65  ? 87   VAL A CG2 1 
ATOM   675  N N   . ALA A 1 88  ? 1.400   -3.958  -0.764  1.00 43.39  ? 88   ALA A N   1 
ATOM   676  C CA  . ALA A 1 88  ? 0.890   -4.712  -1.900  1.00 42.97  ? 88   ALA A CA  1 
ATOM   677  C C   . ALA A 1 88  ? -0.353  -5.516  -1.535  1.00 41.99  ? 88   ALA A C   1 
ATOM   678  O O   . ALA A 1 88  ? -0.458  -6.038  -0.428  1.00 39.84  ? 88   ALA A O   1 
ATOM   679  C CB  . ALA A 1 88  ? 1.975   -5.643  -2.429  1.00 43.04  ? 88   ALA A CB  1 
ATOM   680  N N   . LEU A 1 89  ? -1.294  -5.600  -2.471  1.00 42.51  ? 89   LEU A N   1 
ATOM   681  C CA  . LEU A 1 89  ? -2.525  -6.356  -2.273  1.00 46.12  ? 89   LEU A CA  1 
ATOM   682  C C   . LEU A 1 89  ? -2.473  -7.549  -3.224  1.00 49.08  ? 89   LEU A C   1 
ATOM   683  O O   . LEU A 1 89  ? -2.515  -7.374  -4.447  1.00 46.41  ? 89   LEU A O   1 
ATOM   684  C CB  . LEU A 1 89  ? -3.752  -5.497  -2.611  1.00 45.43  ? 89   LEU A CB  1 
ATOM   685  C CG  . LEU A 1 89  ? -3.904  -4.148  -1.911  1.00 46.67  ? 89   LEU A CG  1 
ATOM   686  C CD1 . LEU A 1 89  ? -5.180  -3.494  -2.371  1.00 47.71  ? 89   LEU A CD1 1 
ATOM   687  C CD2 . LEU A 1 89  ? -3.932  -4.328  -0.414  1.00 49.03  ? 89   LEU A CD2 1 
ATOM   688  N N   . SER A 1 90  ? -2.383  -8.758  -2.674  1.00 53.91  ? 90   SER A N   1 
ATOM   689  C CA  . SER A 1 90  ? -2.315  -9.950  -3.517  1.00 60.11  ? 90   SER A CA  1 
ATOM   690  C C   . SER A 1 90  ? -3.116  -11.144 -3.010  1.00 63.77  ? 90   SER A C   1 
ATOM   691  O O   . SER A 1 90  ? -3.604  -11.153 -1.878  1.00 63.29  ? 90   SER A O   1 
ATOM   692  C CB  . SER A 1 90  ? -0.860  -10.382 -3.694  1.00 61.90  ? 90   SER A CB  1 
ATOM   693  O OG  . SER A 1 90  ? -0.301  -10.808 -2.465  1.00 62.34  ? 90   SER A OG  1 
ATOM   694  N N   . GLY A 1 91  ? -3.228  -12.157 -3.867  1.00 67.98  ? 91   GLY A N   1 
ATOM   695  C CA  . GLY A 1 91  ? -3.954  -13.362 -3.515  1.00 73.00  ? 91   GLY A CA  1 
ATOM   696  C C   . GLY A 1 91  ? -3.090  -14.385 -2.794  1.00 76.70  ? 91   GLY A C   1 
ATOM   697  O O   . GLY A 1 91  ? -3.573  -15.453 -2.414  1.00 78.66  ? 91   GLY A O   1 
ATOM   698  N N   . ASN A 1 92  ? -1.812  -14.068 -2.609  1.00 79.17  ? 92   ASN A N   1 
ATOM   699  C CA  . ASN A 1 92  ? -0.894  -14.976 -1.919  1.00 82.44  ? 92   ASN A CA  1 
ATOM   700  C C   . ASN A 1 92  ? 0.226   -14.192 -1.253  1.00 83.58  ? 92   ASN A C   1 
ATOM   701  O O   . ASN A 1 92  ? 0.418   -13.009 -1.525  1.00 85.35  ? 92   ASN A O   1 
ATOM   702  C CB  . ASN A 1 92  ? -0.259  -15.957 -2.897  1.00 82.83  ? 92   ASN A CB  1 
ATOM   703  C CG  . ASN A 1 92  ? 0.683   -15.274 -3.858  1.00 82.94  ? 92   ASN A CG  1 
ATOM   704  O OD1 . ASN A 1 92  ? 0.259   -14.493 -4.709  1.00 84.42  ? 92   ASN A OD1 1 
ATOM   705  N ND2 . ASN A 1 92  ? 1.975   -15.544 -3.711  1.00 82.41  ? 92   ASN A ND2 1 
ATOM   706  N N   . THR A 1 93  ? 0.975   -14.865 -0.388  1.00 84.75  ? 93   THR A N   1 
ATOM   707  C CA  . THR A 1 93  ? 2.087   -14.236 0.306   1.00 85.69  ? 93   THR A CA  1 
ATOM   708  C C   . THR A 1 93  ? 3.268   -15.191 0.287   1.00 86.32  ? 93   THR A C   1 
ATOM   709  O O   . THR A 1 93  ? 4.254   -14.981 0.993   1.00 86.43  ? 93   THR A O   1 
ATOM   710  C CB  . THR A 1 93  ? 1.743   -13.918 1.781   1.00 86.35  ? 93   THR A CB  1 
ATOM   711  O OG1 . THR A 1 93  ? 1.497   -15.139 2.488   1.00 87.91  ? 93   THR A OG1 1 
ATOM   712  C CG2 . THR A 1 93  ? 0.504   -13.031 1.869   1.00 85.51  ? 93   THR A CG2 1 
ATOM   713  N N   . ASP A 1 94  ? 3.168   -16.249 -0.517  1.00 87.48  ? 94   ASP A N   1 
ATOM   714  C CA  . ASP A 1 94  ? 4.252   -17.224 -0.597  1.00 88.05  ? 94   ASP A CA  1 
ATOM   715  C C   . ASP A 1 94  ? 5.553   -16.543 -1.013  1.00 87.01  ? 94   ASP A C   1 
ATOM   716  O O   . ASP A 1 94  ? 5.572   -15.335 -1.257  1.00 87.25  ? 94   ASP A O   1 
ATOM   717  C CB  . ASP A 1 94  ? 3.895   -18.376 -1.558  1.00 89.49  ? 94   ASP A CB  1 
ATOM   718  C CG  . ASP A 1 94  ? 3.436   -17.898 -2.927  1.00 90.87  ? 94   ASP A CG  1 
ATOM   719  O OD1 . ASP A 1 94  ? 4.172   -17.123 -3.570  1.00 92.14  ? 94   ASP A OD1 1 
ATOM   720  O OD2 . ASP A 1 94  ? 2.341   -18.313 -3.369  1.00 90.39  ? 94   ASP A OD2 1 
ATOM   721  N N   . LYS A 1 95  ? 6.644   -17.304 -1.070  1.00 85.13  ? 95   LYS A N   1 
ATOM   722  C CA  . LYS A 1 95  ? 7.939   -16.740 -1.443  1.00 82.85  ? 95   LYS A CA  1 
ATOM   723  C C   . LYS A 1 95  ? 7.835   -15.898 -2.717  1.00 79.60  ? 95   LYS A C   1 
ATOM   724  O O   . LYS A 1 95  ? 8.424   -14.819 -2.795  1.00 80.07  ? 95   LYS A O   1 
ATOM   725  C CB  . LYS A 1 95  ? 8.980   -17.851 -1.638  1.00 85.31  ? 95   LYS A CB  1 
ATOM   726  C CG  . LYS A 1 95  ? 10.364  -17.336 -2.024  1.00 87.47  ? 95   LYS A CG  1 
ATOM   727  C CD  . LYS A 1 95  ? 11.314  -18.473 -2.373  1.00 90.22  ? 95   LYS A CD  1 
ATOM   728  C CE  . LYS A 1 95  ? 12.648  -17.941 -2.885  1.00 91.60  ? 95   LYS A CE  1 
ATOM   729  N NZ  . LYS A 1 95  ? 13.556  -19.039 -3.327  1.00 92.19  ? 95   LYS A NZ  1 
ATOM   730  N N   . SER A 1 96  ? 7.099   -16.388 -3.713  1.00 74.25  ? 96   SER A N   1 
ATOM   731  C CA  . SER A 1 96  ? 6.922   -15.650 -4.961  1.00 69.04  ? 96   SER A CA  1 
ATOM   732  C C   . SER A 1 96  ? 6.733   -14.177 -4.639  1.00 64.93  ? 96   SER A C   1 
ATOM   733  O O   . SER A 1 96  ? 7.575   -13.334 -4.951  1.00 64.86  ? 96   SER A O   1 
ATOM   734  C CB  . SER A 1 96  ? 5.686   -16.158 -5.712  1.00 71.43  ? 96   SER A CB  1 
ATOM   735  O OG  . SER A 1 96  ? 5.293   -15.260 -6.738  1.00 74.71  ? 96   SER A OG  1 
ATOM   736  N N   . THR A 1 97  ? 5.614   -13.885 -3.996  1.00 59.36  ? 97   THR A N   1 
ATOM   737  C CA  . THR A 1 97  ? 5.267   -12.536 -3.614  1.00 54.77  ? 97   THR A CA  1 
ATOM   738  C C   . THR A 1 97  ? 6.326   -11.824 -2.777  1.00 52.68  ? 97   THR A C   1 
ATOM   739  O O   . THR A 1 97  ? 6.791   -10.746 -3.159  1.00 52.57  ? 97   THR A O   1 
ATOM   740  C CB  . THR A 1 97  ? 3.919   -12.537 -2.877  1.00 55.74  ? 97   THR A CB  1 
ATOM   741  O OG1 . THR A 1 97  ? 2.890   -12.943 -3.795  1.00 53.90  ? 97   THR A OG1 1 
ATOM   742  C CG2 . THR A 1 97  ? 3.599   -11.146 -2.317  1.00 56.32  ? 97   THR A CG2 1 
ATOM   743  N N   . LYS A 1 98  ? 6.711   -12.408 -1.647  1.00 49.96  ? 98   LYS A N   1 
ATOM   744  C CA  . LYS A 1 98  ? 7.718   -11.800 -0.774  1.00 50.31  ? 98   LYS A CA  1 
ATOM   745  C C   . LYS A 1 98  ? 8.982   -11.365 -1.519  1.00 51.54  ? 98   LYS A C   1 
ATOM   746  O O   . LYS A 1 98  ? 9.459   -10.239 -1.343  1.00 51.73  ? 98   LYS A O   1 
ATOM   747  C CB  . LYS A 1 98  ? 8.080   -12.763 0.360   1.00 53.08  ? 98   LYS A CB  1 
ATOM   748  N N   . GLU A 1 99  ? 9.540   -12.253 -2.338  1.00 52.88  ? 99   GLU A N   1 
ATOM   749  C CA  . GLU A 1 99  ? 10.729  -11.920 -3.111  1.00 53.58  ? 99   GLU A CA  1 
ATOM   750  C C   . GLU A 1 99  ? 10.500  -10.637 -3.896  1.00 51.22  ? 99   GLU A C   1 
ATOM   751  O O   . GLU A 1 99  ? 11.299  -9.707  -3.821  1.00 51.34  ? 99   GLU A O   1 
ATOM   752  C CB  . GLU A 1 99  ? 11.064  -13.049 -4.096  1.00 60.12  ? 99   GLU A CB  1 
ATOM   753  C CG  . GLU A 1 99  ? 11.848  -14.208 -3.512  1.00 70.36  ? 99   GLU A CG  1 
ATOM   754  C CD  . GLU A 1 99  ? 13.324  -13.887 -3.369  1.00 76.85  ? 99   GLU A CD  1 
ATOM   755  O OE1 . GLU A 1 99  ? 13.985  -13.678 -4.414  1.00 79.00  ? 99   GLU A OE1 1 
ATOM   756  O OE2 . GLU A 1 99  ? 13.820  -13.841 -2.219  1.00 79.88  ? 99   GLU A OE2 1 
ATOM   757  N N   . LYS A 1 100 ? 9.399   -10.597 -4.645  1.00 49.27  ? 100  LYS A N   1 
ATOM   758  C CA  . LYS A 1 100 ? 9.056   -9.448  -5.470  1.00 47.13  ? 100  LYS A CA  1 
ATOM   759  C C   . LYS A 1 100 ? 8.924   -8.151  -4.688  1.00 45.58  ? 100  LYS A C   1 
ATOM   760  O O   . LYS A 1 100 ? 9.475   -7.119  -5.069  1.00 43.97  ? 100  LYS A O   1 
ATOM   761  C CB  . LYS A 1 100 ? 7.761   -9.733  -6.223  1.00 51.77  ? 100  LYS A CB  1 
ATOM   762  C CG  . LYS A 1 100 ? 7.832   -10.943 -7.146  1.00 53.55  ? 100  LYS A CG  1 
ATOM   763  C CD  . LYS A 1 100 ? 6.470   -11.208 -7.768  1.00 58.00  ? 100  LYS A CD  1 
ATOM   764  C CE  . LYS A 1 100 ? 6.465   -12.461 -8.640  1.00 58.67  ? 100  LYS A CE  1 
ATOM   765  N NZ  . LYS A 1 100 ? 5.099   -12.739 -9.181  1.00 59.94  ? 100  LYS A NZ  1 
ATOM   766  N N   . CYS A 1 101 ? 8.201   -8.194  -3.584  1.00 45.62  ? 101  CYS A N   1 
ATOM   767  C CA  . CYS A 1 101 ? 8.038   -6.994  -2.781  1.00 46.42  ? 101  CYS A CA  1 
ATOM   768  C C   . CYS A 1 101 ? 9.375   -6.406  -2.346  1.00 48.84  ? 101  CYS A C   1 
ATOM   769  O O   . CYS A 1 101 ? 9.567   -5.184  -2.382  1.00 50.01  ? 101  CYS A O   1 
ATOM   770  C CB  . CYS A 1 101 ? 7.186   -7.300  -1.549  1.00 46.07  ? 101  CYS A CB  1 
ATOM   771  S SG  . CYS A 1 101 ? 5.475   -7.722  -1.927  1.00 43.53  ? 101  CYS A SG  1 
ATOM   772  N N   . MET A 1 102 ? 10.303  -7.271  -1.942  1.00 50.52  ? 102  MET A N   1 
ATOM   773  C CA  . MET A 1 102 ? 11.605  -6.812  -1.476  1.00 52.07  ? 102  MET A CA  1 
ATOM   774  C C   . MET A 1 102 ? 12.402  -6.128  -2.547  1.00 51.32  ? 102  MET A C   1 
ATOM   775  O O   . MET A 1 102 ? 12.823  -4.984  -2.381  1.00 54.03  ? 102  MET A O   1 
ATOM   776  C CB  . MET A 1 102 ? 12.432  -7.961  -0.913  1.00 56.70  ? 102  MET A CB  1 
ATOM   777  C CG  . MET A 1 102 ? 11.879  -8.540  0.362   1.00 62.53  ? 102  MET A CG  1 
ATOM   778  S SD  . MET A 1 102 ? 13.006  -9.711  1.090   1.00 68.53  ? 102  MET A SD  1 
ATOM   779  C CE  . MET A 1 102 ? 12.065  -10.184 2.543   1.00 65.82  ? 102  MET A CE  1 
ATOM   780  N N   . SER A 1 103 ? 12.619  -6.832  -3.646  1.00 49.13  ? 103  SER A N   1 
ATOM   781  C CA  . SER A 1 103 ? 13.387  -6.277  -4.742  1.00 47.34  ? 103  SER A CA  1 
ATOM   782  C C   . SER A 1 103 ? 12.703  -5.054  -5.323  1.00 47.19  ? 103  SER A C   1 
ATOM   783  O O   . SER A 1 103 ? 13.357  -4.198  -5.924  1.00 47.85  ? 103  SER A O   1 
ATOM   784  C CB  . SER A 1 103 ? 13.576  -7.331  -5.828  1.00 47.56  ? 103  SER A CB  1 
ATOM   785  O OG  . SER A 1 103 ? 14.216  -8.484  -5.301  1.00 50.36  ? 103  SER A OG  1 
ATOM   786  N N   . PHE A 1 104 ? 11.389  -4.953  -5.142  1.00 45.45  ? 104  PHE A N   1 
ATOM   787  C CA  . PHE A 1 104 ? 10.690  -3.816  -5.699  1.00 45.44  ? 104  PHE A CA  1 
ATOM   788  C C   . PHE A 1 104 ? 10.296  -2.736  -4.729  1.00 45.91  ? 104  PHE A C   1 
ATOM   789  O O   . PHE A 1 104 ? 9.565   -1.812  -5.086  1.00 45.26  ? 104  PHE A O   1 
ATOM   790  C CB  . PHE A 1 104 ? 9.481   -4.266  -6.519  1.00 47.39  ? 104  PHE A CB  1 
ATOM   791  C CG  . PHE A 1 104 ? 9.855   -4.962  -7.795  1.00 45.87  ? 104  PHE A CG  1 
ATOM   792  C CD1 . PHE A 1 104 ? 10.235  -6.293  -7.790  1.00 46.61  ? 104  PHE A CD1 1 
ATOM   793  C CD2 . PHE A 1 104 ? 9.864   -4.270  -8.992  1.00 47.72  ? 104  PHE A CD2 1 
ATOM   794  C CE1 . PHE A 1 104 ? 10.622  -6.929  -8.957  1.00 49.14  ? 104  PHE A CE1 1 
ATOM   795  C CE2 . PHE A 1 104 ? 10.252  -4.893  -10.171 1.00 49.72  ? 104  PHE A CE2 1 
ATOM   796  C CZ  . PHE A 1 104 ? 10.630  -6.227  -10.155 1.00 50.52  ? 104  PHE A CZ  1 
ATOM   797  N N   . GLY A 1 105 ? 10.778  -2.846  -3.500  1.00 44.96  ? 105  GLY A N   1 
ATOM   798  C CA  . GLY A 1 105 ? 10.511  -1.798  -2.539  1.00 44.86  ? 105  GLY A CA  1 
ATOM   799  C C   . GLY A 1 105 ? 9.216   -1.762  -1.768  1.00 47.66  ? 105  GLY A C   1 
ATOM   800  O O   . GLY A 1 105 ? 8.981   -0.763  -1.082  1.00 49.74  ? 105  GLY A O   1 
ATOM   801  N N   . LEU A 1 106 ? 8.371   -2.794  -1.874  1.00 47.13  ? 106  LEU A N   1 
ATOM   802  C CA  . LEU A 1 106 ? 7.123   -2.815  -1.102  1.00 46.27  ? 106  LEU A CA  1 
ATOM   803  C C   . LEU A 1 106 ? 7.525   -3.062  0.342   1.00 46.16  ? 106  LEU A C   1 
ATOM   804  O O   . LEU A 1 106 ? 8.356   -3.929  0.621   1.00 47.63  ? 106  LEU A O   1 
ATOM   805  C CB  . LEU A 1 106 ? 6.175   -3.937  -1.552  1.00 44.54  ? 106  LEU A CB  1 
ATOM   806  C CG  . LEU A 1 106 ? 5.378   -3.817  -2.860  1.00 45.62  ? 106  LEU A CG  1 
ATOM   807  C CD1 . LEU A 1 106 ? 4.270   -2.793  -2.710  1.00 45.02  ? 106  LEU A CD1 1 
ATOM   808  C CD2 . LEU A 1 106 ? 6.310   -3.451  -4.002  1.00 44.42  ? 106  LEU A CD2 1 
ATOM   809  N N   . ASP A 1 107 ? 6.937   -2.300  1.256   1.00 45.72  ? 107  ASP A N   1 
ATOM   810  C CA  . ASP A 1 107 ? 7.239   -2.434  2.676   1.00 44.80  ? 107  ASP A CA  1 
ATOM   811  C C   . ASP A 1 107 ? 6.357   -3.470  3.371   1.00 45.10  ? 107  ASP A C   1 
ATOM   812  O O   . ASP A 1 107 ? 6.724   -4.002  4.419   1.00 48.72  ? 107  ASP A O   1 
ATOM   813  C CB  . ASP A 1 107 ? 7.059   -1.086  3.352   1.00 42.98  ? 107  ASP A CB  1 
ATOM   814  C CG  . ASP A 1 107 ? 7.831   0.000   2.663   1.00 45.14  ? 107  ASP A CG  1 
ATOM   815  O OD1 . ASP A 1 107 ? 9.077   -0.035  2.709   1.00 49.00  ? 107  ASP A OD1 1 
ATOM   816  O OD2 . ASP A 1 107 ? 7.188   0.882   2.055   1.00 49.03  ? 107  ASP A OD2 1 
ATOM   817  N N   . GLY A 1 108 ? 5.194   -3.754  2.797   1.00 42.36  ? 108  GLY A N   1 
ATOM   818  C CA  . GLY A 1 108 ? 4.309   -4.718  3.416   1.00 42.21  ? 108  GLY A CA  1 
ATOM   819  C C   . GLY A 1 108 ? 3.439   -5.371  2.379   1.00 43.34  ? 108  GLY A C   1 
ATOM   820  O O   . GLY A 1 108 ? 3.417   -4.931  1.238   1.00 44.20  ? 108  GLY A O   1 
ATOM   821  N N   . VAL A 1 109 ? 2.727   -6.424  2.756   1.00 44.80  ? 109  VAL A N   1 
ATOM   822  C CA  . VAL A 1 109 ? 1.861   -7.103  1.809   1.00 48.70  ? 109  VAL A CA  1 
ATOM   823  C C   . VAL A 1 109 ? 0.602   -7.642  2.465   1.00 49.98  ? 109  VAL A C   1 
ATOM   824  O O   . VAL A 1 109 ? 0.660   -8.265  3.525   1.00 52.03  ? 109  VAL A O   1 
ATOM   825  C CB  . VAL A 1 109 ? 2.599   -8.270  1.107   1.00 51.68  ? 109  VAL A CB  1 
ATOM   826  C CG1 . VAL A 1 109 ? 3.084   -9.279  2.140   1.00 53.03  ? 109  VAL A CG1 1 
ATOM   827  C CG2 . VAL A 1 109 ? 1.676   -8.935  0.096   1.00 50.62  ? 109  VAL A CG2 1 
ATOM   828  N N   . LEU A 1 110 ? -0.534  -7.389  1.822   1.00 50.52  ? 110  LEU A N   1 
ATOM   829  C CA  . LEU A 1 110 ? -1.835  -7.840  2.302   1.00 51.09  ? 110  LEU A CA  1 
ATOM   830  C C   . LEU A 1 110 ? -2.397  -8.958  1.430   1.00 51.16  ? 110  LEU A C   1 
ATOM   831  O O   . LEU A 1 110 ? -2.349  -8.874  0.200   1.00 49.41  ? 110  LEU A O   1 
ATOM   832  C CB  . LEU A 1 110 ? -2.829  -6.673  2.315   1.00 52.98  ? 110  LEU A CB  1 
ATOM   833  C CG  . LEU A 1 110 ? -2.794  -5.649  3.451   1.00 53.76  ? 110  LEU A CG  1 
ATOM   834  C CD1 . LEU A 1 110 ? -3.598  -4.405  3.083   1.00 52.71  ? 110  LEU A CD1 1 
ATOM   835  C CD2 . LEU A 1 110 ? -3.350  -6.309  4.701   1.00 53.08  ? 110  LEU A CD2 1 
ATOM   836  N N   . LEU A 1 111 ? -2.925  -10.000 2.071   1.00 52.80  ? 111  LEU A N   1 
ATOM   837  C CA  . LEU A 1 111 ? -3.522  -11.126 1.360   1.00 52.66  ? 111  LEU A CA  1 
ATOM   838  C C   . LEU A 1 111 ? -4.980  -10.783 1.114   1.00 54.15  ? 111  LEU A C   1 
ATOM   839  O O   . LEU A 1 111 ? -5.664  -10.268 2.002   1.00 53.57  ? 111  LEU A O   1 
ATOM   840  C CB  . LEU A 1 111 ? -3.418  -12.400 2.186   1.00 53.22  ? 111  LEU A CB  1 
ATOM   841  N N   . LYS A 1 112 ? -5.452  -11.062 -0.094  1.00 56.69  ? 112  LYS A N   1 
ATOM   842  C CA  . LYS A 1 112 ? -6.829  -10.768 -0.452  1.00 58.42  ? 112  LYS A CA  1 
ATOM   843  C C   . LYS A 1 112 ? -7.728  -12.000 -0.401  1.00 59.37  ? 112  LYS A C   1 
ATOM   844  O O   . LYS A 1 112 ? -7.255  -13.131 -0.556  1.00 60.05  ? 112  LYS A O   1 
ATOM   845  C CB  . LYS A 1 112 ? -6.895  -10.159 -1.853  1.00 58.24  ? 112  LYS A CB  1 
ATOM   846  C CG  . LYS A 1 112 ? -6.066  -8.906  -2.025  1.00 61.55  ? 112  LYS A CG  1 
ATOM   847  C CD  . LYS A 1 112 ? -6.470  -8.168  -3.288  1.00 62.85  ? 112  LYS A CD  1 
ATOM   848  C CE  . LYS A 1 112 ? -6.342  -9.040  -4.517  1.00 63.53  ? 112  LYS A CE  1 
ATOM   849  N NZ  . LYS A 1 112 ? -6.866  -8.360  -5.736  1.00 65.95  ? 112  LYS A NZ  1 
ATOM   850  N N   . PRO A 1 113 ? -9.038  -11.795 -0.164  1.00 60.48  ? 113  PRO A N   1 
ATOM   851  C CA  . PRO A 1 113 ? -9.663  -10.485 0.055   1.00 59.51  ? 113  PRO A CA  1 
ATOM   852  C C   . PRO A 1 113 ? -9.154  -9.909  1.368   1.00 58.42  ? 113  PRO A C   1 
ATOM   853  O O   . PRO A 1 113 ? -8.732  -10.655 2.256   1.00 58.84  ? 113  PRO A O   1 
ATOM   854  C CB  . PRO A 1 113 ? -11.148 -10.829 0.111   1.00 61.14  ? 113  PRO A CB  1 
ATOM   855  C CG  . PRO A 1 113 ? -11.120 -12.189 0.768   1.00 62.34  ? 113  PRO A CG  1 
ATOM   856  C CD  . PRO A 1 113 ? -10.073 -12.843 -0.116  1.00 61.67  ? 113  PRO A CD  1 
ATOM   857  N N   . VAL A 1 114 ? -9.185  -8.588  1.491   1.00 56.39  ? 114  VAL A N   1 
ATOM   858  C CA  . VAL A 1 114 ? -8.693  -7.948  2.701   1.00 55.62  ? 114  VAL A CA  1 
ATOM   859  C C   . VAL A 1 114 ? -9.773  -7.733  3.741   1.00 54.51  ? 114  VAL A C   1 
ATOM   860  O O   . VAL A 1 114 ? -10.960 -7.702  3.428   1.00 54.10  ? 114  VAL A O   1 
ATOM   861  C CB  . VAL A 1 114 ? -8.023  -6.594  2.378   1.00 55.70  ? 114  VAL A CB  1 
ATOM   862  C CG1 . VAL A 1 114 ? -6.742  -6.829  1.598   1.00 55.24  ? 114  VAL A CG1 1 
ATOM   863  C CG2 . VAL A 1 114 ? -8.973  -5.722  1.575   1.00 56.07  ? 114  VAL A CG2 1 
ATOM   864  N N   . SER A 1 115 ? -9.343  -7.580  4.985   1.00 54.95  ? 115  SER A N   1 
ATOM   865  C CA  . SER A 1 115 ? -10.253 -7.379  6.100   1.00 55.23  ? 115  SER A CA  1 
ATOM   866  C C   . SER A 1 115 ? -9.633  -6.402  7.081   1.00 56.30  ? 115  SER A C   1 
ATOM   867  O O   . SER A 1 115 ? -8.410  -6.239  7.113   1.00 55.79  ? 115  SER A O   1 
ATOM   868  C CB  . SER A 1 115 ? -10.504 -8.712  6.805   1.00 55.14  ? 115  SER A CB  1 
ATOM   869  O OG  . SER A 1 115 ? -9.283  -9.285  7.244   1.00 53.74  ? 115  SER A OG  1 
ATOM   870  N N   . LEU A 1 116 ? -10.473 -5.751  7.880   1.00 58.29  ? 116  LEU A N   1 
ATOM   871  C CA  . LEU A 1 116 ? -9.981  -4.811  8.875   1.00 60.72  ? 116  LEU A CA  1 
ATOM   872  C C   . LEU A 1 116 ? -8.826  -5.459  9.605   1.00 62.89  ? 116  LEU A C   1 
ATOM   873  O O   . LEU A 1 116 ? -7.817  -4.815  9.901   1.00 62.88  ? 116  LEU A O   1 
ATOM   874  C CB  . LEU A 1 116 ? -11.073 -4.477  9.883   1.00 61.71  ? 116  LEU A CB  1 
ATOM   875  C CG  . LEU A 1 116 ? -12.263 -3.672  9.377   1.00 62.55  ? 116  LEU A CG  1 
ATOM   876  C CD1 . LEU A 1 116 ? -13.286 -3.540  10.487  1.00 61.39  ? 116  LEU A CD1 1 
ATOM   877  C CD2 . LEU A 1 116 ? -11.785 -2.302  8.905   1.00 62.70  ? 116  LEU A CD2 1 
ATOM   878  N N   . ASP A 1 117 ? -8.981  -6.748  9.886   1.00 65.70  ? 117  ASP A N   1 
ATOM   879  C CA  . ASP A 1 117 ? -7.953  -7.485  10.593  1.00 69.17  ? 117  ASP A CA  1 
ATOM   880  C C   . ASP A 1 117 ? -6.572  -7.409  9.952   1.00 69.66  ? 117  ASP A C   1 
ATOM   881  O O   . ASP A 1 117 ? -5.651  -6.877  10.568  1.00 71.24  ? 117  ASP A O   1 
ATOM   882  C CB  . ASP A 1 117 ? -8.355  -8.957  10.790  1.00 72.99  ? 117  ASP A CB  1 
ATOM   883  C CG  . ASP A 1 117 ? -9.486  -9.128  11.795  1.00 76.53  ? 117  ASP A CG  1 
ATOM   884  O OD1 . ASP A 1 117 ? -9.594  -8.288  12.718  1.00 76.91  ? 117  ASP A OD1 1 
ATOM   885  O OD2 . ASP A 1 117 ? -10.244 -10.120 11.686  1.00 79.74  ? 117  ASP A OD2 1 
ATOM   886  N N   . ASN A 1 118 ? -6.395  -7.921  8.735   1.00 68.30  ? 118  ASN A N   1 
ATOM   887  C CA  . ASN A 1 118 ? -5.061  -7.856  8.153   1.00 66.52  ? 118  ASN A CA  1 
ATOM   888  C C   . ASN A 1 118 ? -4.617  -6.426  7.845   1.00 63.91  ? 118  ASN A C   1 
ATOM   889  O O   . ASN A 1 118 ? -3.423  -6.149  7.771   1.00 61.38  ? 118  ASN A O   1 
ATOM   890  C CB  . ASN A 1 118 ? -4.926  -8.772  6.920   1.00 69.20  ? 118  ASN A CB  1 
ATOM   891  C CG  . ASN A 1 118 ? -6.021  -8.566  5.897   1.00 72.90  ? 118  ASN A CG  1 
ATOM   892  O OD1 . ASN A 1 118 ? -6.209  -7.465  5.382   1.00 76.90  ? 118  ASN A OD1 1 
ATOM   893  N ND2 . ASN A 1 118 ? -6.743  -9.640  5.583   1.00 74.24  ? 118  ASN A ND2 1 
ATOM   894  N N   . ILE A 1 119 ? -5.568  -5.509  7.695   1.00 61.57  ? 119  ILE A N   1 
ATOM   895  C CA  . ILE A 1 119 ? -5.209  -4.119  7.437   1.00 60.92  ? 119  ILE A CA  1 
ATOM   896  C C   . ILE A 1 119 ? -4.624  -3.479  8.690   1.00 62.70  ? 119  ILE A C   1 
ATOM   897  O O   . ILE A 1 119 ? -3.577  -2.842  8.622   1.00 62.93  ? 119  ILE A O   1 
ATOM   898  C CB  . ILE A 1 119 ? -6.414  -3.293  6.969   1.00 59.56  ? 119  ILE A CB  1 
ATOM   899  C CG1 . ILE A 1 119 ? -6.788  -3.710  5.544   1.00 58.10  ? 119  ILE A CG1 1 
ATOM   900  C CG2 . ILE A 1 119 ? -6.090  -1.804  7.057   1.00 60.05  ? 119  ILE A CG2 1 
ATOM   901  C CD1 . ILE A 1 119 ? -8.036  -3.067  5.015   1.00 54.45  ? 119  ILE A CD1 1 
ATOM   902  N N   . ARG A 1 120 ? -5.289  -3.646  9.831   1.00 62.93  ? 120  ARG A N   1 
ATOM   903  C CA  . ARG A 1 120 ? -4.778  -3.080  11.076  1.00 63.44  ? 120  ARG A CA  1 
ATOM   904  C C   . ARG A 1 120 ? -3.363  -3.555  11.382  1.00 65.81  ? 120  ARG A C   1 
ATOM   905  O O   . ARG A 1 120 ? -2.453  -2.748  11.566  1.00 67.54  ? 120  ARG A O   1 
ATOM   906  C CB  . ARG A 1 120 ? -5.655  -3.455  12.268  1.00 61.00  ? 120  ARG A CB  1 
ATOM   907  C CG  . ARG A 1 120 ? -6.999  -2.787  12.340  1.00 56.49  ? 120  ARG A CG  1 
ATOM   908  C CD  . ARG A 1 120 ? -7.470  -2.850  13.780  1.00 54.41  ? 120  ARG A CD  1 
ATOM   909  N NE  . ARG A 1 120 ? -8.750  -2.188  13.977  1.00 54.88  ? 120  ARG A NE  1 
ATOM   910  C CZ  . ARG A 1 120 ? -9.918  -2.691  13.596  1.00 54.37  ? 120  ARG A CZ  1 
ATOM   911  N NH1 . ARG A 1 120 ? -9.964  -3.872  12.991  1.00 53.42  ? 120  ARG A NH1 1 
ATOM   912  N NH2 . ARG A 1 120 ? -11.034 -2.012  13.820  1.00 52.12  ? 120  ARG A NH2 1 
ATOM   913  N N   . ASP A 1 121 ? -3.193  -4.870  11.456  1.00 66.68  ? 121  ASP A N   1 
ATOM   914  C CA  . ASP A 1 121 ? -1.896  -5.456  11.758  1.00 67.42  ? 121  ASP A CA  1 
ATOM   915  C C   . ASP A 1 121 ? -0.772  -4.820  10.946  1.00 66.06  ? 121  ASP A C   1 
ATOM   916  O O   . ASP A 1 121 ? 0.243   -4.393  11.501  1.00 67.64  ? 121  ASP A O   1 
ATOM   917  C CB  . ASP A 1 121 ? -1.941  -6.969  11.506  1.00 71.74  ? 121  ASP A CB  1 
ATOM   918  C CG  . ASP A 1 121 ? -0.594  -7.639  11.712  1.00 75.34  ? 121  ASP A CG  1 
ATOM   919  O OD1 . ASP A 1 121 ? -0.010  -7.480  12.804  1.00 78.31  ? 121  ASP A OD1 1 
ATOM   920  O OD2 . ASP A 1 121 ? -0.123  -8.333  10.785  1.00 76.36  ? 121  ASP A OD2 1 
ATOM   921  N N   . VAL A 1 122 ? -0.960  -4.745  9.633   1.00 62.71  ? 122  VAL A N   1 
ATOM   922  C CA  . VAL A 1 122 ? 0.052   -4.170  8.763   1.00 58.85  ? 122  VAL A CA  1 
ATOM   923  C C   . VAL A 1 122 ? 0.256   -2.687  9.031   1.00 56.45  ? 122  VAL A C   1 
ATOM   924  O O   . VAL A 1 122 ? 1.377   -2.253  9.291   1.00 56.55  ? 122  VAL A O   1 
ATOM   925  C CB  . VAL A 1 122 ? -0.306  -4.400  7.288   1.00 59.98  ? 122  VAL A CB  1 
ATOM   926  C CG1 . VAL A 1 122 ? 0.715   -3.733  6.384   1.00 59.03  ? 122  VAL A CG1 1 
ATOM   927  C CG2 . VAL A 1 122 ? -0.328  -5.892  7.010   1.00 62.06  ? 122  VAL A CG2 1 
ATOM   928  N N   . LEU A 1 123 ? -0.809  -1.901  8.974   1.00 52.91  ? 123  LEU A N   1 
ATOM   929  C CA  . LEU A 1 123 ? -0.656  -0.481  9.246   1.00 54.11  ? 123  LEU A CA  1 
ATOM   930  C C   . LEU A 1 123 ? -0.025  -0.264  10.618  1.00 56.28  ? 123  LEU A C   1 
ATOM   931  O O   . LEU A 1 123 ? 0.787   0.651   10.797  1.00 56.16  ? 123  LEU A O   1 
ATOM   932  C CB  . LEU A 1 123 ? -1.999  0.252   9.167   1.00 51.43  ? 123  LEU A CB  1 
ATOM   933  C CG  . LEU A 1 123 ? -2.554  0.471   7.756   1.00 50.93  ? 123  LEU A CG  1 
ATOM   934  C CD1 . LEU A 1 123 ? -3.898  1.207   7.817   1.00 47.05  ? 123  LEU A CD1 1 
ATOM   935  C CD2 . LEU A 1 123 ? -1.546  1.278   6.947   1.00 52.17  ? 123  LEU A CD2 1 
ATOM   936  N N   . SER A 1 124 ? -0.383  -1.105  11.585  1.00 57.16  ? 124  SER A N   1 
ATOM   937  C CA  . SER A 1 124 ? 0.190   -0.969  12.918  1.00 59.77  ? 124  SER A CA  1 
ATOM   938  C C   . SER A 1 124 ? 1.694   -1.221  12.868  1.00 60.10  ? 124  SER A C   1 
ATOM   939  O O   . SER A 1 124 ? 2.487   -0.392  13.325  1.00 59.17  ? 124  SER A O   1 
ATOM   940  C CB  . SER A 1 124 ? -0.475  -1.940  13.895  1.00 62.09  ? 124  SER A CB  1 
ATOM   941  O OG  . SER A 1 124 ? -1.846  -1.618  14.070  1.00 64.80  ? 124  SER A OG  1 
ATOM   942  N N   . ASP A 1 125 ? 2.090   -2.353  12.300  1.00 59.26  ? 125  ASP A N   1 
ATOM   943  C CA  . ASP A 1 125 ? 3.501   -2.668  12.208  1.00 60.98  ? 125  ASP A CA  1 
ATOM   944  C C   . ASP A 1 125 ? 4.253   -1.589  11.455  1.00 61.12  ? 125  ASP A C   1 
ATOM   945  O O   . ASP A 1 125 ? 5.237   -1.037  11.951  1.00 62.59  ? 125  ASP A O   1 
ATOM   946  C CB  . ASP A 1 125 ? 3.692   -4.015  11.526  1.00 62.92  ? 125  ASP A CB  1 
ATOM   947  C CG  . ASP A 1 125 ? 3.199   -5.159  12.376  1.00 66.52  ? 125  ASP A CG  1 
ATOM   948  O OD1 . ASP A 1 125 ? 3.203   -6.311  11.895  1.00 70.70  ? 125  ASP A OD1 1 
ATOM   949  O OD2 . ASP A 1 125 ? 2.817   -4.904  13.537  1.00 67.61  ? 125  ASP A OD2 1 
ATOM   950  N N   . LEU A 1 126 ? 3.780   -1.280  10.257  1.00 60.76  ? 126  LEU A N   1 
ATOM   951  C CA  . LEU A 1 126 ? 4.417   -0.266  9.430   1.00 59.56  ? 126  LEU A CA  1 
ATOM   952  C C   . LEU A 1 126 ? 4.524   1.077   10.130  1.00 59.08  ? 126  LEU A C   1 
ATOM   953  O O   . LEU A 1 126 ? 5.583   1.696   10.136  1.00 58.74  ? 126  LEU A O   1 
ATOM   954  C CB  . LEU A 1 126 ? 3.632   -0.081  8.139   1.00 59.39  ? 126  LEU A CB  1 
ATOM   955  C CG  . LEU A 1 126 ? 3.460   -1.314  7.264   1.00 58.90  ? 126  LEU A CG  1 
ATOM   956  C CD1 . LEU A 1 126 ? 2.617   -0.950  6.060   1.00 59.37  ? 126  LEU A CD1 1 
ATOM   957  C CD2 . LEU A 1 126 ? 4.815   -1.828  6.831   1.00 61.09  ? 126  LEU A CD2 1 
ATOM   958  N N   . LEU A 1 127 ? 3.419   1.519   10.723  1.00 59.92  ? 127  LEU A N   1 
ATOM   959  C CA  . LEU A 1 127 ? 3.362   2.809   11.399  1.00 61.39  ? 127  LEU A CA  1 
ATOM   960  C C   . LEU A 1 127 ? 3.965   2.885   12.797  1.00 62.67  ? 127  LEU A C   1 
ATOM   961  O O   . LEU A 1 127 ? 4.426   3.948   13.215  1.00 63.04  ? 127  LEU A O   1 
ATOM   962  C CB  . LEU A 1 127 ? 1.915   3.276   11.469  1.00 61.82  ? 127  LEU A CB  1 
ATOM   963  C CG  . LEU A 1 127 ? 1.202   3.429   10.127  1.00 63.45  ? 127  LEU A CG  1 
ATOM   964  C CD1 . LEU A 1 127 ? -0.257  3.792   10.373  1.00 61.96  ? 127  LEU A CD1 1 
ATOM   965  C CD2 . LEU A 1 127 ? 1.906   4.488   9.283   1.00 63.51  ? 127  LEU A CD2 1 
ATOM   966  N N   . GLU A 1 128 ? 3.958   1.780   13.531  1.00 64.16  ? 128  GLU A N   1 
ATOM   967  C CA  . GLU A 1 128 ? 4.503   1.806   14.877  1.00 66.98  ? 128  GLU A CA  1 
ATOM   968  C C   . GLU A 1 128 ? 6.019   1.733   14.941  1.00 71.27  ? 128  GLU A C   1 
ATOM   969  O O   . GLU A 1 128 ? 6.666   1.112   14.089  1.00 70.91  ? 128  GLU A O   1 
ATOM   970  C CB  . GLU A 1 128 ? 3.890   0.693   15.724  1.00 65.61  ? 128  GLU A CB  1 
ATOM   971  C CG  . GLU A 1 128 ? 2.432   0.940   16.058  1.00 64.98  ? 128  GLU A CG  1 
ATOM   972  C CD  . GLU A 1 128 ? 1.812   -0.180  16.868  1.00 65.09  ? 128  GLU A CD  1 
ATOM   973  O OE1 . GLU A 1 128 ? 0.624   -0.057  17.229  1.00 64.81  ? 128  GLU A OE1 1 
ATOM   974  O OE2 . GLU A 1 128 ? 2.505   -1.182  17.140  1.00 65.59  ? 128  GLU A OE2 1 
ATOM   975  N N   . PRO A 1 129 ? 6.604   2.385   15.961  1.00 75.26  ? 129  PRO A N   1 
ATOM   976  C CA  . PRO A 1 129 ? 8.045   2.451   16.219  1.00 76.66  ? 129  PRO A CA  1 
ATOM   977  C C   . PRO A 1 129 ? 8.691   1.086   16.397  1.00 78.11  ? 129  PRO A C   1 
ATOM   978  O O   . PRO A 1 129 ? 8.210   0.246   17.166  1.00 78.23  ? 129  PRO A O   1 
ATOM   979  C CB  . PRO A 1 129 ? 8.118   3.294   17.493  1.00 76.72  ? 129  PRO A CB  1 
ATOM   980  C CG  . PRO A 1 129 ? 6.919   4.212   17.333  1.00 76.99  ? 129  PRO A CG  1 
ATOM   981  C CD  . PRO A 1 129 ? 5.891   3.161   16.990  1.00 76.46  ? 129  PRO A CD  1 
ATOM   982  N N   . ARG A 1 130 ? 9.778   0.875   15.663  1.00 79.82  ? 130  ARG A N   1 
ATOM   983  C CA  . ARG A 1 130 ? 10.545  -0.360  15.726  1.00 80.83  ? 130  ARG A CA  1 
ATOM   984  C C   . ARG A 1 130 ? 12.027  -0.006  15.852  1.00 79.41  ? 130  ARG A C   1 
ATOM   985  O O   . ARG A 1 130 ? 12.518  0.945   15.238  1.00 79.44  ? 130  ARG A O   1 
ATOM   986  C CB  . ARG A 1 130 ? 10.321  -1.210  14.470  1.00 83.52  ? 130  ARG A CB  1 
ATOM   987  C CG  . ARG A 1 130 ? 11.112  -2.513  14.469  1.00 86.43  ? 130  ARG A CG  1 
ATOM   988  C CD  . ARG A 1 130 ? 10.918  -3.312  13.187  1.00 88.07  ? 130  ARG A CD  1 
ATOM   989  N NE  . ARG A 1 130 ? 9.520   -3.655  12.944  1.00 88.94  ? 130  ARG A NE  1 
ATOM   990  C CZ  . ARG A 1 130 ? 9.112   -4.496  11.996  1.00 89.94  ? 130  ARG A CZ  1 
ATOM   991  N NH1 . ARG A 1 130 ? 9.993   -5.085  11.198  1.00 88.99  ? 130  ARG A NH1 1 
ATOM   992  N NH2 . ARG A 1 130 ? 7.819   -4.743  11.843  1.00 90.45  ? 130  ARG A NH2 1 
ATOM   993  N N   . VAL A 1 131 ? 12.733  -0.774  16.668  1.00 76.47  ? 131  VAL A N   1 
ATOM   994  C CA  . VAL A 1 131 ? 14.153  -0.561  16.889  1.00 73.22  ? 131  VAL A CA  1 
ATOM   995  C C   . VAL A 1 131 ? 14.804  -1.919  16.887  1.00 72.91  ? 131  VAL A C   1 
ATOM   996  O O   . VAL A 1 131 ? 14.378  -2.818  17.614  1.00 72.87  ? 131  VAL A O   1 
ATOM   997  C CB  . VAL A 1 131 ? 14.398  0.132   18.240  1.00 72.68  ? 131  VAL A CB  1 
ATOM   998  C CG1 . VAL A 1 131 ? 15.885  0.164   18.566  1.00 69.13  ? 131  VAL A CG1 1 
ATOM   999  C CG2 . VAL A 1 131 ? 13.842  1.546   18.188  1.00 73.99  ? 131  VAL A CG2 1 
ATOM   1000 N N   . LEU A 1 132 ? 15.826  -2.069  16.048  1.00 72.51  ? 132  LEU A N   1 
ATOM   1001 C CA  . LEU A 1 132 ? 16.546  -3.326  15.953  1.00 73.79  ? 132  LEU A CA  1 
ATOM   1002 C C   . LEU A 1 132 ? 17.656  -3.305  16.982  1.00 73.79  ? 132  LEU A C   1 
ATOM   1003 O O   . LEU A 1 132 ? 18.690  -2.668  16.789  1.00 72.75  ? 132  LEU A O   1 
ATOM   1004 C CB  . LEU A 1 132 ? 17.135  -3.489  14.551  1.00 76.83  ? 132  LEU A CB  1 
ATOM   1005 C CG  . LEU A 1 132 ? 16.109  -3.402  13.425  1.00 76.43  ? 132  LEU A CG  1 
ATOM   1006 C CD1 . LEU A 1 132 ? 16.798  -3.530  12.069  1.00 79.13  ? 132  LEU A CD1 1 
ATOM   1007 C CD2 . LEU A 1 132 ? 15.070  -4.495  13.610  1.00 77.22  ? 132  LEU A CD2 1 
ATOM   1008 N N   . TYR A 1 133 ? 17.413  -3.974  18.104  1.00 76.45  ? 133  TYR A N   1 
ATOM   1009 C CA  . TYR A 1 133 ? 18.405  -4.046  19.160  1.00 79.85  ? 133  TYR A CA  1 
ATOM   1010 C C   . TYR A 1 133 ? 19.352  -5.166  18.821  1.00 82.45  ? 133  TYR A C   1 
ATOM   1011 O O   . TYR A 1 133 ? 19.116  -5.864  17.847  1.00 82.24  ? 133  TYR A O   1 
ATOM   1012 N N   . GLU A 1 134 ? 20.395  -5.331  19.629  1.00 85.28  ? 134  GLU A N   1 
ATOM   1013 C CA  . GLU A 1 134 ? 21.465  -6.332  19.471  1.00 87.66  ? 134  GLU A CA  1 
ATOM   1014 C C   . GLU A 1 134 ? 22.799  -5.717  19.848  1.00 87.69  ? 134  GLU A C   1 
ATOM   1015 O O   . GLU A 1 134 ? 22.769  -4.707  20.556  1.00 87.17  ? 134  GLU A O   1 
ATOM   1016 C CB  . GLU A 1 134 ? 21.594  -6.898  18.042  1.00 89.50  ? 134  GLU A CB  1 
ATOM   1017 C CG  . GLU A 1 134 ? 20.516  -7.876  17.643  1.00 93.24  ? 134  GLU A CG  1 
ATOM   1018 C CD  . GLU A 1 134 ? 19.854  -8.526  18.847  1.00 94.77  ? 134  GLU A CD  1 
ATOM   1019 O OE1 . GLU A 1 134 ? 20.588  -9.111  19.675  1.00 96.25  ? 134  GLU A OE1 1 
ATOM   1020 O OE2 . GLU A 1 134 ? 18.604  -8.468  18.949  1.00 95.40  ? 134  GLU A OE2 1 
HETATM 1021 O O   . HOH B 2 .   ? 1.959   -11.273 -7.436  1.00 70.32  ? 1001 HOH A O   1 
HETATM 1022 O O   . HOH B 2 .   ? -5.764  10.440  0.783   1.00 40.94  ? 1002 HOH A O   1 
HETATM 1023 O O   . HOH B 2 .   ? -12.430 3.312   13.178  1.00 60.32  ? 1003 HOH A O   1 
HETATM 1024 O O   . HOH B 2 .   ? -10.180 7.008   -8.782  1.00 51.92  ? 1004 HOH A O   1 
HETATM 1025 O O   . HOH B 2 .   ? 0.433   -1.520  -10.655 1.00 52.33  ? 1005 HOH A O   1 
HETATM 1026 O O   . HOH B 2 .   ? 4.055   -15.078 -11.179 1.00 32.79  ? 1006 HOH A O   1 
HETATM 1027 O O   . HOH B 2 .   ? 2.543   -8.285  -10.940 1.00 25.60  ? 1007 HOH A O   1 
HETATM 1028 O O   . HOH B 2 .   ? -5.672  -3.318  20.387  1.00 59.44  ? 1008 HOH A O   1 
HETATM 1029 O O   . HOH B 2 .   ? -12.374 -9.687  4.867   1.00 42.79  ? 1009 HOH A O   1 
HETATM 1030 O O   . HOH B 2 .   ? -9.906  -6.541  -1.591  1.00 63.45  ? 1010 HOH A O   1 
HETATM 1031 O O   . HOH B 2 .   ? -9.266  -11.656 8.754   1.00 53.51  ? 1011 HOH A O   1 
HETATM 1032 O O   . HOH B 2 .   ? -9.070  -6.596  -14.064 1.00 55.18  ? 1012 HOH A O   1 
HETATM 1033 O O   . HOH B 2 .   ? -13.599 5.572   -8.430  1.00 49.49  ? 1013 HOH A O   1 
HETATM 1034 O O   . HOH B 2 .   ? -11.866 6.206   14.173  1.00 65.94  ? 1014 HOH A O   1 
HETATM 1035 O O   . HOH B 2 .   ? -1.179  3.533   -16.839 1.00 60.73  ? 1015 HOH A O   1 
HETATM 1036 O O   . HOH B 2 .   ? -12.681 -1.927  -13.256 1.00 46.90  ? 1016 HOH A O   1 
HETATM 1037 O O   . HOH B 2 .   ? -10.679 10.004  7.968   1.00 56.79  ? 1017 HOH A O   1 
HETATM 1038 O O   . HOH B 2 .   ? 9.303   13.693  5.641   1.00 46.83  ? 1018 HOH A O   1 
HETATM 1039 O O   . HOH B 2 .   ? 0.526   -5.127  14.681  1.00 62.89  ? 1019 HOH A O   1 
HETATM 1040 O O   . HOH B 2 .   ? -14.669 2.381   -6.729  1.00 45.48  ? 1020 HOH A O   1 
HETATM 1041 O O   . HOH B 2 .   ? -16.185 4.386   -3.896  1.00 46.14  ? 1021 HOH A O   1 
HETATM 1042 O O   . HOH B 2 .   ? -14.604 5.365   13.249  1.00 72.68  ? 1022 HOH A O   1 
HETATM 1043 O O   . HOH B 2 .   ? 1.847   2.163   -17.299 1.00 57.98  ? 1023 HOH A O   1 
HETATM 1044 O O   . HOH B 2 .   ? -4.523  -4.257  -10.082 1.00 48.11  ? 1024 HOH A O   1 
HETATM 1045 O O   . HOH B 2 .   ? 14.255  2.735   1.479   1.00 46.96  ? 1025 HOH A O   1 
HETATM 1046 O O   . HOH B 2 .   ? 12.089  -5.704  14.078  1.00 58.28  ? 1026 HOH A O   1 
HETATM 1047 O O   . HOH B 2 .   ? -3.617  17.095  -0.454  1.00 57.01  ? 1027 HOH A O   1 
HETATM 1048 O O   . HOH B 2 .   ? -2.804  7.750   12.900  1.00 54.47  ? 1028 HOH A O   1 
HETATM 1049 O O   . HOH B 2 .   ? -13.807 4.184   -5.085  1.00 55.37  ? 1029 HOH A O   1 
HETATM 1050 O O   . HOH B 2 .   ? -6.993  -5.755  -4.615  1.00 53.68  ? 1030 HOH A O   1 
HETATM 1051 O O   . HOH B 2 .   ? 23.607  -6.736  16.250  1.00 80.74  ? 1031 HOH A O   1 
HETATM 1052 O O   . HOH B 2 .   ? -12.368 6.667   16.650  1.00 79.62  ? 1032 HOH A O   1 
HETATM 1053 O O   . HOH B 2 .   ? -4.964  13.720  12.027  1.00 100.00 ? 1033 HOH A O   1 
HETATM 1054 O O   . HOH B 2 .   ? -5.646  3.986   17.595  1.00 61.84  ? 1034 HOH A O   1 
HETATM 1055 O O   . HOH B 2 .   ? 0.873   -11.844 -5.239  1.00 81.12  ? 1035 HOH A O   1 
HETATM 1056 O O   . HOH B 2 .   ? 3.146   -1.457  -12.162 1.00 47.56  ? 1036 HOH A O   1 
HETATM 1057 O O   . HOH B 2 .   ? 7.424   21.018  2.547   1.00 86.17  ? 1037 HOH A O   1 
HETATM 1058 O O   . HOH B 2 .   ? -1.840  15.924  -1.972  1.00 56.43  ? 1038 HOH A O   1 
HETATM 1059 O O   . HOH B 2 .   ? -7.733  -4.528  16.631  1.00 57.96  ? 1039 HOH A O   1 
HETATM 1060 O O   . HOH B 2 .   ? -5.176  6.614   15.807  1.00 56.01  ? 1040 HOH A O   1 
HETATM 1061 O O   . HOH B 2 .   ? -7.369  -5.608  -8.732  1.00 44.65  ? 1041 HOH A O   1 
# 
